data_7W7I
#
_entry.id   7W7I
#
_cell.length_a   200.629
_cell.length_b   34.530
_cell.length_c   207.516
_cell.angle_alpha   90.00
_cell.angle_beta   92.92
_cell.angle_gamma   90.00
#
_symmetry.space_group_name_H-M   'P 1 21 1'
#
loop_
_entity.id
_entity.type
_entity.pdbx_description
1 polymer 'FctA domain-containing protein'
2 water water
#
_entity_poly.entity_id   1
_entity_poly.type   'polypeptide(L)'
_entity_poly.pdbx_seq_one_letter_code
;AMADIGSEFDDNDVATAKATGETSAKVSINKVLNIAEGITTPEATFTFTFTPKTGTSSNGAPYETIDSSNGQITDKNVSY
SGTDVLATGQTNIKKDTGDIFREVNYTHAGEYVYTVAEKQNVGWKVIQKNGSPIDFMTYDNRNYEMHVIVKNKTTGGTYI
SSVYFKQVSPSVNGKVKPSESGTTYKYDLFTNIYRKNAGKITDPNEPNPNKPNVSKVDPNAKSLVIKKVVSGATADKSKD
FTFKLTFTKASTETSQSITGKIGETSKTFVYGQETTITLRHDQSLVFDTIPAGTRYKLVETGSQGYTASAAYKENGASKN
QAGTVSTNFTQDSILIGEKPNDNTITNSLPDVTPT
;
_entity_poly.pdbx_strand_id   A,B,C,D,E,F,G
#
# COMPACT_ATOMS: atom_id res chain seq x y z
N ASN A 12 18.64 172.32 -167.02
CA ASN A 12 19.16 173.66 -166.64
C ASN A 12 18.63 174.74 -167.58
N ASP A 13 17.82 174.33 -168.58
CA ASP A 13 17.06 175.21 -169.45
C ASP A 13 15.82 174.50 -169.99
N VAL A 14 15.35 173.44 -169.30
CA VAL A 14 14.16 172.71 -169.71
C VAL A 14 12.93 173.62 -169.63
N ALA A 15 12.38 173.98 -170.81
CA ALA A 15 11.25 174.89 -170.94
C ALA A 15 11.46 176.10 -170.04
N THR A 16 12.57 176.81 -170.26
CA THR A 16 13.02 177.97 -169.49
C THR A 16 13.25 177.61 -168.03
N ALA A 17 12.47 178.19 -167.10
CA ALA A 17 12.57 177.84 -165.69
C ALA A 17 13.93 178.24 -165.12
N LYS A 18 14.09 178.00 -163.81
CA LYS A 18 15.28 178.46 -163.10
C LYS A 18 16.21 177.29 -162.84
N ALA A 19 17.45 177.56 -162.45
CA ALA A 19 18.43 176.50 -162.31
C ALA A 19 19.43 176.86 -161.21
N THR A 20 19.99 175.81 -160.59
CA THR A 20 20.88 175.93 -159.44
C THR A 20 21.36 174.53 -159.06
N GLY A 21 22.58 174.41 -158.52
CA GLY A 21 23.03 173.10 -158.07
C GLY A 21 23.28 173.09 -156.57
N GLU A 22 22.34 172.53 -155.78
CA GLU A 22 22.50 172.42 -154.34
C GLU A 22 22.65 173.81 -153.71
N THR A 23 22.51 174.85 -154.55
CA THR A 23 22.58 176.24 -154.16
C THR A 23 21.20 176.84 -154.41
N SER A 24 20.87 177.94 -153.71
CA SER A 24 19.61 178.63 -153.95
C SER A 24 19.66 179.33 -155.30
N ALA A 25 18.52 179.39 -156.00
CA ALA A 25 18.42 180.08 -157.28
C ALA A 25 18.23 181.56 -156.98
N LYS A 26 18.65 182.42 -157.92
CA LYS A 26 18.50 183.85 -157.75
C LYS A 26 17.65 184.37 -158.92
N VAL A 27 16.60 185.14 -158.60
CA VAL A 27 15.65 185.62 -159.59
C VAL A 27 15.36 187.11 -159.36
N SER A 28 15.30 187.87 -160.47
CA SER A 28 15.03 189.30 -160.47
C SER A 28 13.89 189.61 -161.44
N ILE A 29 12.93 190.38 -160.98
CA ILE A 29 11.86 190.87 -161.83
C ILE A 29 12.32 192.17 -162.49
N ASN A 30 12.23 192.19 -163.82
CA ASN A 30 12.65 193.31 -164.63
C ASN A 30 11.40 194.12 -165.00
N LYS A 31 11.43 195.42 -164.77
CA LYS A 31 10.34 196.31 -165.15
C LYS A 31 10.77 197.07 -166.39
N VAL A 32 9.98 196.94 -167.47
CA VAL A 32 10.25 197.66 -168.70
C VAL A 32 9.33 198.88 -168.75
N LEU A 33 9.93 200.05 -168.97
CA LEU A 33 9.14 201.27 -169.05
C LEU A 33 9.29 201.90 -170.43
N ASN A 34 8.17 202.01 -171.12
CA ASN A 34 8.10 202.57 -172.46
C ASN A 34 8.00 204.07 -172.35
N ILE A 35 8.69 204.77 -173.24
CA ILE A 35 8.82 206.21 -173.15
C ILE A 35 9.14 206.76 -174.54
N ALA A 36 8.80 208.03 -174.76
CA ALA A 36 9.14 208.72 -175.99
C ALA A 36 10.47 209.47 -175.83
N GLU A 37 10.97 210.00 -176.95
CA GLU A 37 12.33 210.49 -177.09
C GLU A 37 12.58 211.70 -176.19
N GLY A 38 11.69 212.69 -176.27
CA GLY A 38 11.94 213.98 -175.63
C GLY A 38 11.88 213.88 -174.10
N ILE A 39 11.01 212.99 -173.62
CA ILE A 39 10.57 212.96 -172.23
C ILE A 39 11.71 212.56 -171.29
N THR A 40 11.80 213.25 -170.15
CA THR A 40 12.69 212.90 -169.07
C THR A 40 11.95 211.96 -168.14
N THR A 41 12.64 210.89 -167.72
CA THR A 41 12.15 209.85 -166.84
C THR A 41 11.45 210.46 -165.62
N PRO A 42 10.19 210.07 -165.34
CA PRO A 42 9.47 210.58 -164.17
C PRO A 42 10.03 209.95 -162.90
N GLU A 43 9.52 210.39 -161.75
CA GLU A 43 9.93 209.82 -160.48
C GLU A 43 8.77 208.99 -159.94
N ALA A 44 8.80 207.69 -160.20
CA ALA A 44 7.70 206.81 -159.78
C ALA A 44 8.25 205.48 -159.30
N THR A 45 7.43 204.75 -158.52
CA THR A 45 7.82 203.44 -158.06
C THR A 45 6.74 202.43 -158.47
N PHE A 46 7.17 201.20 -158.71
CA PHE A 46 6.24 200.15 -159.06
C PHE A 46 6.33 199.04 -158.02
N THR A 47 5.18 198.47 -157.67
CA THR A 47 5.08 197.52 -156.58
C THR A 47 4.49 196.21 -157.09
N PHE A 48 5.10 195.10 -156.64
CA PHE A 48 4.69 193.76 -157.04
C PHE A 48 4.25 192.94 -155.83
N THR A 49 3.05 192.36 -155.94
CA THR A 49 2.39 191.62 -154.88
C THR A 49 2.67 190.13 -155.07
N PHE A 50 3.03 189.45 -153.97
CA PHE A 50 3.25 188.01 -153.99
C PHE A 50 2.23 187.35 -153.06
N THR A 51 1.06 187.07 -153.62
CA THR A 51 -0.06 186.54 -152.84
C THR A 51 -0.11 185.03 -153.03
N PRO A 52 -0.03 184.23 -151.93
CA PRO A 52 -0.01 182.77 -152.05
C PRO A 52 -1.29 182.20 -152.64
N LYS A 53 -1.17 181.02 -153.25
CA LYS A 53 -2.28 180.33 -153.89
C LYS A 53 -2.21 178.84 -153.54
N THR A 54 -3.37 178.20 -153.50
CA THR A 54 -3.46 176.80 -153.12
C THR A 54 -3.77 175.97 -154.37
N GLY A 55 -3.74 174.65 -154.23
CA GLY A 55 -3.98 173.73 -155.34
C GLY A 55 -3.19 172.44 -155.16
N THR A 56 -2.91 171.73 -156.26
CA THR A 56 -2.17 170.47 -156.19
C THR A 56 -1.04 170.48 -157.21
N SER A 57 0.05 169.77 -156.90
CA SER A 57 1.26 169.76 -157.71
C SER A 57 1.32 168.47 -158.53
N SER A 58 2.50 168.14 -159.07
CA SER A 58 2.73 166.93 -159.83
C SER A 58 2.62 165.69 -158.95
N ASN A 59 3.09 165.80 -157.71
CA ASN A 59 3.19 164.66 -156.82
C ASN A 59 1.88 164.44 -156.09
N GLY A 60 1.10 165.51 -155.89
CA GLY A 60 -0.12 165.42 -155.11
C GLY A 60 0.04 166.16 -153.78
N ALA A 61 1.11 166.95 -153.69
CA ALA A 61 1.33 167.83 -152.56
C ALA A 61 0.36 169.00 -152.64
N PRO A 62 -0.26 169.39 -151.52
CA PRO A 62 -1.29 170.43 -151.53
C PRO A 62 -0.67 171.82 -151.67
N TYR A 63 0.12 172.03 -152.73
CA TYR A 63 0.84 173.29 -152.90
C TYR A 63 1.31 173.78 -151.53
N GLU A 64 2.12 172.99 -150.83
CA GLU A 64 2.47 173.29 -149.45
C GLU A 64 2.87 174.74 -149.34
N THR A 65 1.98 175.60 -148.86
CA THR A 65 2.26 177.02 -148.78
C THR A 65 2.01 177.47 -147.35
N ILE A 66 3.00 178.17 -146.80
CA ILE A 66 2.92 178.76 -145.48
C ILE A 66 3.18 180.26 -145.68
N ASP A 67 2.48 181.11 -144.93
CA ASP A 67 2.78 182.52 -144.90
C ASP A 67 3.07 182.88 -143.45
N SER A 68 3.19 181.86 -142.60
CA SER A 68 3.25 182.04 -141.17
C SER A 68 4.68 182.31 -140.73
N SER A 69 5.19 183.49 -141.11
CA SER A 69 6.60 183.85 -140.95
C SER A 69 7.44 183.10 -141.97
N ASN A 70 7.18 181.80 -142.15
CA ASN A 70 7.92 180.96 -143.08
C ASN A 70 7.35 181.11 -144.48
N GLY A 71 8.23 181.26 -145.48
CA GLY A 71 7.80 181.30 -146.85
C GLY A 71 6.93 182.51 -147.21
N GLN A 72 7.18 183.66 -146.56
CA GLN A 72 6.40 184.85 -146.87
C GLN A 72 7.21 185.77 -147.76
N ILE A 73 6.85 185.87 -149.04
CA ILE A 73 7.57 186.76 -149.94
C ILE A 73 6.95 188.15 -149.87
N THR A 74 7.66 189.07 -149.21
CA THR A 74 7.17 190.42 -149.05
C THR A 74 7.24 191.11 -150.40
N ASP A 75 6.53 192.24 -150.52
CA ASP A 75 6.44 192.97 -151.77
C ASP A 75 7.80 193.59 -152.09
N LYS A 76 8.07 193.68 -153.40
CA LYS A 76 9.34 194.17 -153.92
C LYS A 76 9.10 195.38 -154.81
N ASN A 77 10.09 196.29 -154.87
CA ASN A 77 9.95 197.59 -155.52
C ASN A 77 11.05 197.83 -156.55
N VAL A 78 10.66 198.52 -157.63
CA VAL A 78 11.57 199.11 -158.60
C VAL A 78 11.21 200.59 -158.72
N SER A 79 12.18 201.48 -158.46
CA SER A 79 11.98 202.92 -158.55
C SER A 79 12.64 203.48 -159.81
N TYR A 80 12.05 204.58 -160.32
CA TYR A 80 12.61 205.30 -161.43
C TYR A 80 12.75 206.76 -161.03
N SER A 81 13.81 207.41 -161.52
CA SER A 81 14.07 208.80 -161.20
C SER A 81 14.51 209.55 -162.45
N GLY A 82 14.60 210.88 -162.32
CA GLY A 82 15.07 211.73 -163.38
C GLY A 82 16.49 211.36 -163.82
N THR A 83 17.22 210.67 -162.94
CA THR A 83 18.63 210.31 -163.13
C THR A 83 18.76 209.18 -164.14
N ASP A 84 17.64 208.61 -164.60
CA ASP A 84 17.67 207.52 -165.57
C ASP A 84 17.49 208.11 -166.97
N VAL A 85 18.08 207.44 -167.98
CA VAL A 85 18.04 207.97 -169.33
C VAL A 85 17.95 206.83 -170.33
N LEU A 86 17.02 206.95 -171.30
CA LEU A 86 17.02 206.12 -172.49
C LEU A 86 18.03 206.75 -173.43
N ALA A 87 19.31 206.40 -173.23
CA ALA A 87 20.37 207.06 -173.97
C ALA A 87 20.35 206.52 -175.39
N THR A 88 19.60 207.19 -176.27
CA THR A 88 19.46 206.86 -177.68
C THR A 88 19.27 205.35 -177.86
N GLY A 89 18.49 204.77 -176.94
CA GLY A 89 18.24 203.34 -176.91
C GLY A 89 16.91 202.98 -177.56
N GLN A 90 16.25 201.96 -177.02
CA GLN A 90 14.92 201.58 -177.45
C GLN A 90 13.91 202.45 -176.70
N THR A 91 12.61 202.21 -176.93
CA THR A 91 11.61 202.82 -176.09
C THR A 91 11.41 201.96 -174.84
N ASN A 92 12.49 201.58 -174.19
CA ASN A 92 12.44 200.67 -173.08
C ASN A 92 13.60 200.98 -172.17
N ILE A 93 13.30 201.78 -171.14
CA ILE A 93 14.22 201.91 -170.03
C ILE A 93 13.86 200.84 -169.01
N LYS A 94 14.71 199.80 -168.94
CA LYS A 94 14.45 198.63 -168.13
C LYS A 94 15.23 198.73 -166.82
N LYS A 95 14.58 198.38 -165.72
CA LYS A 95 15.24 198.32 -164.41
C LYS A 95 14.72 197.11 -163.63
N ASP A 96 15.64 196.35 -163.03
CA ASP A 96 15.29 195.09 -162.39
C ASP A 96 15.33 195.26 -160.87
N THR A 97 14.69 194.31 -160.16
CA THR A 97 14.75 194.22 -158.71
C THR A 97 16.09 193.62 -158.35
N GLY A 98 16.31 193.31 -157.07
CA GLY A 98 17.41 192.44 -156.69
C GLY A 98 16.93 191.00 -156.68
N ASP A 99 17.74 190.09 -156.16
CA ASP A 99 17.21 188.76 -155.86
C ASP A 99 16.02 188.95 -154.92
N ILE A 100 14.84 188.51 -155.38
CA ILE A 100 13.62 188.64 -154.60
C ILE A 100 13.63 187.62 -153.47
N PHE A 101 14.61 186.71 -153.52
CA PHE A 101 14.72 185.62 -152.56
C PHE A 101 15.84 185.89 -151.55
N ARG A 102 16.26 187.15 -151.45
CA ARG A 102 17.08 187.60 -150.34
C ARG A 102 16.16 187.84 -149.15
N GLU A 103 16.66 187.57 -147.95
CA GLU A 103 15.95 187.87 -146.71
C GLU A 103 14.73 186.97 -146.52
N VAL A 104 14.42 186.11 -147.49
CA VAL A 104 13.33 185.15 -147.33
C VAL A 104 13.90 183.78 -146.98
N ASN A 105 13.25 183.10 -146.04
CA ASN A 105 13.67 181.77 -145.61
C ASN A 105 12.52 180.79 -145.82
N TYR A 106 12.84 179.54 -146.14
CA TYR A 106 11.85 178.49 -146.28
C TYR A 106 12.03 177.51 -145.14
N THR A 107 11.04 176.66 -144.87
CA THR A 107 11.02 175.86 -143.66
C THR A 107 10.96 174.38 -144.01
N HIS A 108 9.91 173.99 -144.74
CA HIS A 108 9.63 172.58 -144.88
C HIS A 108 9.86 171.96 -146.24
N ALA A 109 9.85 172.76 -147.32
CA ALA A 109 10.06 172.24 -148.66
C ALA A 109 8.75 171.72 -149.27
N GLY A 110 8.79 171.40 -150.56
CA GLY A 110 7.57 171.24 -151.35
C GLY A 110 7.38 172.37 -152.36
N GLU A 111 6.20 172.40 -152.99
CA GLU A 111 5.90 173.38 -154.03
C GLU A 111 5.16 174.55 -153.41
N TYR A 112 5.73 175.75 -153.56
CA TYR A 112 5.18 176.97 -153.00
C TYR A 112 4.71 177.85 -154.16
N VAL A 113 3.43 178.23 -154.15
CA VAL A 113 2.89 178.94 -155.30
C VAL A 113 2.41 180.32 -154.86
N TYR A 114 2.69 181.32 -155.70
CA TYR A 114 2.35 182.71 -155.46
C TYR A 114 1.65 183.28 -156.70
N THR A 115 0.83 184.31 -156.48
CA THR A 115 0.13 185.02 -157.54
C THR A 115 0.72 186.42 -157.63
N VAL A 116 1.59 186.62 -158.62
CA VAL A 116 2.37 187.84 -158.75
C VAL A 116 1.58 188.81 -159.63
N ALA A 117 1.40 190.04 -159.14
CA ALA A 117 0.71 191.08 -159.88
C ALA A 117 1.36 192.42 -159.58
N GLU A 118 0.86 193.49 -160.21
CA GLU A 118 1.33 194.83 -159.96
C GLU A 118 0.14 195.72 -159.62
N LYS A 119 0.31 196.54 -158.58
CA LYS A 119 -0.76 197.46 -158.19
C LYS A 119 -0.71 198.65 -159.14
N GLN A 120 -1.86 199.28 -159.37
CA GLN A 120 -1.94 200.50 -160.16
C GLN A 120 -1.92 201.65 -159.14
N ASN A 121 -1.92 202.87 -159.64
CA ASN A 121 -1.87 204.09 -158.83
C ASN A 121 -0.80 204.02 -157.73
N VAL A 122 0.43 203.71 -158.13
CA VAL A 122 1.56 203.69 -157.22
C VAL A 122 2.67 204.62 -157.70
N GLY A 123 2.35 205.54 -158.63
CA GLY A 123 3.42 206.36 -159.19
C GLY A 123 2.96 207.75 -159.59
N TRP A 124 3.85 208.46 -160.28
CA TRP A 124 3.75 209.89 -160.47
C TRP A 124 3.23 210.21 -161.85
N LYS A 125 1.93 209.99 -162.03
CA LYS A 125 1.22 210.64 -163.11
C LYS A 125 0.76 212.03 -162.65
N VAL A 126 1.36 212.48 -161.53
CA VAL A 126 0.88 213.65 -160.80
C VAL A 126 1.71 214.86 -161.20
N ILE A 127 2.29 214.82 -162.40
CA ILE A 127 2.88 216.01 -163.00
C ILE A 127 1.76 216.83 -163.64
N GLN A 128 0.99 217.51 -162.78
CA GLN A 128 -0.24 218.16 -163.17
C GLN A 128 -0.21 219.60 -162.69
N LYS A 129 -1.08 220.42 -163.29
CA LYS A 129 -1.28 221.78 -162.85
C LYS A 129 -2.77 222.06 -162.75
N ASN A 130 -3.19 222.45 -161.54
CA ASN A 130 -4.57 222.74 -161.21
C ASN A 130 -5.45 221.52 -161.54
N GLY A 131 -4.89 220.33 -161.33
CA GLY A 131 -5.60 219.09 -161.56
C GLY A 131 -5.58 218.64 -163.03
N SER A 132 -5.25 219.58 -163.94
CA SER A 132 -5.10 219.28 -165.35
C SER A 132 -3.75 218.60 -165.60
N PRO A 133 -3.73 217.34 -166.08
CA PRO A 133 -2.48 216.58 -166.17
C PRO A 133 -1.71 216.89 -167.45
N ILE A 134 -0.41 216.58 -167.43
CA ILE A 134 0.45 216.73 -168.58
C ILE A 134 0.78 215.34 -169.12
N ASP A 135 0.84 214.37 -168.22
CA ASP A 135 1.31 213.04 -168.54
C ASP A 135 0.19 212.02 -168.37
N PHE A 136 0.56 210.73 -168.44
CA PHE A 136 -0.40 209.63 -168.43
C PHE A 136 0.34 208.30 -168.21
N MET A 137 0.48 207.91 -166.93
CA MET A 137 1.11 206.65 -166.58
C MET A 137 0.14 205.49 -166.82
N THR A 138 0.51 204.57 -167.71
CA THR A 138 -0.30 203.39 -167.99
C THR A 138 0.34 202.16 -167.36
N TYR A 139 -0.40 201.53 -166.45
CA TYR A 139 0.09 200.40 -165.68
C TYR A 139 -0.20 199.08 -166.36
N ASP A 140 0.42 198.03 -165.83
CA ASP A 140 0.14 196.69 -166.27
C ASP A 140 -0.63 196.00 -165.16
N ASN A 141 -1.87 195.60 -165.44
CA ASN A 141 -2.71 194.92 -164.48
C ASN A 141 -2.86 193.45 -164.87
N ARG A 142 -1.77 192.87 -165.41
CA ARG A 142 -1.70 191.44 -165.68
C ARG A 142 -1.62 190.67 -164.36
N ASN A 143 -2.12 189.42 -164.38
CA ASN A 143 -1.94 188.51 -163.26
C ASN A 143 -1.02 187.37 -163.73
N TYR A 144 -0.05 187.01 -162.87
CA TYR A 144 0.91 185.95 -163.12
C TYR A 144 0.87 184.94 -161.96
N GLU A 145 1.43 183.75 -162.22
CA GLU A 145 1.49 182.71 -161.21
C GLU A 145 2.91 182.17 -161.18
N MET A 146 3.52 182.21 -159.99
CA MET A 146 4.91 181.85 -159.82
C MET A 146 4.99 180.59 -158.97
N HIS A 147 5.66 179.57 -159.50
CA HIS A 147 5.84 178.32 -158.79
C HIS A 147 7.28 178.25 -158.28
N VAL A 148 7.43 178.07 -156.97
CA VAL A 148 8.73 177.87 -156.35
C VAL A 148 8.83 176.39 -155.95
N ILE A 149 9.92 175.75 -156.38
CA ILE A 149 10.15 174.35 -156.12
C ILE A 149 11.34 174.24 -155.17
N VAL A 150 11.04 174.00 -153.89
CA VAL A 150 12.06 173.95 -152.87
C VAL A 150 12.29 172.48 -152.52
N LYS A 151 13.56 172.08 -152.57
CA LYS A 151 13.95 170.72 -152.26
C LYS A 151 14.86 170.77 -151.04
N ASN A 152 15.14 169.58 -150.48
CA ASN A 152 16.01 169.51 -149.33
C ASN A 152 17.44 169.24 -149.77
N LYS A 153 18.39 169.85 -149.06
CA LYS A 153 19.80 169.55 -149.19
C LYS A 153 20.06 168.20 -148.54
N THR A 154 21.07 167.49 -149.03
CA THR A 154 21.28 166.11 -148.67
C THR A 154 21.71 166.01 -147.21
N THR A 155 22.41 167.04 -146.73
CA THR A 155 22.90 167.05 -145.36
C THR A 155 22.06 168.02 -144.52
N GLY A 156 21.47 169.04 -145.13
CA GLY A 156 21.16 170.27 -144.40
C GLY A 156 19.68 170.61 -144.46
N GLY A 157 19.37 171.79 -145.01
CA GLY A 157 18.06 172.43 -144.93
C GLY A 157 17.39 172.54 -146.29
N THR A 158 16.86 173.71 -146.67
CA THR A 158 16.20 173.88 -147.94
C THR A 158 17.08 174.64 -148.94
N TYR A 159 16.82 174.41 -150.22
CA TYR A 159 17.42 175.18 -151.30
C TYR A 159 16.41 175.29 -152.44
N ILE A 160 16.35 176.48 -153.06
CA ILE A 160 15.42 176.78 -154.13
C ILE A 160 15.95 176.14 -155.41
N SER A 161 15.31 175.04 -155.82
CA SER A 161 15.77 174.26 -156.96
C SER A 161 15.40 174.96 -158.26
N SER A 162 14.12 175.36 -158.34
CA SER A 162 13.53 175.80 -159.58
C SER A 162 12.39 176.78 -159.31
N VAL A 163 12.19 177.68 -160.28
CA VAL A 163 11.11 178.65 -160.27
C VAL A 163 10.70 178.90 -161.73
N TYR A 164 9.40 178.85 -162.00
CA TYR A 164 8.88 179.21 -163.30
C TYR A 164 7.62 180.03 -163.12
N PHE A 165 7.24 180.76 -164.17
CA PHE A 165 6.07 181.61 -164.15
C PHE A 165 5.08 181.19 -165.23
N LYS A 166 3.85 181.68 -165.11
CA LYS A 166 2.82 181.45 -166.11
C LYS A 166 1.89 182.66 -166.06
N GLN A 167 1.19 182.96 -167.15
CA GLN A 167 0.25 184.07 -167.13
C GLN A 167 -1.17 183.48 -167.01
N VAL A 168 -1.99 184.06 -166.12
CA VAL A 168 -3.32 183.54 -165.84
C VAL A 168 -4.35 184.48 -166.47
N SER A 169 -3.99 185.78 -166.59
CA SER A 169 -4.92 186.72 -167.19
C SER A 169 -5.10 186.37 -168.67
N PRO A 170 -4.05 186.47 -169.53
CA PRO A 170 -4.23 186.21 -170.96
C PRO A 170 -4.16 184.75 -171.39
N SER A 171 -4.40 183.80 -170.50
CA SER A 171 -4.40 182.36 -170.78
C SER A 171 -3.30 181.90 -171.74
N VAL A 172 -2.01 182.13 -171.38
CA VAL A 172 -0.92 181.62 -172.19
C VAL A 172 -0.53 180.24 -171.63
N ASN A 173 -0.77 179.17 -172.41
CA ASN A 173 -0.42 177.83 -171.98
C ASN A 173 1.06 177.57 -172.28
N GLY A 174 1.93 178.39 -171.69
CA GLY A 174 3.36 178.27 -171.90
C GLY A 174 4.13 178.87 -170.74
N LYS A 175 5.31 178.31 -170.45
CA LYS A 175 6.18 178.89 -169.45
C LYS A 175 6.65 180.26 -169.93
N VAL A 176 6.70 181.21 -169.00
CA VAL A 176 7.28 182.51 -169.29
C VAL A 176 8.80 182.39 -169.43
N LYS A 177 9.28 182.86 -170.58
CA LYS A 177 10.67 182.82 -170.97
C LYS A 177 11.44 183.88 -170.20
N PRO A 178 12.77 183.72 -170.00
CA PRO A 178 13.56 184.69 -169.24
C PRO A 178 14.01 185.85 -170.11
N SER A 179 14.82 186.73 -169.52
CA SER A 179 15.51 187.77 -170.26
C SER A 179 16.98 187.38 -170.38
N GLU A 180 17.69 187.40 -169.25
CA GLU A 180 19.04 186.89 -169.19
C GLU A 180 19.10 185.62 -168.36
N SER A 181 19.51 184.53 -169.00
CA SER A 181 19.86 183.32 -168.26
C SER A 181 21.21 183.50 -167.57
N GLY A 182 21.42 182.78 -166.46
CA GLY A 182 22.72 182.79 -165.80
C GLY A 182 22.66 183.04 -164.29
N THR A 183 23.57 183.88 -163.78
CA THR A 183 23.80 184.06 -162.36
C THR A 183 22.49 184.45 -161.67
N THR A 184 21.97 185.62 -162.05
CA THR A 184 20.64 186.08 -161.66
C THR A 184 19.77 185.94 -162.90
N TYR A 185 18.83 184.97 -162.91
CA TYR A 185 17.81 184.95 -163.94
C TYR A 185 16.92 186.18 -163.83
N LYS A 186 16.87 186.95 -164.91
CA LYS A 186 16.04 188.14 -164.98
C LYS A 186 14.81 187.80 -165.81
N TYR A 187 13.65 188.35 -165.44
CA TYR A 187 12.40 188.09 -166.14
C TYR A 187 11.66 189.40 -166.39
N ASP A 188 11.46 189.76 -167.66
CA ASP A 188 10.80 191.01 -168.03
C ASP A 188 9.28 190.84 -167.94
N LEU A 189 8.76 190.84 -166.70
CA LEU A 189 7.35 190.56 -166.44
C LEU A 189 6.45 191.74 -166.82
N PHE A 190 6.63 192.90 -166.17
CA PHE A 190 5.65 193.97 -166.30
C PHE A 190 6.19 195.08 -167.18
N THR A 191 5.38 195.51 -168.14
CA THR A 191 5.77 196.54 -169.07
C THR A 191 4.76 197.69 -168.99
N ASN A 192 5.28 198.87 -168.69
CA ASN A 192 4.48 200.05 -168.37
C ASN A 192 4.74 201.11 -169.44
N ILE A 193 3.83 202.07 -169.61
CA ILE A 193 4.00 203.09 -170.65
C ILE A 193 3.76 204.46 -170.04
N TYR A 194 4.71 205.36 -170.25
CA TYR A 194 4.61 206.73 -169.77
C TYR A 194 4.39 207.65 -170.95
N ARG A 195 3.14 208.07 -171.14
CA ARG A 195 2.79 209.01 -172.18
C ARG A 195 2.86 210.41 -171.55
N LYS A 196 3.40 211.39 -172.30
CA LYS A 196 3.37 212.76 -171.81
C LYS A 196 3.10 213.70 -172.99
N ASN A 197 1.91 214.31 -172.97
CA ASN A 197 1.55 215.36 -173.91
C ASN A 197 2.36 216.57 -173.47
N ALA A 198 3.57 216.69 -174.00
CA ALA A 198 4.43 217.78 -173.62
C ALA A 198 4.46 218.75 -174.78
N GLY A 199 5.61 219.05 -175.36
CA GLY A 199 5.70 220.33 -176.04
C GLY A 199 6.00 221.41 -174.99
N LYS A 200 5.63 222.65 -175.29
CA LYS A 200 5.95 223.81 -174.47
C LYS A 200 5.32 223.71 -173.08
N ILE A 201 4.62 222.61 -172.81
CA ILE A 201 3.87 222.46 -171.58
C ILE A 201 4.86 222.50 -170.43
N THR A 202 6.06 221.97 -170.70
CA THR A 202 7.16 222.12 -169.78
C THR A 202 7.95 223.35 -170.24
N ASP A 203 8.29 224.25 -169.31
CA ASP A 203 9.01 225.46 -169.64
C ASP A 203 10.52 225.17 -169.70
N PRO A 204 11.33 226.03 -170.37
CA PRO A 204 12.74 225.70 -170.65
C PRO A 204 13.70 226.08 -169.52
N ASN A 205 13.27 225.90 -168.28
CA ASN A 205 14.03 226.35 -167.14
C ASN A 205 14.50 225.17 -166.31
N GLU A 206 14.88 224.06 -166.96
CA GLU A 206 15.17 222.78 -166.33
C GLU A 206 14.42 222.52 -165.02
N PRO A 207 13.07 222.46 -165.04
CA PRO A 207 12.26 222.26 -163.84
C PRO A 207 11.76 220.81 -163.94
N ASN A 208 12.67 219.89 -164.30
CA ASN A 208 12.24 218.52 -164.54
C ASN A 208 12.17 217.74 -163.23
N PRO A 209 13.29 217.55 -162.49
CA PRO A 209 13.21 216.87 -161.20
C PRO A 209 12.25 217.65 -160.28
N ASN A 210 12.44 218.97 -160.21
CA ASN A 210 11.65 219.82 -159.34
C ASN A 210 10.44 220.29 -160.16
N LYS A 211 9.30 219.67 -159.95
CA LYS A 211 8.12 219.92 -160.77
C LYS A 211 7.98 221.38 -161.20
N PRO A 212 7.92 222.38 -160.28
CA PRO A 212 8.04 223.78 -160.67
C PRO A 212 9.36 224.07 -161.42
N SER A 215 5.72 227.22 -160.09
CA SER A 215 5.38 226.10 -161.00
C SER A 215 5.58 226.52 -162.45
N LYS A 216 6.72 226.13 -163.02
CA LYS A 216 7.10 226.49 -164.36
C LYS A 216 6.44 225.52 -165.34
N VAL A 217 5.11 225.43 -165.31
CA VAL A 217 4.37 224.57 -166.23
C VAL A 217 3.05 225.24 -166.59
N ASP A 218 2.66 225.17 -167.87
CA ASP A 218 1.34 225.64 -168.30
C ASP A 218 0.66 224.51 -169.06
N PRO A 219 -0.38 223.86 -168.50
CA PRO A 219 -1.00 222.71 -169.16
C PRO A 219 -1.70 223.08 -170.48
N ASN A 220 -1.99 224.37 -170.66
CA ASN A 220 -2.74 224.81 -171.83
C ASN A 220 -1.84 225.61 -172.76
N ALA A 221 -0.52 225.48 -172.55
CA ALA A 221 0.46 226.00 -173.50
C ALA A 221 0.37 225.14 -174.76
N LYS A 222 0.56 225.81 -175.91
CA LYS A 222 0.57 225.13 -177.19
C LYS A 222 1.81 224.25 -177.24
N SER A 223 1.74 223.16 -178.00
CA SER A 223 2.89 222.28 -178.14
C SER A 223 3.87 222.90 -179.14
N LEU A 224 3.42 223.08 -180.39
CA LEU A 224 4.29 223.57 -181.45
C LEU A 224 3.63 224.78 -182.12
N VAL A 225 4.45 225.81 -182.38
CA VAL A 225 4.00 227.02 -183.04
C VAL A 225 4.95 227.30 -184.20
N ILE A 226 4.41 227.40 -185.41
CA ILE A 226 5.22 227.66 -186.59
C ILE A 226 4.78 228.97 -187.22
N LYS A 227 5.70 229.95 -187.25
CA LYS A 227 5.45 231.24 -187.88
C LYS A 227 6.10 231.28 -189.27
N LYS A 228 5.40 231.92 -190.21
CA LYS A 228 6.02 232.31 -191.45
C LYS A 228 6.31 233.80 -191.40
N VAL A 229 7.60 234.14 -191.47
CA VAL A 229 8.05 235.51 -191.44
C VAL A 229 8.54 235.86 -192.83
N VAL A 230 8.28 237.10 -193.26
CA VAL A 230 8.84 237.60 -194.51
C VAL A 230 9.74 238.80 -194.19
N SER A 231 10.95 238.76 -194.75
CA SER A 231 11.95 239.79 -194.52
C SER A 231 12.25 240.53 -195.83
N GLY A 232 12.47 241.85 -195.71
CA GLY A 232 12.85 242.68 -196.84
C GLY A 232 11.73 243.63 -197.25
N ALA A 233 12.10 244.82 -197.72
CA ALA A 233 11.17 245.88 -198.06
C ALA A 233 10.46 245.57 -199.37
N THR A 234 11.21 245.04 -200.34
CA THR A 234 10.67 244.77 -201.66
C THR A 234 10.20 243.32 -201.75
N ALA A 235 9.70 242.82 -200.61
CA ALA A 235 9.23 241.45 -200.50
C ALA A 235 7.71 241.40 -200.31
N ASP A 236 7.09 240.34 -200.83
CA ASP A 236 5.64 240.14 -200.76
C ASP A 236 5.27 239.62 -199.37
N LYS A 237 4.32 240.29 -198.73
CA LYS A 237 3.88 239.90 -197.40
C LYS A 237 2.64 239.02 -197.52
N SER A 238 2.12 238.90 -198.75
CA SER A 238 0.84 238.25 -198.99
C SER A 238 1.01 237.01 -199.87
N LYS A 239 2.26 236.71 -200.24
CA LYS A 239 2.55 235.48 -200.96
C LYS A 239 2.33 234.30 -200.00
N ASP A 240 1.62 233.29 -200.51
CA ASP A 240 1.37 232.07 -199.77
C ASP A 240 2.50 231.08 -200.06
N PHE A 241 3.38 230.89 -199.07
CA PHE A 241 4.50 229.99 -199.18
C PHE A 241 4.06 228.58 -198.79
N THR A 242 4.54 227.60 -199.55
CA THR A 242 4.08 226.23 -199.47
C THR A 242 5.05 225.40 -198.64
N PHE A 243 4.49 224.73 -197.63
CA PHE A 243 5.23 223.91 -196.69
C PHE A 243 4.70 222.47 -196.74
N LYS A 244 5.62 221.52 -196.94
CA LYS A 244 5.32 220.11 -196.87
C LYS A 244 5.80 219.61 -195.51
N LEU A 245 4.86 219.29 -194.61
CA LEU A 245 5.22 218.82 -193.28
C LEU A 245 4.84 217.36 -193.15
N THR A 246 5.76 216.56 -192.61
CA THR A 246 5.53 215.13 -192.43
C THR A 246 5.81 214.77 -190.97
N PHE A 247 4.78 214.89 -190.13
CA PHE A 247 4.94 214.64 -188.70
C PHE A 247 4.84 213.14 -188.43
N THR A 248 5.82 212.58 -187.72
CA THR A 248 5.84 211.17 -187.37
C THR A 248 5.18 210.98 -186.00
N LYS A 249 4.79 209.73 -185.73
CA LYS A 249 4.19 209.38 -184.45
C LYS A 249 5.30 209.15 -183.43
N ALA A 250 4.90 208.71 -182.24
CA ALA A 250 5.87 208.40 -181.21
C ALA A 250 5.68 206.96 -180.74
N SER A 251 6.56 206.51 -179.83
CA SER A 251 6.49 205.17 -179.31
C SER A 251 5.20 205.00 -178.50
N THR A 252 5.02 205.89 -177.53
CA THR A 252 3.92 205.82 -176.58
C THR A 252 2.84 206.72 -177.14
N GLU A 253 2.38 206.44 -178.36
CA GLU A 253 1.30 207.19 -178.97
C GLU A 253 0.39 206.23 -179.70
N THR A 254 -0.84 206.12 -179.21
CA THR A 254 -1.81 205.20 -179.79
C THR A 254 -2.64 205.95 -180.82
N SER A 255 -2.63 207.28 -180.74
CA SER A 255 -3.32 208.12 -181.70
C SER A 255 -2.87 207.74 -183.11
N GLN A 256 -3.79 207.17 -183.91
CA GLN A 256 -3.44 206.58 -185.19
C GLN A 256 -2.78 207.60 -186.13
N SER A 257 -1.48 207.45 -186.40
CA SER A 257 -0.69 208.43 -187.13
C SER A 257 -0.94 209.83 -186.58
N ILE A 258 -0.79 210.02 -185.27
CA ILE A 258 -1.28 211.20 -184.56
C ILE A 258 -2.61 211.66 -185.17
N THR A 259 -3.62 210.79 -185.08
CA THR A 259 -4.93 211.06 -185.65
C THR A 259 -5.26 212.54 -185.39
N GLY A 260 -5.41 212.85 -184.11
CA GLY A 260 -5.73 214.20 -183.68
C GLY A 260 -4.46 215.03 -183.69
N LYS A 261 -3.89 215.27 -184.88
CA LYS A 261 -2.77 216.17 -184.98
C LYS A 261 -3.25 217.62 -184.98
N ILE A 262 -4.58 217.81 -184.99
CA ILE A 262 -5.21 219.12 -185.03
C ILE A 262 -4.34 220.10 -185.83
N GLY A 263 -3.84 221.14 -185.15
CA GLY A 263 -3.11 222.17 -185.85
C GLY A 263 -4.03 223.04 -186.70
N GLU A 264 -4.70 224.01 -186.06
CA GLU A 264 -5.78 224.73 -186.71
C GLU A 264 -5.36 226.15 -187.03
N THR A 265 -5.59 226.58 -188.27
CA THR A 265 -5.50 227.99 -188.62
C THR A 265 -6.91 228.55 -188.67
N SER A 266 -7.76 227.88 -189.44
CA SER A 266 -9.17 228.20 -189.57
C SER A 266 -9.95 226.90 -189.69
N LYS A 267 -9.31 225.89 -190.30
CA LYS A 267 -9.83 224.54 -190.39
C LYS A 267 -8.93 223.65 -189.55
N THR A 268 -9.40 222.43 -189.31
CA THR A 268 -8.69 221.45 -188.50
C THR A 268 -7.29 221.18 -189.05
N PHE A 269 -7.19 220.79 -190.32
CA PHE A 269 -5.95 220.32 -190.91
C PHE A 269 -5.42 219.11 -190.16
N VAL A 270 -6.29 218.10 -190.03
CA VAL A 270 -5.92 216.84 -189.41
C VAL A 270 -4.75 216.25 -190.17
N TYR A 271 -3.61 216.04 -189.48
CA TYR A 271 -2.41 215.54 -190.12
C TYR A 271 -2.27 214.04 -189.83
N GLY A 272 -1.15 213.47 -190.27
CA GLY A 272 -0.84 212.07 -190.02
C GLY A 272 0.10 211.53 -191.09
N GLN A 273 1.39 211.79 -190.93
CA GLN A 273 2.45 211.13 -191.67
C GLN A 273 2.79 211.80 -193.00
N GLU A 274 1.87 212.59 -193.56
CA GLU A 274 2.13 213.26 -194.85
C GLU A 274 1.13 214.39 -195.04
N THR A 275 1.60 215.63 -195.24
CA THR A 275 0.68 216.74 -195.44
C THR A 275 1.34 217.90 -196.19
N THR A 276 0.56 218.95 -196.48
CA THR A 276 1.04 220.17 -197.12
C THR A 276 0.14 221.33 -196.72
N ILE A 277 0.75 222.49 -196.43
CA ILE A 277 0.04 223.67 -195.94
C ILE A 277 0.64 224.92 -196.59
N THR A 278 0.02 226.09 -196.35
CA THR A 278 0.45 227.35 -196.92
C THR A 278 0.36 228.47 -195.88
N LEU A 279 1.29 229.42 -195.93
CA LEU A 279 1.35 230.52 -194.96
C LEU A 279 1.80 231.82 -195.62
N ARG A 280 1.37 232.96 -195.03
CA ARG A 280 1.83 234.29 -195.38
C ARG A 280 2.63 234.86 -194.21
N HIS A 281 3.14 236.09 -194.36
CA HIS A 281 3.89 236.78 -193.32
C HIS A 281 3.05 236.90 -192.06
N ASP A 282 3.69 236.72 -190.91
CA ASP A 282 3.08 236.82 -189.59
C ASP A 282 1.84 235.92 -189.49
N GLN A 283 1.83 234.82 -190.25
CA GLN A 283 0.77 233.82 -190.18
C GLN A 283 1.33 232.53 -189.58
N SER A 284 0.60 231.95 -188.62
CA SER A 284 1.13 230.85 -187.80
C SER A 284 0.10 229.73 -187.64
N LEU A 285 0.60 228.50 -187.57
CA LEU A 285 -0.22 227.32 -187.38
C LEU A 285 0.23 226.61 -186.11
N VAL A 286 -0.68 226.57 -185.12
CA VAL A 286 -0.35 226.08 -183.80
C VAL A 286 -1.01 224.72 -183.60
N PHE A 287 -0.23 223.77 -183.09
CA PHE A 287 -0.76 222.50 -182.60
C PHE A 287 -0.77 222.57 -181.09
N ASP A 288 -1.96 222.46 -180.51
CA ASP A 288 -2.15 222.59 -179.08
C ASP A 288 -2.04 221.21 -178.44
N THR A 289 -1.37 221.16 -177.28
CA THR A 289 -1.27 219.98 -176.42
C THR A 289 -1.12 218.69 -177.22
N ILE A 290 0.05 218.51 -177.84
CA ILE A 290 0.33 217.36 -178.70
C ILE A 290 1.46 216.55 -178.05
N PRO A 291 1.45 215.19 -178.16
CA PRO A 291 2.45 214.35 -177.48
C PRO A 291 3.91 214.64 -177.85
N ALA A 292 4.82 214.26 -176.94
CA ALA A 292 6.24 214.46 -177.14
C ALA A 292 6.79 213.29 -177.95
N GLY A 293 8.08 213.34 -178.26
CA GLY A 293 8.74 212.29 -179.02
C GLY A 293 8.31 212.25 -180.49
N THR A 294 7.48 213.23 -180.89
CA THR A 294 7.00 213.28 -182.26
C THR A 294 8.00 214.07 -183.09
N ARG A 295 8.55 213.43 -184.13
CA ARG A 295 9.50 214.06 -185.03
C ARG A 295 8.72 214.59 -186.25
N TYR A 296 9.32 215.54 -186.98
CA TYR A 296 8.65 216.17 -188.11
C TYR A 296 9.66 216.64 -189.15
N LYS A 297 9.27 216.55 -190.43
CA LYS A 297 10.08 216.95 -191.57
C LYS A 297 9.44 218.18 -192.19
N LEU A 298 10.18 219.30 -192.21
CA LEU A 298 9.72 220.51 -192.85
C LEU A 298 10.41 220.64 -194.20
N VAL A 299 9.61 220.91 -195.24
CA VAL A 299 10.11 221.10 -196.59
C VAL A 299 9.33 222.27 -197.21
N GLU A 300 10.01 223.40 -197.38
CA GLU A 300 9.39 224.54 -198.03
C GLU A 300 9.83 224.57 -199.48
N THR A 301 8.84 224.64 -200.39
CA THR A 301 9.14 224.86 -201.79
C THR A 301 9.81 226.22 -201.94
N GLY A 302 11.07 226.22 -202.38
CA GLY A 302 11.87 227.43 -202.46
C GLY A 302 11.42 228.33 -203.61
N SER A 303 10.97 229.55 -203.28
CA SER A 303 10.48 230.50 -204.27
C SER A 303 11.64 231.23 -204.95
N GLN A 304 11.41 231.66 -206.20
CA GLN A 304 12.43 232.33 -206.99
C GLN A 304 12.90 233.60 -206.28
N GLY A 305 14.18 233.62 -205.88
CA GLY A 305 14.85 234.82 -205.37
C GLY A 305 14.74 235.01 -203.86
N TYR A 306 14.10 234.05 -203.19
CA TYR A 306 13.89 234.13 -201.75
C TYR A 306 14.82 233.16 -201.04
N THR A 307 15.54 233.66 -200.04
CA THR A 307 16.37 232.82 -199.19
C THR A 307 15.61 232.48 -197.90
N ALA A 308 15.53 231.17 -197.58
CA ALA A 308 14.73 230.71 -196.47
C ALA A 308 15.61 230.28 -195.31
N SER A 309 15.24 230.66 -194.09
CA SER A 309 15.97 230.33 -192.87
C SER A 309 14.99 230.04 -191.75
N ALA A 310 15.49 229.54 -190.61
CA ALA A 310 14.63 229.10 -189.52
C ALA A 310 15.33 229.22 -188.17
N ALA A 311 14.54 229.55 -187.14
CA ALA A 311 15.01 229.61 -185.76
C ALA A 311 14.03 228.85 -184.87
N TYR A 312 14.36 227.60 -184.56
CA TYR A 312 13.43 226.67 -183.96
C TYR A 312 13.81 226.36 -182.52
N LYS A 313 13.09 225.42 -181.92
CA LYS A 313 13.32 224.96 -180.55
C LYS A 313 13.06 223.46 -180.45
N GLU A 314 14.09 222.67 -180.71
CA GLU A 314 14.09 221.23 -180.48
C GLU A 314 14.31 220.99 -178.99
N ASN A 315 13.23 220.61 -178.27
CA ASN A 315 13.19 220.65 -176.83
C ASN A 315 13.37 222.12 -176.45
N GLY A 316 13.79 222.40 -175.21
CA GLY A 316 13.95 223.79 -174.82
C GLY A 316 15.21 224.44 -175.38
N ALA A 317 15.93 223.74 -176.28
CA ALA A 317 17.16 224.27 -176.83
C ALA A 317 16.90 224.96 -178.16
N SER A 318 17.02 226.29 -178.16
CA SER A 318 16.79 227.08 -179.37
C SER A 318 17.98 226.91 -180.31
N LYS A 319 17.71 226.39 -181.51
CA LYS A 319 18.69 226.27 -182.56
C LYS A 319 18.24 227.07 -183.78
N ASN A 320 19.11 227.20 -184.79
CA ASN A 320 18.81 227.86 -186.05
C ASN A 320 19.41 227.03 -187.20
N GLN A 321 18.74 227.05 -188.37
CA GLN A 321 19.27 226.50 -189.60
C GLN A 321 18.85 227.41 -190.75
N ALA A 322 19.71 227.51 -191.77
CA ALA A 322 19.39 228.29 -192.95
C ALA A 322 19.71 227.49 -194.21
N GLY A 323 19.20 227.96 -195.35
CA GLY A 323 19.38 227.27 -196.62
C GLY A 323 20.09 228.15 -197.64
N THR A 324 19.54 228.18 -198.85
CA THR A 324 20.13 228.93 -199.94
C THR A 324 19.03 229.69 -200.67
N VAL A 325 19.43 230.69 -201.47
CA VAL A 325 18.50 231.53 -202.19
C VAL A 325 17.86 230.71 -203.31
N SER A 326 16.52 230.75 -203.35
CA SER A 326 15.72 230.10 -204.38
C SER A 326 15.88 228.59 -204.35
N THR A 327 16.06 228.03 -203.16
CA THR A 327 16.23 226.60 -203.00
C THR A 327 15.25 226.07 -201.97
N ASN A 328 14.65 224.90 -202.26
CA ASN A 328 13.77 224.21 -201.33
C ASN A 328 14.50 223.99 -200.01
N PHE A 329 13.81 224.22 -198.88
CA PHE A 329 14.43 224.18 -197.56
C PHE A 329 13.93 222.96 -196.79
N THR A 330 14.78 221.93 -196.77
CA THR A 330 14.48 220.69 -196.08
C THR A 330 15.18 220.67 -194.72
N GLN A 331 14.39 220.38 -193.70
CA GLN A 331 14.91 220.21 -192.35
C GLN A 331 14.89 218.71 -192.14
N ASP A 332 16.04 218.10 -191.80
CA ASP A 332 16.10 216.65 -191.68
C ASP A 332 15.66 216.18 -190.30
N SER A 333 14.39 215.82 -190.16
CA SER A 333 13.78 215.29 -188.96
C SER A 333 14.20 215.98 -187.66
N ILE A 334 13.60 217.12 -187.36
CA ILE A 334 13.75 217.78 -186.07
C ILE A 334 12.73 217.18 -185.11
N LEU A 335 12.87 217.41 -183.82
CA LEU A 335 12.02 216.69 -182.88
C LEU A 335 11.21 217.64 -182.00
N ILE A 336 9.90 217.40 -181.89
CA ILE A 336 9.05 218.01 -180.88
C ILE A 336 9.22 217.20 -179.61
N GLY A 337 9.77 217.84 -178.58
CA GLY A 337 10.03 217.08 -177.37
C GLY A 337 9.31 217.67 -176.17
N GLU A 338 9.80 217.33 -174.97
CA GLU A 338 9.07 217.61 -173.75
C GLU A 338 9.24 219.07 -173.37
N LYS A 339 10.31 219.73 -173.77
CA LYS A 339 10.42 221.14 -173.43
C LYS A 339 9.98 221.97 -174.63
N PRO A 340 9.93 223.32 -174.55
CA PRO A 340 9.33 224.14 -175.60
C PRO A 340 9.69 223.81 -177.05
N ASN A 341 8.70 223.90 -177.94
CA ASN A 341 8.93 223.50 -179.32
C ASN A 341 8.29 224.53 -180.23
N ASP A 342 9.07 225.16 -181.11
CA ASP A 342 8.58 226.22 -181.97
C ASP A 342 9.44 226.27 -183.24
N ASN A 343 9.06 227.12 -184.21
CA ASN A 343 9.86 227.31 -185.42
C ASN A 343 9.43 228.59 -186.13
N THR A 344 10.39 229.49 -186.42
CA THR A 344 10.09 230.70 -187.15
C THR A 344 10.78 230.65 -188.51
N ILE A 345 10.03 230.33 -189.56
CA ILE A 345 10.58 230.23 -190.91
C ILE A 345 10.54 231.61 -191.57
N THR A 346 11.72 232.18 -191.82
CA THR A 346 11.85 233.53 -192.34
C THR A 346 12.29 233.49 -193.80
N ASN A 347 11.54 234.19 -194.64
CA ASN A 347 11.81 234.23 -196.07
C ASN A 347 12.29 235.62 -196.44
N SER A 348 13.54 235.73 -196.90
CA SER A 348 14.16 237.02 -197.15
C SER A 348 14.37 237.25 -198.65
N LEU A 349 14.22 238.51 -199.08
CA LEU A 349 14.48 238.89 -200.45
C LEU A 349 15.34 240.14 -200.46
N PRO A 350 16.44 240.16 -201.24
CA PRO A 350 17.28 241.36 -201.29
C PRO A 350 16.57 242.50 -202.00
N ASP A 351 16.73 243.72 -201.50
CA ASP A 351 16.01 244.89 -202.02
C ASP A 351 16.80 245.44 -203.20
N VAL A 352 16.10 245.79 -204.27
CA VAL A 352 16.70 246.18 -205.54
C VAL A 352 17.66 247.36 -205.34
N THR A 353 18.88 247.20 -205.87
CA THR A 353 19.95 248.18 -205.74
C THR A 353 19.55 249.50 -206.39
N PRO A 354 19.73 250.65 -205.70
CA PRO A 354 19.54 251.97 -206.31
C PRO A 354 20.65 252.37 -207.30
N ASN B 12 -17.08 105.22 -108.41
CA ASN B 12 -16.84 105.53 -109.85
C ASN B 12 -18.12 106.11 -110.46
N ASP B 13 -19.28 105.62 -109.99
CA ASP B 13 -20.60 106.10 -110.39
C ASP B 13 -20.92 107.45 -109.76
N VAL B 14 -20.34 107.74 -108.59
CA VAL B 14 -20.46 109.05 -107.99
C VAL B 14 -19.41 109.97 -108.62
N ALA B 15 -19.71 110.41 -109.86
CA ALA B 15 -18.89 111.24 -110.72
C ALA B 15 -17.51 110.62 -111.01
N THR B 16 -16.71 111.38 -111.75
CA THR B 16 -15.38 110.98 -112.19
C THR B 16 -14.40 110.77 -111.02
N ALA B 17 -14.03 109.51 -110.78
CA ALA B 17 -13.01 109.13 -109.81
C ALA B 17 -11.93 108.39 -110.58
N LYS B 18 -11.43 107.24 -110.11
CA LYS B 18 -10.66 106.36 -110.98
C LYS B 18 -11.38 105.02 -111.10
N ALA B 19 -11.06 104.26 -112.14
CA ALA B 19 -11.79 103.03 -112.39
C ALA B 19 -10.91 102.01 -113.09
N THR B 20 -11.27 100.74 -112.90
CA THR B 20 -10.53 99.58 -113.36
C THR B 20 -11.34 98.32 -112.99
N GLY B 21 -11.19 97.23 -113.75
CA GLY B 21 -11.86 96.00 -113.37
C GLY B 21 -10.87 94.90 -112.99
N GLU B 22 -10.65 94.67 -111.68
CA GLU B 22 -9.75 93.66 -111.17
C GLU B 22 -8.33 93.88 -111.71
N THR B 23 -8.15 95.02 -112.37
CA THR B 23 -6.87 95.43 -112.94
C THR B 23 -6.45 96.71 -112.22
N SER B 24 -5.15 97.02 -112.23
CA SER B 24 -4.67 98.26 -111.63
C SER B 24 -5.14 99.45 -112.46
N ALA B 25 -5.43 100.57 -111.78
CA ALA B 25 -5.84 101.79 -112.44
C ALA B 25 -4.59 102.51 -112.93
N LYS B 26 -4.74 103.34 -113.96
CA LYS B 26 -3.62 104.10 -114.50
C LYS B 26 -3.92 105.60 -114.36
N VAL B 27 -2.97 106.37 -113.82
CA VAL B 27 -3.11 107.81 -113.65
C VAL B 27 -1.86 108.54 -114.12
N SER B 28 -2.06 109.65 -114.84
CA SER B 28 -1.01 110.53 -115.33
C SER B 28 -1.28 111.96 -114.88
N ILE B 29 -0.26 112.60 -114.31
CA ILE B 29 -0.32 114.01 -113.97
C ILE B 29 0.07 114.83 -115.18
N ASN B 30 -0.81 115.76 -115.56
CA ASN B 30 -0.63 116.62 -116.71
C ASN B 30 -0.13 117.97 -116.22
N LYS B 31 0.96 118.47 -116.80
CA LYS B 31 1.46 119.79 -116.48
C LYS B 31 1.08 120.75 -117.62
N VAL B 32 0.37 121.82 -117.27
CA VAL B 32 0.01 122.83 -118.25
C VAL B 32 0.97 124.00 -118.11
N LEU B 33 1.56 124.41 -119.24
CA LEU B 33 2.49 125.54 -119.23
C LEU B 33 1.94 126.65 -120.13
N ASN B 34 1.72 127.80 -119.49
CA ASN B 34 1.22 128.99 -120.16
C ASN B 34 2.39 129.73 -120.77
N ILE B 35 2.17 130.27 -121.96
CA ILE B 35 3.25 130.87 -122.72
C ILE B 35 2.67 131.88 -123.70
N ALA B 36 3.49 132.87 -124.07
CA ALA B 36 3.12 133.82 -125.09
C ALA B 36 3.60 133.36 -126.46
N GLU B 37 3.11 134.02 -127.52
CA GLU B 37 3.22 133.57 -128.90
C GLU B 37 4.68 133.54 -129.36
N GLY B 38 5.38 134.64 -129.16
CA GLY B 38 6.69 134.84 -129.74
C GLY B 38 7.75 133.94 -129.13
N ILE B 39 7.58 133.65 -127.83
CA ILE B 39 8.60 133.03 -127.01
C ILE B 39 8.84 131.58 -127.43
N THR B 40 10.12 131.19 -127.45
CA THR B 40 10.52 129.81 -127.66
C THR B 40 10.58 129.12 -126.31
N THR B 41 10.00 127.90 -126.27
CA THR B 41 9.86 127.08 -125.07
C THR B 41 11.19 126.99 -124.34
N PRO B 42 11.24 127.31 -123.03
CA PRO B 42 12.48 127.20 -122.26
C PRO B 42 12.78 125.73 -121.99
N GLU B 43 13.94 125.50 -121.39
CA GLU B 43 14.35 124.15 -121.04
C GLU B 43 14.28 124.03 -119.52
N ALA B 44 13.16 123.49 -119.03
CA ALA B 44 12.90 123.43 -117.61
C ALA B 44 12.24 122.10 -117.26
N THR B 45 12.38 121.69 -116.00
CA THR B 45 11.75 120.47 -115.54
C THR B 45 10.90 120.78 -114.31
N PHE B 46 9.80 120.05 -114.18
CA PHE B 46 8.93 120.25 -113.03
C PHE B 46 8.86 118.96 -112.25
N THR B 47 8.89 119.09 -110.93
CA THR B 47 8.96 117.94 -110.04
C THR B 47 7.77 117.94 -109.09
N PHE B 48 7.20 116.75 -108.90
CA PHE B 48 6.03 116.56 -108.05
C PHE B 48 6.37 115.60 -106.91
N THR B 49 6.04 116.05 -105.70
CA THR B 49 6.33 115.35 -104.45
C THR B 49 5.10 114.57 -104.05
N PHE B 50 5.32 113.32 -103.66
CA PHE B 50 4.28 112.45 -103.11
C PHE B 50 4.65 112.13 -101.68
N THR B 51 4.25 113.02 -100.76
CA THR B 51 4.60 112.90 -99.36
C THR B 51 3.42 112.25 -98.63
N PRO B 52 3.63 111.11 -97.94
CA PRO B 52 2.54 110.41 -97.27
C PRO B 52 1.91 111.23 -96.15
N LYS B 53 0.64 110.93 -95.86
CA LYS B 53 -0.10 111.63 -94.83
C LYS B 53 -0.86 110.62 -93.98
N THR B 54 -1.02 110.92 -92.70
CA THR B 54 -1.71 110.05 -91.78
C THR B 54 -3.10 110.60 -91.50
N GLY B 55 -3.92 109.80 -90.82
CA GLY B 55 -5.31 110.15 -90.58
C GLY B 55 -6.13 108.89 -90.42
N THR B 56 -7.42 108.94 -90.77
CA THR B 56 -8.29 107.79 -90.58
C THR B 56 -9.25 107.70 -91.75
N SER B 57 -9.69 106.49 -92.10
CA SER B 57 -10.74 106.30 -93.09
C SER B 57 -11.99 105.75 -92.42
N SER B 58 -12.99 105.36 -93.24
CA SER B 58 -14.19 104.70 -92.68
C SER B 58 -13.84 103.37 -92.01
N ASN B 59 -12.95 102.60 -92.64
CA ASN B 59 -12.23 101.54 -91.95
C ASN B 59 -11.25 102.25 -91.01
N GLY B 60 -11.57 102.24 -89.71
CA GLY B 60 -10.62 102.75 -88.73
C GLY B 60 -9.24 102.17 -89.04
N ALA B 61 -8.31 103.00 -89.48
CA ALA B 61 -6.98 102.60 -89.86
C ALA B 61 -6.17 103.88 -89.87
N PRO B 62 -4.87 103.84 -89.52
CA PRO B 62 -3.99 105.00 -89.70
C PRO B 62 -3.66 105.14 -91.19
N TYR B 63 -4.70 105.35 -92.01
CA TYR B 63 -4.57 105.27 -93.45
C TYR B 63 -3.84 103.96 -93.68
N GLU B 64 -2.66 104.02 -94.27
CA GLU B 64 -1.75 102.89 -94.30
C GLU B 64 -0.35 103.46 -94.29
N THR B 65 0.56 102.73 -93.68
CA THR B 65 1.81 103.31 -93.22
C THR B 65 2.99 102.56 -93.81
N ILE B 66 2.83 102.04 -95.03
CA ILE B 66 3.97 101.65 -95.84
C ILE B 66 4.41 102.85 -96.67
N ASP B 67 5.42 103.56 -96.16
CA ASP B 67 6.21 104.48 -96.95
C ASP B 67 7.65 103.96 -97.01
N SER B 68 7.87 102.71 -96.57
CA SER B 68 9.19 102.13 -96.47
C SER B 68 9.40 101.20 -97.66
N SER B 69 9.62 101.80 -98.83
CA SER B 69 9.99 101.09 -100.04
C SER B 69 8.77 100.41 -100.63
N ASN B 70 7.88 99.88 -99.80
CA ASN B 70 6.59 99.39 -100.25
C ASN B 70 5.60 100.54 -100.14
N GLY B 71 4.83 100.79 -101.20
CA GLY B 71 3.93 101.93 -101.23
C GLY B 71 4.63 103.28 -101.11
N GLN B 72 5.87 103.40 -101.59
CA GLN B 72 6.53 104.69 -101.66
C GLN B 72 6.47 105.18 -103.10
N ILE B 73 5.68 106.23 -103.36
CA ILE B 73 5.61 106.80 -104.69
C ILE B 73 6.74 107.81 -104.83
N THR B 74 7.73 107.43 -105.64
CA THR B 74 8.89 108.27 -105.89
C THR B 74 8.44 109.48 -106.70
N ASP B 75 9.27 110.53 -106.68
CA ASP B 75 8.92 111.78 -107.34
C ASP B 75 8.97 111.58 -108.85
N LYS B 76 8.07 112.27 -109.55
CA LYS B 76 7.91 112.12 -111.00
C LYS B 76 8.15 113.47 -111.67
N ASN B 77 8.69 113.40 -112.91
CA ASN B 77 9.16 114.57 -113.64
C ASN B 77 8.50 114.70 -115.01
N VAL B 78 8.27 115.96 -115.40
CA VAL B 78 7.88 116.37 -116.74
C VAL B 78 8.86 117.45 -117.18
N SER B 79 9.53 117.23 -118.32
CA SER B 79 10.50 118.17 -118.86
C SER B 79 9.94 118.90 -120.08
N TYR B 80 10.43 120.13 -120.28
CA TYR B 80 10.09 120.90 -121.45
C TYR B 80 11.40 121.34 -122.11
N SER B 81 11.39 121.40 -123.44
CA SER B 81 12.59 121.77 -124.19
C SER B 81 12.20 122.72 -125.32
N GLY B 82 13.23 123.27 -125.98
CA GLY B 82 13.04 124.13 -127.14
C GLY B 82 12.25 123.44 -128.25
N THR B 83 12.28 122.11 -128.23
CA THR B 83 11.70 121.26 -129.26
C THR B 83 10.18 121.24 -129.17
N ASP B 84 9.61 121.88 -128.14
CA ASP B 84 8.17 121.92 -127.96
C ASP B 84 7.60 123.19 -128.59
N VAL B 85 6.36 123.09 -129.07
CA VAL B 85 5.70 124.22 -129.71
C VAL B 85 4.20 124.13 -129.43
N LEU B 86 3.62 125.27 -129.01
CA LEU B 86 2.19 125.44 -128.94
C LEU B 86 1.74 125.79 -130.35
N ALA B 87 1.49 124.75 -131.14
CA ALA B 87 1.17 124.93 -132.54
C ALA B 87 -0.21 125.58 -132.67
N THR B 88 -0.22 126.91 -132.76
CA THR B 88 -1.39 127.74 -132.99
C THR B 88 -2.55 127.26 -132.11
N GLY B 89 -2.22 126.88 -130.88
CA GLY B 89 -3.20 126.34 -129.95
C GLY B 89 -3.66 127.41 -128.97
N GLN B 90 -3.89 126.97 -127.72
CA GLN B 90 -4.16 127.89 -126.62
C GLN B 90 -2.82 128.41 -126.08
N THR B 91 -2.86 129.19 -125.00
CA THR B 91 -1.63 129.50 -124.28
C THR B 91 -1.34 128.37 -123.30
N ASN B 92 -1.35 127.13 -123.79
CA ASN B 92 -1.25 125.97 -122.92
C ASN B 92 -0.58 124.85 -123.69
N ILE B 93 0.73 124.76 -123.53
CA ILE B 93 1.45 123.59 -123.97
C ILE B 93 1.46 122.59 -122.80
N LYS B 94 0.66 121.52 -122.96
CA LYS B 94 0.46 120.53 -121.92
C LYS B 94 1.34 119.33 -122.18
N LYS B 95 1.96 118.80 -121.11
CA LYS B 95 2.72 117.56 -121.17
C LYS B 95 2.48 116.75 -119.90
N ASP B 96 2.21 115.44 -120.07
CA ASP B 96 1.81 114.57 -118.98
C ASP B 96 2.94 113.65 -118.59
N THR B 97 2.86 113.08 -117.38
CA THR B 97 3.75 112.04 -116.90
C THR B 97 3.34 110.73 -117.58
N GLY B 98 3.97 109.62 -117.19
CA GLY B 98 3.42 108.32 -117.56
C GLY B 98 2.47 107.86 -116.47
N ASP B 99 2.03 106.59 -116.53
CA ASP B 99 1.39 106.03 -115.36
C ASP B 99 2.35 106.15 -114.19
N ILE B 100 1.94 106.88 -113.14
CA ILE B 100 2.77 107.10 -111.97
C ILE B 100 2.81 105.83 -111.13
N PHE B 101 1.96 104.88 -111.51
CA PHE B 101 1.81 103.63 -110.77
C PHE B 101 2.49 102.48 -111.50
N ARG B 102 3.37 102.81 -112.45
CA ARG B 102 4.28 101.83 -113.02
C ARG B 102 5.46 101.72 -112.06
N GLU B 103 6.00 100.49 -111.91
CA GLU B 103 7.19 100.25 -111.12
C GLU B 103 6.93 100.43 -109.62
N VAL B 104 5.72 100.86 -109.24
CA VAL B 104 5.41 101.01 -107.81
C VAL B 104 4.57 99.81 -107.37
N ASN B 105 4.92 99.24 -106.20
CA ASN B 105 4.30 98.02 -105.73
C ASN B 105 3.79 98.30 -104.32
N TYR B 106 2.68 97.65 -103.95
CA TYR B 106 2.10 97.83 -102.64
C TYR B 106 2.15 96.50 -101.88
N THR B 107 2.45 96.58 -100.58
CA THR B 107 2.56 95.36 -99.79
C THR B 107 1.17 94.77 -99.57
N HIS B 108 0.33 95.55 -98.90
CA HIS B 108 -0.94 95.05 -98.40
C HIS B 108 -2.04 95.95 -98.92
N ALA B 109 -3.26 95.77 -98.42
CA ALA B 109 -4.38 96.57 -98.89
C ALA B 109 -4.62 97.74 -97.94
N GLY B 110 -5.70 98.49 -98.22
CA GLY B 110 -6.09 99.62 -97.40
C GLY B 110 -5.97 100.95 -98.15
N GLU B 111 -6.28 102.04 -97.44
CA GLU B 111 -6.30 103.37 -98.04
C GLU B 111 -4.96 104.06 -97.79
N TYR B 112 -4.31 104.45 -98.89
CA TYR B 112 -2.98 105.03 -98.87
C TYR B 112 -3.10 106.50 -99.30
N VAL B 113 -2.62 107.42 -98.46
CA VAL B 113 -2.85 108.83 -98.72
C VAL B 113 -1.50 109.53 -98.90
N TYR B 114 -1.47 110.43 -99.90
CA TYR B 114 -0.28 111.20 -100.23
C TYR B 114 -0.65 112.67 -100.35
N THR B 115 0.34 113.54 -100.13
CA THR B 115 0.19 114.98 -100.26
C THR B 115 1.02 115.43 -101.46
N VAL B 116 0.33 115.66 -102.58
CA VAL B 116 0.96 115.94 -103.85
C VAL B 116 1.15 117.45 -103.97
N ALA B 117 2.39 117.85 -104.28
CA ALA B 117 2.72 119.25 -104.45
C ALA B 117 3.80 119.37 -105.51
N GLU B 118 4.22 120.60 -105.82
CA GLU B 118 5.28 120.86 -106.77
C GLU B 118 6.30 121.77 -106.12
N LYS B 119 7.59 121.50 -106.36
CA LYS B 119 8.64 122.37 -105.85
C LYS B 119 8.73 123.61 -106.73
N GLN B 120 9.33 124.68 -106.21
CA GLN B 120 9.72 125.82 -107.03
C GLN B 120 11.18 125.60 -107.40
N ASN B 121 11.86 126.64 -107.93
CA ASN B 121 13.28 126.57 -108.29
C ASN B 121 13.75 125.20 -108.82
N VAL B 122 13.12 124.73 -109.91
CA VAL B 122 13.54 123.49 -110.57
C VAL B 122 13.64 123.70 -112.08
N GLY B 123 13.65 124.95 -112.54
CA GLY B 123 13.61 125.20 -113.98
C GLY B 123 14.43 126.41 -114.41
N TRP B 124 14.30 126.74 -115.71
CA TRP B 124 15.19 127.72 -116.32
C TRP B 124 14.58 129.12 -116.42
N LYS B 125 14.22 129.69 -115.28
CA LYS B 125 13.96 131.12 -115.18
C LYS B 125 15.30 131.85 -115.12
N VAL B 126 16.39 131.12 -115.44
CA VAL B 126 17.74 131.57 -115.14
C VAL B 126 18.35 132.24 -116.37
N ILE B 127 17.49 132.64 -117.31
CA ILE B 127 17.94 133.32 -118.51
C ILE B 127 18.13 134.80 -118.16
N GLN B 128 19.23 135.10 -117.47
CA GLN B 128 19.49 136.43 -116.94
C GLN B 128 20.87 136.90 -117.39
N LYS B 129 21.10 138.20 -117.31
CA LYS B 129 22.37 138.81 -117.66
C LYS B 129 22.73 139.80 -116.56
N ASN B 130 23.90 139.60 -115.95
CA ASN B 130 24.40 140.40 -114.85
C ASN B 130 23.38 140.44 -113.72
N GLY B 131 22.66 139.33 -113.54
CA GLY B 131 21.66 139.22 -112.48
C GLY B 131 20.30 139.82 -112.86
N SER B 132 20.29 140.67 -113.91
CA SER B 132 19.07 141.26 -114.43
C SER B 132 18.34 140.25 -115.31
N PRO B 133 17.11 139.83 -114.95
CA PRO B 133 16.43 138.73 -115.63
C PRO B 133 15.74 139.18 -116.91
N ILE B 134 15.47 138.23 -117.81
CA ILE B 134 14.76 138.50 -119.05
C ILE B 134 13.37 137.88 -118.94
N ASP B 135 13.29 136.78 -118.20
CA ASP B 135 12.08 136.00 -118.11
C ASP B 135 11.53 136.04 -116.69
N PHE B 136 10.51 135.22 -116.43
CA PHE B 136 9.82 135.16 -115.15
C PHE B 136 9.00 133.88 -115.07
N MET B 137 9.64 132.81 -114.57
CA MET B 137 8.99 131.53 -114.37
C MET B 137 8.11 131.58 -113.12
N THR B 138 6.81 131.39 -113.32
CA THR B 138 5.88 131.38 -112.20
C THR B 138 5.42 129.95 -111.94
N TYR B 139 5.73 129.45 -110.73
CA TYR B 139 5.41 128.10 -110.32
C TYR B 139 4.05 128.03 -109.66
N ASP B 140 3.58 126.81 -109.49
CA ASP B 140 2.34 126.57 -108.78
C ASP B 140 2.72 125.91 -107.45
N ASN B 141 2.39 126.61 -106.35
CA ASN B 141 2.69 126.11 -105.02
C ASN B 141 1.39 125.68 -104.34
N ARG B 142 0.47 125.10 -105.11
CA ARG B 142 -0.74 124.49 -104.58
C ARG B 142 -0.39 123.21 -103.83
N ASN B 143 -1.23 122.87 -102.85
CA ASN B 143 -1.15 121.60 -102.15
C ASN B 143 -2.37 120.78 -102.52
N TYR B 144 -2.15 119.50 -102.83
CA TYR B 144 -3.19 118.53 -103.17
C TYR B 144 -3.11 117.32 -102.25
N GLU B 145 -4.21 116.55 -102.17
CA GLU B 145 -4.19 115.32 -101.38
C GLU B 145 -4.78 114.20 -102.24
N MET B 146 -4.01 113.12 -102.36
CA MET B 146 -4.36 112.01 -103.24
C MET B 146 -4.65 110.79 -102.40
N HIS B 147 -5.84 110.23 -102.59
CA HIS B 147 -6.22 109.00 -101.91
C HIS B 147 -6.11 107.83 -102.88
N VAL B 148 -5.33 106.82 -102.50
CA VAL B 148 -5.22 105.58 -103.26
C VAL B 148 -5.96 104.51 -102.49
N ILE B 149 -6.88 103.82 -103.17
CA ILE B 149 -7.71 102.79 -102.56
C ILE B 149 -7.31 101.45 -103.17
N VAL B 150 -6.53 100.68 -102.41
CA VAL B 150 -6.02 99.41 -102.88
C VAL B 150 -6.81 98.29 -102.22
N LYS B 151 -7.33 97.39 -103.07
CA LYS B 151 -8.08 96.24 -102.60
C LYS B 151 -7.31 94.98 -102.99
N ASN B 152 -7.76 93.84 -102.47
CA ASN B 152 -7.14 92.58 -102.82
C ASN B 152 -7.92 91.92 -103.96
N LYS B 153 -7.18 91.25 -104.85
CA LYS B 153 -7.77 90.42 -105.88
C LYS B 153 -8.33 89.17 -105.21
N THR B 154 -9.36 88.58 -105.82
CA THR B 154 -9.90 87.30 -105.36
C THR B 154 -8.86 86.20 -105.55
N THR B 155 -7.98 86.39 -106.53
CA THR B 155 -7.01 85.40 -106.96
C THR B 155 -5.68 85.51 -106.21
N GLY B 156 -5.42 86.66 -105.58
CA GLY B 156 -4.20 86.87 -104.85
C GLY B 156 -3.38 88.03 -105.40
N GLY B 157 -3.02 88.96 -104.50
CA GLY B 157 -2.31 90.18 -104.83
C GLY B 157 -3.17 91.43 -104.65
N THR B 158 -2.54 92.59 -104.84
CA THR B 158 -3.21 93.87 -104.69
C THR B 158 -3.49 94.47 -106.06
N TYR B 159 -4.55 95.27 -106.14
CA TYR B 159 -4.87 96.04 -107.33
C TYR B 159 -5.47 97.39 -106.93
N ILE B 160 -5.08 98.43 -107.66
CA ILE B 160 -5.50 99.79 -107.41
C ILE B 160 -6.92 99.96 -107.92
N SER B 161 -7.86 100.01 -106.96
CA SER B 161 -9.27 100.04 -107.29
C SER B 161 -9.66 101.45 -107.72
N SER B 162 -9.24 102.44 -106.92
CA SER B 162 -9.71 103.80 -107.07
C SER B 162 -8.67 104.80 -106.58
N VAL B 163 -8.69 105.98 -107.19
CA VAL B 163 -7.87 107.12 -106.79
C VAL B 163 -8.66 108.39 -107.06
N TYR B 164 -8.69 109.29 -106.07
CA TYR B 164 -9.25 110.60 -106.30
C TYR B 164 -8.33 111.62 -105.62
N PHE B 165 -8.47 112.88 -106.02
CA PHE B 165 -7.69 113.98 -105.47
C PHE B 165 -8.63 114.99 -104.83
N LYS B 166 -8.05 115.86 -104.00
CA LYS B 166 -8.81 116.94 -103.38
C LYS B 166 -7.82 118.07 -103.16
N GLN B 167 -8.12 119.30 -103.57
CA GLN B 167 -7.17 120.35 -103.26
C GLN B 167 -7.22 120.61 -101.76
N VAL B 168 -6.06 120.72 -101.12
CA VAL B 168 -5.97 120.92 -99.67
C VAL B 168 -5.86 122.41 -99.34
N SER B 169 -5.12 123.20 -100.15
CA SER B 169 -5.07 124.64 -99.97
C SER B 169 -6.48 125.25 -99.92
N PRO B 170 -7.36 125.00 -100.92
CA PRO B 170 -8.79 125.34 -100.77
C PRO B 170 -9.53 124.50 -99.75
N SER B 171 -10.30 125.14 -98.86
CA SER B 171 -11.15 124.43 -97.92
C SER B 171 -12.54 124.27 -98.51
N VAL B 172 -13.33 123.33 -97.98
CA VAL B 172 -14.67 122.99 -98.48
C VAL B 172 -14.74 123.10 -100.01
N ASN B 173 -13.82 122.39 -100.68
CA ASN B 173 -13.80 122.30 -102.14
C ASN B 173 -14.41 120.95 -102.48
N GLY B 174 -13.99 120.36 -103.60
CA GLY B 174 -14.62 119.16 -104.11
C GLY B 174 -13.62 118.25 -104.81
N LYS B 175 -14.11 117.08 -105.22
CA LYS B 175 -13.27 116.10 -105.88
C LYS B 175 -12.75 116.65 -107.20
N VAL B 176 -11.44 116.45 -107.44
CA VAL B 176 -10.81 117.02 -108.61
C VAL B 176 -11.21 116.20 -109.83
N LYS B 177 -11.76 116.92 -110.82
CA LYS B 177 -12.25 116.35 -112.06
C LYS B 177 -11.05 116.00 -112.94
N PRO B 178 -11.20 115.06 -113.90
CA PRO B 178 -10.09 114.67 -114.77
C PRO B 178 -9.91 115.62 -115.94
N SER B 179 -8.98 115.27 -116.84
CA SER B 179 -8.73 116.05 -118.03
C SER B 179 -9.26 115.28 -119.23
N GLU B 180 -8.58 114.19 -119.57
CA GLU B 180 -9.15 113.22 -120.49
C GLU B 180 -9.41 111.92 -119.74
N SER B 181 -10.68 111.58 -119.56
CA SER B 181 -11.02 110.35 -118.88
C SER B 181 -10.90 109.19 -119.86
N GLY B 182 -10.67 108.00 -119.34
CA GLY B 182 -10.45 106.80 -120.14
C GLY B 182 -9.69 105.77 -119.32
N THR B 183 -8.96 104.88 -120.00
CA THR B 183 -8.11 103.89 -119.37
C THR B 183 -7.09 104.59 -118.48
N THR B 184 -6.24 105.40 -119.11
CA THR B 184 -5.27 106.24 -118.43
C THR B 184 -5.90 107.59 -118.13
N TYR B 185 -6.40 107.74 -116.91
CA TYR B 185 -6.95 109.00 -116.45
C TYR B 185 -5.84 110.03 -116.37
N LYS B 186 -6.00 111.12 -117.11
CA LYS B 186 -5.08 112.26 -117.04
C LYS B 186 -5.71 113.32 -116.16
N TYR B 187 -4.89 114.02 -115.36
CA TYR B 187 -5.37 115.05 -114.45
C TYR B 187 -4.50 116.29 -114.60
N ASP B 188 -5.08 117.42 -115.04
CA ASP B 188 -4.35 118.67 -115.22
C ASP B 188 -4.20 119.36 -113.87
N LEU B 189 -3.24 118.88 -113.06
CA LEU B 189 -3.04 119.36 -111.70
C LEU B 189 -2.36 120.73 -111.67
N PHE B 190 -1.13 120.82 -112.17
CA PHE B 190 -0.33 122.01 -111.95
C PHE B 190 -0.25 122.83 -113.22
N THR B 191 -0.50 124.13 -113.10
CA THR B 191 -0.42 125.03 -114.23
C THR B 191 0.59 126.13 -113.92
N ASN B 192 1.57 126.26 -114.82
CA ASN B 192 2.71 127.14 -114.64
C ASN B 192 2.68 128.21 -115.72
N ILE B 193 3.37 129.34 -115.50
CA ILE B 193 3.35 130.42 -116.47
C ILE B 193 4.78 130.89 -116.72
N TYR B 194 5.15 130.96 -118.00
CA TYR B 194 6.45 131.47 -118.38
C TYR B 194 6.28 132.82 -119.07
N ARG B 195 6.55 133.89 -118.31
CA ARG B 195 6.55 135.24 -118.86
C ARG B 195 7.97 135.54 -119.33
N LYS B 196 8.13 136.20 -120.48
CA LYS B 196 9.46 136.66 -120.88
C LYS B 196 9.35 138.05 -121.50
N ASN B 197 9.88 139.06 -120.80
CA ASN B 197 10.01 140.41 -121.32
C ASN B 197 11.13 140.34 -122.35
N ALA B 198 10.80 139.96 -123.58
CA ALA B 198 11.85 139.68 -124.54
C ALA B 198 11.39 140.40 -125.78
N GLY B 199 11.39 141.72 -125.79
CA GLY B 199 11.34 142.37 -127.07
C GLY B 199 12.77 142.81 -127.33
N LYS B 200 13.43 142.25 -128.35
CA LYS B 200 14.79 142.66 -128.73
C LYS B 200 15.80 142.32 -127.63
N ILE B 201 15.33 141.89 -126.47
CA ILE B 201 16.22 141.58 -125.37
C ILE B 201 17.10 140.41 -125.81
N THR B 202 16.55 139.57 -126.70
CA THR B 202 17.38 138.55 -127.31
C THR B 202 17.98 139.14 -128.58
N ASP B 203 19.15 139.77 -128.50
CA ASP B 203 19.75 140.54 -129.60
C ASP B 203 19.71 139.96 -131.03
N PRO B 204 20.20 138.71 -131.27
CA PRO B 204 20.33 138.18 -132.64
C PRO B 204 19.11 137.82 -133.49
N ASN B 205 19.35 137.63 -134.80
CA ASN B 205 18.30 137.21 -135.71
C ASN B 205 17.86 135.81 -135.28
N GLU B 206 18.80 134.85 -135.36
CA GLU B 206 18.55 133.47 -134.96
C GLU B 206 19.67 133.01 -134.02
N PRO B 207 19.57 133.27 -132.70
CA PRO B 207 20.54 132.77 -131.73
C PRO B 207 20.16 131.36 -131.29
N ASN B 208 20.77 130.87 -130.20
CA ASN B 208 20.26 129.65 -129.61
C ASN B 208 19.08 130.11 -128.77
N PRO B 209 17.83 129.82 -129.19
CA PRO B 209 16.63 130.31 -128.50
C PRO B 209 16.80 130.77 -127.06
N ASN B 210 17.09 129.83 -126.15
CA ASN B 210 17.14 130.14 -124.73
C ASN B 210 18.56 130.54 -124.32
N LYS B 211 19.57 129.81 -124.82
CA LYS B 211 20.95 130.05 -124.40
C LYS B 211 21.80 130.58 -125.56
N PRO B 212 21.67 131.86 -125.99
CA PRO B 212 22.33 132.33 -127.20
C PRO B 212 23.81 131.94 -127.35
N SER B 215 24.02 135.39 -123.39
CA SER B 215 25.27 135.68 -124.14
C SER B 215 25.10 136.87 -125.08
N LYS B 216 24.62 136.61 -126.30
CA LYS B 216 24.21 137.67 -127.19
C LYS B 216 22.82 138.12 -126.74
N VAL B 217 22.80 138.81 -125.60
CA VAL B 217 21.58 139.30 -124.98
C VAL B 217 21.87 140.64 -124.33
N ASP B 218 20.92 141.57 -124.45
CA ASP B 218 21.02 142.86 -123.75
C ASP B 218 19.75 143.05 -122.93
N PRO B 219 19.79 142.91 -121.58
CA PRO B 219 18.58 143.03 -120.77
C PRO B 219 18.01 144.45 -120.75
N ASN B 220 18.75 145.44 -121.24
CA ASN B 220 18.32 146.82 -121.23
C ASN B 220 18.01 147.29 -122.64
N ALA B 221 17.94 146.33 -123.59
CA ALA B 221 17.61 146.67 -124.96
C ALA B 221 16.15 147.08 -125.01
N LYS B 222 15.84 148.06 -125.87
CA LYS B 222 14.46 148.47 -126.09
C LYS B 222 13.71 147.33 -126.75
N SER B 223 12.41 147.24 -126.45
CA SER B 223 11.60 146.16 -127.00
C SER B 223 11.23 146.48 -128.44
N LEU B 224 10.49 147.59 -128.61
CA LEU B 224 10.02 147.99 -129.92
C LEU B 224 10.42 149.43 -130.19
N VAL B 225 10.89 149.68 -131.41
CA VAL B 225 11.30 150.99 -131.86
C VAL B 225 10.57 151.27 -133.18
N ILE B 226 9.83 152.37 -133.25
CA ILE B 226 9.11 152.74 -134.46
C ILE B 226 9.62 154.09 -134.94
N LYS B 227 10.24 154.10 -136.13
CA LYS B 227 10.76 155.31 -136.75
C LYS B 227 9.80 155.79 -137.82
N LYS B 228 9.67 157.12 -137.93
CA LYS B 228 9.02 157.73 -139.08
C LYS B 228 10.09 158.31 -139.99
N VAL B 229 10.18 157.75 -141.20
CA VAL B 229 11.14 158.16 -142.19
C VAL B 229 10.38 158.91 -143.28
N VAL B 230 11.00 159.99 -143.79
CA VAL B 230 10.44 160.69 -144.93
C VAL B 230 11.44 160.61 -146.08
N SER B 231 10.94 160.25 -147.27
CA SER B 231 11.76 160.07 -148.46
C SER B 231 11.34 161.06 -149.53
N GLY B 232 12.33 161.57 -150.29
CA GLY B 232 12.09 162.46 -151.42
C GLY B 232 12.55 163.89 -151.12
N ALA B 233 13.00 164.61 -152.14
CA ALA B 233 13.63 165.91 -151.97
C ALA B 233 12.59 166.99 -151.68
N THR B 234 11.47 166.91 -152.39
CA THR B 234 10.41 167.90 -152.28
C THR B 234 9.39 167.45 -151.25
N ALA B 235 9.86 166.70 -150.24
CA ALA B 235 9.01 166.14 -149.20
C ALA B 235 9.30 166.81 -147.86
N ASP B 236 8.22 166.96 -147.08
CA ASP B 236 8.24 167.70 -145.83
C ASP B 236 8.85 166.83 -144.74
N LYS B 237 9.86 167.39 -144.05
CA LYS B 237 10.54 166.66 -143.00
C LYS B 237 9.91 167.00 -141.65
N SER B 238 9.00 167.99 -141.67
CA SER B 238 8.44 168.54 -140.45
C SER B 238 6.93 168.29 -140.38
N LYS B 239 6.38 167.61 -141.39
CA LYS B 239 4.98 167.23 -141.36
C LYS B 239 4.80 166.16 -140.29
N ASP B 240 3.77 166.35 -139.45
CA ASP B 240 3.43 165.41 -138.41
C ASP B 240 2.42 164.40 -138.96
N PHE B 241 2.91 163.18 -139.20
CA PHE B 241 2.09 162.10 -139.72
C PHE B 241 1.39 161.39 -138.57
N THR B 242 0.13 161.04 -138.79
CA THR B 242 -0.76 160.54 -137.76
C THR B 242 -0.84 159.01 -137.81
N PHE B 243 -0.56 158.40 -136.66
CA PHE B 243 -0.55 156.95 -136.51
C PHE B 243 -1.56 156.54 -135.43
N LYS B 244 -2.43 155.59 -135.78
CA LYS B 244 -3.32 154.94 -134.84
C LYS B 244 -2.73 153.58 -134.48
N LEU B 245 -2.24 153.45 -133.25
CA LEU B 245 -1.67 152.19 -132.79
C LEU B 245 -2.57 151.56 -131.74
N THR B 246 -2.76 150.24 -131.84
CA THR B 246 -3.63 149.52 -130.92
C THR B 246 -2.92 148.24 -130.49
N PHE B 247 -2.45 148.13 -129.24
CA PHE B 247 -1.73 146.95 -128.81
C PHE B 247 -2.71 145.93 -128.21
N THR B 248 -2.65 144.67 -128.66
CA THR B 248 -3.64 143.68 -128.28
C THR B 248 -3.26 142.88 -127.04
N LYS B 249 -2.26 143.32 -126.29
CA LYS B 249 -1.88 142.66 -125.03
C LYS B 249 -1.35 141.25 -125.30
N ALA B 250 -1.11 140.48 -124.26
CA ALA B 250 -0.62 139.11 -124.45
C ALA B 250 -1.33 138.19 -123.46
N SER B 251 -1.16 136.88 -123.66
CA SER B 251 -1.78 135.88 -122.82
C SER B 251 -1.19 135.94 -121.41
N THR B 252 0.14 135.93 -121.36
CA THR B 252 0.88 135.92 -120.11
C THR B 252 0.89 137.31 -119.48
N GLU B 253 0.56 138.36 -120.25
CA GLU B 253 0.69 139.73 -119.76
C GLU B 253 -0.53 140.07 -118.93
N THR B 254 -0.32 140.20 -117.62
CA THR B 254 -1.38 140.66 -116.74
C THR B 254 -1.27 142.18 -116.68
N SER B 255 -0.01 142.62 -116.66
CA SER B 255 0.39 144.00 -116.41
C SER B 255 -0.53 144.69 -115.40
N GLN B 256 -1.28 145.68 -115.88
CA GLN B 256 -2.26 146.36 -115.06
C GLN B 256 -3.11 147.16 -116.03
N SER B 257 -4.19 146.55 -116.56
CA SER B 257 -4.86 147.06 -117.75
C SER B 257 -3.84 147.39 -118.85
N ILE B 258 -2.84 146.53 -118.99
CA ILE B 258 -1.74 146.64 -119.92
C ILE B 258 -1.37 148.09 -120.25
N THR B 259 -1.17 148.90 -119.21
CA THR B 259 -0.78 150.29 -119.37
C THR B 259 0.74 150.36 -119.50
N GLY B 260 1.41 149.20 -119.34
CA GLY B 260 2.86 149.14 -119.31
C GLY B 260 3.49 149.56 -120.63
N LYS B 261 2.68 149.84 -121.65
CA LYS B 261 3.25 150.22 -122.94
C LYS B 261 3.52 151.72 -122.91
N ILE B 262 4.46 152.12 -122.06
CA ILE B 262 4.86 153.52 -121.97
C ILE B 262 5.86 153.79 -123.09
N GLY B 263 5.96 155.05 -123.50
CA GLY B 263 6.77 155.40 -124.64
C GLY B 263 7.69 156.57 -124.31
N GLU B 264 8.73 156.75 -125.13
CA GLU B 264 9.78 157.72 -124.86
C GLU B 264 9.83 158.77 -125.97
N THR B 265 8.75 159.56 -126.03
CA THR B 265 8.76 160.76 -126.84
C THR B 265 9.07 161.96 -125.95
N SER B 266 9.95 161.76 -124.97
CA SER B 266 10.34 162.74 -123.98
C SER B 266 9.17 163.15 -123.10
N LYS B 267 8.11 162.33 -123.11
CA LYS B 267 6.95 162.51 -122.26
C LYS B 267 6.40 161.15 -121.92
N THR B 268 5.09 161.05 -121.73
CA THR B 268 4.47 159.90 -121.07
C THR B 268 3.23 159.51 -121.85
N PHE B 269 3.40 158.60 -122.82
CA PHE B 269 2.26 158.09 -123.57
C PHE B 269 1.90 156.70 -123.07
N VAL B 270 0.92 156.67 -122.17
CA VAL B 270 0.48 155.41 -121.58
C VAL B 270 -0.47 154.77 -122.59
N TYR B 271 0.00 153.69 -123.21
CA TYR B 271 -0.82 153.03 -124.20
C TYR B 271 -1.48 151.84 -123.53
N GLY B 272 -2.73 152.02 -123.09
CA GLY B 272 -3.51 150.91 -122.58
C GLY B 272 -3.74 149.90 -123.70
N GLN B 273 -4.66 150.19 -124.61
CA GLN B 273 -5.05 149.23 -125.62
C GLN B 273 -5.46 149.93 -126.92
N GLU B 274 -5.64 151.26 -126.91
CA GLU B 274 -6.13 151.98 -128.09
C GLU B 274 -5.64 153.42 -128.03
N THR B 275 -4.95 153.90 -129.08
CA THR B 275 -4.35 155.22 -129.01
C THR B 275 -4.09 155.80 -130.40
N THR B 276 -3.54 157.03 -130.40
CA THR B 276 -3.16 157.75 -131.61
C THR B 276 -1.99 158.68 -131.28
N ILE B 277 -1.02 158.74 -132.19
CA ILE B 277 0.21 159.49 -131.99
C ILE B 277 0.60 160.18 -133.29
N THR B 278 1.64 161.03 -133.25
CA THR B 278 2.11 161.77 -134.42
C THR B 278 3.64 161.78 -134.44
N LEU B 279 4.22 161.74 -135.66
CA LEU B 279 5.66 161.69 -135.83
C LEU B 279 6.09 162.52 -137.04
N ARG B 280 7.34 162.99 -137.00
CA ARG B 280 8.03 163.65 -138.10
C ARG B 280 9.19 162.75 -138.56
N HIS B 281 9.93 163.20 -139.59
CA HIS B 281 11.07 162.47 -140.11
C HIS B 281 12.10 162.28 -139.01
N ASP B 282 12.72 161.09 -139.00
CA ASP B 282 13.76 160.72 -138.04
C ASP B 282 13.27 160.91 -136.60
N GLN B 283 11.95 160.78 -136.38
CA GLN B 283 11.37 160.83 -135.05
C GLN B 283 10.80 159.46 -134.69
N SER B 284 11.06 158.99 -133.46
CA SER B 284 10.78 157.62 -133.06
C SER B 284 10.14 157.55 -131.68
N LEU B 285 9.29 156.52 -131.48
CA LEU B 285 8.76 156.22 -130.17
C LEU B 285 9.17 154.81 -129.76
N VAL B 286 9.92 154.73 -128.66
CA VAL B 286 10.47 153.48 -128.19
C VAL B 286 9.69 153.01 -126.97
N PHE B 287 9.36 151.72 -126.96
CA PHE B 287 8.87 151.06 -125.76
C PHE B 287 10.01 150.21 -125.23
N ASP B 288 10.44 150.50 -124.01
CA ASP B 288 11.55 149.79 -123.40
C ASP B 288 11.01 148.59 -122.61
N THR B 289 11.75 147.49 -122.70
CA THR B 289 11.55 146.27 -121.92
C THR B 289 10.06 145.92 -121.75
N ILE B 290 9.43 145.49 -122.84
CA ILE B 290 8.01 145.18 -122.86
C ILE B 290 7.86 143.69 -123.18
N PRO B 291 6.85 142.98 -122.60
CA PRO B 291 6.71 141.54 -122.79
C PRO B 291 6.53 141.10 -124.25
N ALA B 292 6.82 139.83 -124.51
CA ALA B 292 6.67 139.24 -125.82
C ALA B 292 5.22 138.79 -126.00
N GLY B 293 4.91 138.27 -127.19
CA GLY B 293 3.58 137.80 -127.48
C GLY B 293 2.58 138.94 -127.68
N THR B 294 3.04 140.18 -127.57
CA THR B 294 2.15 141.32 -127.65
C THR B 294 2.00 141.70 -129.13
N ARG B 295 0.75 141.70 -129.61
CA ARG B 295 0.46 142.07 -130.98
C ARG B 295 0.08 143.55 -131.03
N TYR B 296 0.17 144.16 -132.22
CA TYR B 296 -0.13 145.58 -132.38
C TYR B 296 -0.66 145.85 -133.79
N LYS B 297 -1.58 146.82 -133.88
CA LYS B 297 -2.19 147.24 -135.12
C LYS B 297 -1.69 148.65 -135.44
N LEU B 298 -1.03 148.78 -136.61
CA LEU B 298 -0.55 150.08 -137.04
C LEU B 298 -1.47 150.56 -138.15
N VAL B 299 -1.92 151.82 -138.03
CA VAL B 299 -2.77 152.45 -139.03
C VAL B 299 -2.34 153.90 -139.18
N GLU B 300 -1.72 154.21 -140.33
CA GLU B 300 -1.36 155.59 -140.63
C GLU B 300 -2.42 156.21 -141.53
N THR B 301 -2.92 157.36 -141.12
CA THR B 301 -3.79 158.15 -141.99
C THR B 301 -2.98 158.58 -143.22
N GLY B 302 -3.39 158.08 -144.39
CA GLY B 302 -2.62 158.28 -145.62
C GLY B 302 -2.72 159.72 -146.12
N SER B 303 -1.56 160.40 -146.20
CA SER B 303 -1.49 161.80 -146.61
C SER B 303 -1.55 161.92 -148.13
N GLN B 304 -2.00 163.08 -148.63
CA GLN B 304 -2.17 163.31 -150.06
C GLN B 304 -0.82 163.23 -150.77
N GLY B 305 -0.64 162.20 -151.60
CA GLY B 305 0.50 162.06 -152.50
C GLY B 305 1.69 161.32 -151.88
N TYR B 306 1.49 160.75 -150.68
CA TYR B 306 2.57 160.11 -149.97
C TYR B 306 2.40 158.60 -150.01
N THR B 307 3.29 157.92 -150.71
CA THR B 307 3.27 156.46 -150.73
C THR B 307 3.92 155.97 -149.44
N ALA B 308 3.19 155.17 -148.66
CA ALA B 308 3.65 154.71 -147.35
C ALA B 308 4.14 153.27 -147.46
N SER B 309 5.25 152.97 -146.79
CA SER B 309 5.88 151.65 -146.83
C SER B 309 6.48 151.37 -145.46
N ALA B 310 6.94 150.14 -145.22
CA ALA B 310 7.43 149.76 -143.89
C ALA B 310 8.42 148.60 -143.99
N ALA B 311 9.43 148.63 -143.10
CA ALA B 311 10.41 147.55 -142.99
C ALA B 311 10.56 147.21 -141.51
N TYR B 312 9.88 146.14 -141.09
CA TYR B 312 9.74 145.82 -139.68
C TYR B 312 10.54 144.57 -139.32
N LYS B 313 10.38 144.13 -138.06
CA LYS B 313 11.02 142.93 -137.55
C LYS B 313 10.08 142.23 -136.58
N GLU B 314 9.23 141.36 -137.14
CA GLU B 314 8.37 140.47 -136.39
C GLU B 314 9.23 139.31 -135.89
N ASN B 315 9.55 139.30 -134.59
CA ASN B 315 10.29 138.23 -133.95
C ASN B 315 11.59 137.97 -134.69
N GLY B 316 12.43 138.99 -134.87
CA GLY B 316 13.80 138.70 -135.29
C GLY B 316 13.94 138.55 -136.81
N ALA B 317 12.85 138.19 -137.47
CA ALA B 317 12.80 138.07 -138.93
C ALA B 317 12.33 139.39 -139.53
N SER B 318 13.28 140.04 -140.24
CA SER B 318 12.99 141.31 -140.87
C SER B 318 12.12 141.10 -142.11
N LYS B 319 10.94 141.70 -142.09
CA LYS B 319 10.01 141.68 -143.21
C LYS B 319 9.74 143.11 -143.66
N ASN B 320 9.12 143.25 -144.83
CA ASN B 320 8.73 144.54 -145.38
C ASN B 320 7.33 144.43 -145.98
N GLN B 321 6.56 145.51 -145.84
CA GLN B 321 5.23 145.62 -146.43
C GLN B 321 5.03 147.06 -146.90
N ALA B 322 4.30 147.22 -148.00
CA ALA B 322 4.03 148.54 -148.54
C ALA B 322 2.54 148.67 -148.86
N GLY B 323 2.11 149.92 -149.09
CA GLY B 323 0.71 150.20 -149.37
C GLY B 323 0.53 150.84 -150.74
N THR B 324 -0.25 151.92 -150.75
CA THR B 324 -0.51 152.65 -151.98
C THR B 324 -0.34 154.14 -151.73
N VAL B 325 -0.22 154.91 -152.82
CA VAL B 325 -0.06 156.35 -152.73
C VAL B 325 -1.36 156.97 -152.24
N SER B 326 -1.25 157.81 -151.22
CA SER B 326 -2.35 158.58 -150.64
C SER B 326 -3.42 157.67 -150.05
N THR B 327 -3.00 156.54 -149.49
CA THR B 327 -3.93 155.59 -148.90
C THR B 327 -3.52 155.25 -147.48
N ASN B 328 -4.50 155.17 -146.59
CA ASN B 328 -4.28 154.77 -145.20
C ASN B 328 -3.56 153.41 -145.17
N PHE B 329 -2.57 153.27 -144.28
CA PHE B 329 -1.70 152.10 -144.26
C PHE B 329 -1.94 151.29 -142.99
N THR B 330 -2.70 150.20 -143.13
CA THR B 330 -3.09 149.35 -142.02
C THR B 330 -2.30 148.05 -142.11
N GLN B 331 -1.81 147.58 -140.96
CA GLN B 331 -0.92 146.43 -140.93
C GLN B 331 -1.58 145.19 -140.32
N ASP B 332 -2.85 145.31 -139.92
CA ASP B 332 -3.58 144.28 -139.21
C ASP B 332 -2.87 144.03 -137.87
N SER B 333 -2.55 142.78 -137.56
CA SER B 333 -1.91 142.47 -136.29
C SER B 333 -0.55 141.79 -136.49
N ILE B 334 0.52 142.59 -136.49
CA ILE B 334 1.87 142.09 -136.49
C ILE B 334 2.25 141.81 -135.04
N LEU B 335 3.32 141.05 -134.83
CA LEU B 335 3.60 140.58 -133.48
C LEU B 335 4.97 141.05 -133.00
N ILE B 336 4.99 141.59 -131.78
CA ILE B 336 6.23 141.84 -131.05
C ILE B 336 6.55 140.54 -130.34
N GLY B 337 7.64 139.89 -130.74
CA GLY B 337 8.00 138.64 -130.11
C GLY B 337 9.36 138.72 -129.45
N GLU B 338 9.89 137.57 -129.04
CA GLU B 338 11.24 137.45 -128.51
C GLU B 338 12.17 137.78 -129.68
N LYS B 339 13.43 138.12 -129.42
CA LYS B 339 14.30 138.54 -130.51
C LYS B 339 13.83 139.91 -131.04
N PRO B 340 14.61 140.60 -131.90
CA PRO B 340 14.31 141.98 -132.30
C PRO B 340 12.87 142.29 -132.67
N ASN B 341 12.42 143.50 -132.34
CA ASN B 341 11.15 144.00 -132.84
C ASN B 341 11.33 145.47 -133.15
N ASP B 342 11.09 145.87 -134.41
CA ASP B 342 11.22 147.26 -134.82
C ASP B 342 10.29 147.52 -136.00
N ASN B 343 10.16 148.78 -136.43
CA ASN B 343 9.40 149.13 -137.62
C ASN B 343 9.80 150.51 -138.11
N THR B 344 10.21 150.60 -139.38
CA THR B 344 10.55 151.88 -139.97
C THR B 344 9.50 152.24 -141.01
N ILE B 345 8.60 153.15 -140.66
CA ILE B 345 7.54 153.57 -141.57
C ILE B 345 8.04 154.73 -142.42
N THR B 346 8.17 154.47 -143.74
CA THR B 346 8.78 155.42 -144.66
C THR B 346 7.69 156.03 -145.54
N ASN B 347 7.68 157.36 -145.60
CA ASN B 347 6.70 158.10 -146.36
C ASN B 347 7.43 158.76 -147.53
N SER B 348 7.08 158.36 -148.76
CA SER B 348 7.76 158.85 -149.95
C SER B 348 6.84 159.76 -150.77
N LEU B 349 7.43 160.80 -151.39
CA LEU B 349 6.70 161.69 -152.28
C LEU B 349 7.53 161.86 -153.55
N PRO B 350 6.89 161.84 -154.74
CA PRO B 350 7.59 162.14 -155.98
C PRO B 350 8.05 163.60 -156.00
N ASP B 351 9.16 163.88 -156.69
CA ASP B 351 9.64 165.24 -156.82
C ASP B 351 9.00 165.84 -158.07
N VAL B 352 8.37 167.01 -157.92
CA VAL B 352 7.65 167.64 -159.03
C VAL B 352 8.62 167.88 -160.19
N THR B 353 8.20 167.50 -161.40
CA THR B 353 9.01 167.67 -162.61
C THR B 353 9.40 169.14 -162.77
N PRO B 354 10.72 169.47 -162.73
CA PRO B 354 11.16 170.85 -162.88
C PRO B 354 10.99 171.20 -164.36
N THR B 355 9.81 171.67 -164.75
CA THR B 355 9.48 171.95 -166.15
C THR B 355 10.00 170.82 -167.06
N ASP C 13 -2.36 -104.87 64.46
CA ASP C 13 -2.82 -105.62 63.25
C ASP C 13 -3.84 -104.79 62.51
N VAL C 14 -4.77 -104.17 63.27
CA VAL C 14 -5.77 -103.26 62.73
C VAL C 14 -5.41 -101.82 63.11
N ALA C 15 -6.17 -100.87 62.53
CA ALA C 15 -6.10 -99.44 62.83
C ALA C 15 -4.67 -98.91 62.68
N THR C 16 -4.40 -97.75 63.30
CA THR C 16 -3.14 -97.03 63.20
C THR C 16 -2.59 -96.80 64.62
N ALA C 17 -1.80 -97.76 65.09
CA ALA C 17 -1.13 -97.66 66.37
C ALA C 17 0.39 -97.71 66.14
N LYS C 18 1.16 -97.97 67.21
CA LYS C 18 2.60 -98.15 67.06
C LYS C 18 2.93 -99.64 67.03
N ALA C 19 4.11 -99.97 66.52
CA ALA C 19 4.40 -101.37 66.24
C ALA C 19 5.84 -101.73 66.60
N THR C 20 6.01 -102.99 67.00
CA THR C 20 7.24 -103.53 67.52
C THR C 20 7.06 -105.03 67.72
N GLY C 21 8.16 -105.81 67.66
CA GLY C 21 8.09 -107.23 67.94
C GLY C 21 8.36 -107.58 69.41
N GLU C 22 9.55 -108.11 69.68
CA GLU C 22 10.04 -108.24 71.04
C GLU C 22 10.91 -107.03 71.40
N THR C 23 10.84 -106.00 70.57
CA THR C 23 11.66 -104.80 70.65
C THR C 23 10.80 -103.62 71.08
N SER C 24 11.43 -102.56 71.62
CA SER C 24 10.73 -101.36 72.01
C SER C 24 10.26 -100.56 70.78
N ALA C 25 9.14 -99.85 70.91
CA ALA C 25 8.58 -99.07 69.82
C ALA C 25 9.31 -97.72 69.79
N LYS C 26 9.37 -97.10 68.61
CA LYS C 26 9.99 -95.79 68.47
C LYS C 26 8.96 -94.80 67.93
N VAL C 27 8.79 -93.65 68.60
CA VAL C 27 7.81 -92.63 68.22
C VAL C 27 8.44 -91.23 68.28
N SER C 28 8.12 -90.40 67.27
CA SER C 28 8.58 -89.02 67.16
C SER C 28 7.39 -88.09 66.96
N ILE C 29 7.34 -87.03 67.77
CA ILE C 29 6.31 -86.02 67.63
C ILE C 29 6.79 -84.97 66.63
N ASN C 30 5.97 -84.74 65.61
CA ASN C 30 6.27 -83.82 64.53
C ASN C 30 5.55 -82.51 64.80
N LYS C 31 6.19 -81.37 64.49
CA LYS C 31 5.54 -80.08 64.63
C LYS C 31 5.53 -79.39 63.28
N VAL C 32 4.32 -78.96 62.84
CA VAL C 32 4.18 -78.30 61.57
C VAL C 32 4.09 -76.80 61.79
N LEU C 33 4.96 -76.04 61.14
CA LEU C 33 4.92 -74.58 61.24
C LEU C 33 4.48 -74.01 59.90
N ASN C 34 3.31 -73.35 59.95
CA ASN C 34 2.72 -72.71 58.79
C ASN C 34 3.33 -71.33 58.65
N ILE C 35 3.59 -70.95 57.40
CA ILE C 35 4.36 -69.75 57.11
C ILE C 35 3.99 -69.25 55.72
N ALA C 36 4.15 -67.95 55.50
CA ALA C 36 3.95 -67.35 54.20
C ALA C 36 5.27 -67.29 53.43
N GLU C 37 5.17 -66.97 52.13
CA GLU C 37 6.23 -67.11 51.16
C GLU C 37 7.43 -66.22 51.49
N GLY C 38 7.15 -64.93 51.71
CA GLY C 38 8.22 -63.95 51.81
C GLY C 38 9.07 -64.14 53.06
N ILE C 39 8.41 -64.58 54.13
CA ILE C 39 8.95 -64.54 55.49
C ILE C 39 10.11 -65.52 55.65
N THR C 40 11.16 -65.06 56.34
CA THR C 40 12.28 -65.88 56.75
C THR C 40 11.95 -66.45 58.12
N THR C 41 12.23 -67.75 58.28
CA THR C 41 11.91 -68.53 59.46
C THR C 41 12.36 -67.81 60.73
N PRO C 42 11.46 -67.61 61.72
CA PRO C 42 11.85 -66.98 62.98
C PRO C 42 12.66 -67.96 63.82
N GLU C 43 13.13 -67.49 64.96
CA GLU C 43 13.84 -68.33 65.90
C GLU C 43 12.93 -68.57 67.10
N ALA C 44 12.25 -69.72 67.11
CA ALA C 44 11.40 -70.08 68.24
C ALA C 44 11.55 -71.55 68.60
N THR C 45 11.17 -71.89 69.84
CA THR C 45 11.21 -73.28 70.27
C THR C 45 9.85 -73.67 70.81
N PHE C 46 9.47 -74.93 70.62
CA PHE C 46 8.17 -75.39 71.05
C PHE C 46 8.37 -76.53 72.03
N THR C 47 7.55 -76.54 73.09
CA THR C 47 7.76 -77.43 74.22
C THR C 47 6.50 -78.25 74.46
N PHE C 48 6.69 -79.55 74.71
CA PHE C 48 5.60 -80.48 74.88
C PHE C 48 5.67 -81.13 76.26
N THR C 49 4.53 -81.09 76.98
CA THR C 49 4.39 -81.55 78.35
C THR C 49 3.82 -82.95 78.32
N PHE C 50 4.42 -83.85 79.12
CA PHE C 50 3.93 -85.21 79.27
C PHE C 50 3.52 -85.40 80.73
N THR C 51 2.27 -85.05 81.02
CA THR C 51 1.75 -85.11 82.37
C THR C 51 0.96 -86.39 82.54
N PRO C 52 1.32 -87.25 83.52
CA PRO C 52 0.62 -88.52 83.72
C PRO C 52 -0.85 -88.33 84.11
N LYS C 53 -1.66 -89.35 83.80
CA LYS C 53 -3.09 -89.31 84.07
C LYS C 53 -3.53 -90.66 84.63
N THR C 54 -4.56 -90.65 85.48
CA THR C 54 -5.08 -91.86 86.09
C THR C 54 -6.40 -92.23 85.43
N GLY C 55 -6.95 -93.40 85.77
CA GLY C 55 -8.20 -93.88 85.19
C GLY C 55 -8.28 -95.42 85.24
N THR C 56 -8.95 -96.04 84.26
CA THR C 56 -9.17 -97.48 84.24
C THR C 56 -8.96 -98.01 82.81
N SER C 57 -8.58 -99.29 82.65
CA SER C 57 -8.27 -99.83 81.32
C SER C 57 -9.10 -101.06 80.99
N SER C 58 -8.73 -101.81 79.93
CA SER C 58 -9.42 -103.08 79.60
C SER C 58 -9.32 -104.01 80.80
N ASN C 59 -8.11 -104.13 81.37
CA ASN C 59 -7.93 -104.86 82.62
C ASN C 59 -8.17 -103.84 83.74
N GLY C 60 -8.35 -104.27 84.99
CA GLY C 60 -8.67 -103.34 86.06
C GLY C 60 -7.45 -102.53 86.52
N ALA C 61 -6.39 -102.51 85.71
CA ALA C 61 -5.16 -101.81 86.06
C ALA C 61 -5.48 -100.34 86.27
N PRO C 62 -5.04 -99.75 87.40
CA PRO C 62 -5.30 -98.34 87.67
C PRO C 62 -4.38 -97.49 86.81
N TYR C 63 -4.40 -97.68 85.49
CA TYR C 63 -3.42 -97.02 84.64
C TYR C 63 -2.09 -96.92 85.38
N GLU C 64 -1.45 -98.07 85.60
CA GLU C 64 -0.29 -98.16 86.46
C GLU C 64 0.66 -97.03 86.13
N THR C 65 0.79 -96.09 87.06
CA THR C 65 1.56 -94.89 86.79
C THR C 65 2.71 -94.77 87.78
N ILE C 66 3.93 -94.92 87.25
CA ILE C 66 5.12 -94.52 88.00
C ILE C 66 5.45 -93.06 87.67
N ASP C 67 5.03 -92.18 88.56
CA ASP C 67 5.33 -90.77 88.49
C ASP C 67 6.64 -90.48 89.22
N SER C 68 7.26 -91.52 89.80
CA SER C 68 8.34 -91.32 90.76
C SER C 68 9.67 -91.58 90.06
N SER C 69 9.98 -90.74 89.06
CA SER C 69 11.24 -90.80 88.35
C SER C 69 11.38 -92.13 87.61
N ASN C 70 10.33 -92.97 87.57
CA ASN C 70 10.37 -94.18 86.78
C ASN C 70 9.80 -93.91 85.40
N GLY C 71 8.51 -94.14 85.20
CA GLY C 71 7.92 -93.84 83.90
C GLY C 71 7.72 -92.33 83.81
N GLN C 72 8.80 -91.54 83.95
CA GLN C 72 8.66 -90.10 83.83
C GLN C 72 9.18 -89.66 82.46
N ILE C 73 8.27 -89.26 81.56
CA ILE C 73 8.68 -88.74 80.26
C ILE C 73 8.93 -87.25 80.39
N THR C 74 10.22 -86.88 80.35
CA THR C 74 10.63 -85.49 80.44
C THR C 74 10.15 -84.72 79.22
N ASP C 75 10.07 -83.40 79.35
CA ASP C 75 9.57 -82.56 78.28
C ASP C 75 10.57 -82.54 77.13
N LYS C 76 10.06 -82.47 75.90
CA LYS C 76 10.88 -82.55 74.70
C LYS C 76 10.65 -81.29 73.87
N ASN C 77 11.69 -80.88 73.12
CA ASN C 77 11.73 -79.63 72.38
C ASN C 77 12.03 -79.83 70.91
N VAL C 78 11.44 -78.96 70.08
CA VAL C 78 11.73 -78.79 68.66
C VAL C 78 11.96 -77.30 68.43
N SER C 79 13.14 -76.95 67.88
CA SER C 79 13.51 -75.56 67.61
C SER C 79 13.43 -75.24 66.12
N TYR C 80 13.20 -73.97 65.83
CA TYR C 80 13.24 -73.46 64.46
C TYR C 80 14.18 -72.27 64.44
N SER C 81 14.92 -72.11 63.35
CA SER C 81 15.90 -71.04 63.24
C SER C 81 15.87 -70.45 61.83
N GLY C 82 16.57 -69.32 61.63
CA GLY C 82 16.66 -68.68 60.33
C GLY C 82 17.29 -69.59 59.29
N THR C 83 17.97 -70.64 59.73
CA THR C 83 18.69 -71.59 58.88
C THR C 83 17.71 -72.49 58.13
N ASP C 84 16.42 -72.45 58.51
CA ASP C 84 15.42 -73.32 57.89
C ASP C 84 14.74 -72.56 56.75
N VAL C 85 14.18 -73.30 55.79
CA VAL C 85 13.47 -72.70 54.69
C VAL C 85 12.36 -73.67 54.24
N LEU C 86 11.21 -73.10 53.83
CA LEU C 86 10.12 -73.86 53.25
C LEU C 86 10.46 -74.26 51.83
N ALA C 87 11.50 -73.64 51.27
CA ALA C 87 11.99 -73.93 49.94
C ALA C 87 10.84 -73.86 48.93
N THR C 88 10.77 -74.87 48.08
CA THR C 88 9.76 -74.97 47.03
C THR C 88 8.62 -75.86 47.50
N GLY C 89 8.33 -75.84 48.80
CA GLY C 89 7.29 -76.68 49.37
C GLY C 89 6.01 -75.87 49.58
N GLN C 90 5.23 -76.32 50.56
CA GLN C 90 3.96 -75.71 50.88
C GLN C 90 4.14 -74.85 52.13
N THR C 91 3.02 -74.42 52.73
CA THR C 91 3.06 -73.66 53.95
C THR C 91 3.16 -74.60 55.14
N ASN C 92 4.14 -75.50 55.12
CA ASN C 92 4.35 -76.38 56.24
C ASN C 92 5.82 -76.76 56.29
N ILE C 93 6.60 -76.04 57.09
CA ILE C 93 7.93 -76.50 57.43
C ILE C 93 7.82 -77.38 58.69
N LYS C 94 7.96 -78.69 58.50
CA LYS C 94 7.74 -79.67 59.56
C LYS C 94 9.09 -80.09 60.16
N LYS C 95 9.14 -80.20 61.50
CA LYS C 95 10.34 -80.67 62.20
C LYS C 95 9.91 -81.57 63.37
N ASP C 96 10.53 -82.75 63.47
CA ASP C 96 10.14 -83.78 64.43
C ASP C 96 11.14 -83.85 65.58
N THR C 97 10.71 -84.44 66.69
CA THR C 97 11.57 -84.77 67.83
C THR C 97 12.42 -85.98 67.47
N GLY C 98 13.17 -86.51 68.43
CA GLY C 98 13.75 -87.83 68.26
C GLY C 98 12.82 -88.89 68.84
N ASP C 99 13.32 -90.12 69.03
CA ASP C 99 12.51 -91.09 69.77
C ASP C 99 12.27 -90.49 71.15
N ILE C 100 10.99 -90.28 71.51
CA ILE C 100 10.64 -89.71 72.79
C ILE C 100 10.83 -90.76 73.88
N PHE C 101 11.07 -92.01 73.46
CA PHE C 101 11.18 -93.14 74.36
C PHE C 101 12.64 -93.58 74.50
N ARG C 102 13.57 -92.69 74.10
CA ARG C 102 14.98 -92.86 74.43
C ARG C 102 15.17 -92.25 75.81
N GLU C 103 16.09 -92.81 76.60
CA GLU C 103 16.47 -92.22 77.88
C GLU C 103 15.33 -92.25 78.91
N VAL C 104 14.18 -92.84 78.53
CA VAL C 104 13.10 -93.07 79.47
C VAL C 104 13.11 -94.53 79.90
N ASN C 105 12.89 -94.76 81.20
CA ASN C 105 13.00 -96.07 81.78
C ASN C 105 11.64 -96.47 82.36
N TYR C 106 11.34 -97.77 82.34
CA TYR C 106 10.07 -98.23 82.88
C TYR C 106 10.35 -99.24 83.97
N THR C 107 9.74 -99.07 85.14
CA THR C 107 10.01 -99.97 86.25
C THR C 107 9.38 -101.34 85.96
N HIS C 108 8.05 -101.32 85.81
CA HIS C 108 7.28 -102.53 85.70
C HIS C 108 6.43 -102.43 84.44
N ALA C 109 5.49 -103.37 84.26
CA ALA C 109 4.66 -103.35 83.07
C ALA C 109 3.32 -102.69 83.39
N GLY C 110 2.39 -102.76 82.43
CA GLY C 110 1.05 -102.22 82.59
C GLY C 110 0.80 -101.06 81.63
N GLU C 111 -0.37 -100.41 81.79
CA GLU C 111 -0.77 -99.32 80.90
C GLU C 111 -0.39 -98.00 81.55
N TYR C 112 0.42 -97.21 80.82
CA TYR C 112 0.91 -95.92 81.28
C TYR C 112 0.28 -94.83 80.44
N VAL C 113 -0.41 -93.88 81.08
CA VAL C 113 -1.12 -92.86 80.32
C VAL C 113 -0.54 -91.49 80.63
N TYR C 114 -0.41 -90.66 79.59
CA TYR C 114 0.12 -89.31 79.68
C TYR C 114 -0.82 -88.34 78.97
N THR C 115 -0.78 -87.08 79.40
CA THR C 115 -1.57 -86.02 78.81
C THR C 115 -0.62 -85.05 78.12
N VAL C 116 -0.52 -85.17 76.80
CA VAL C 116 0.44 -84.43 76.00
C VAL C 116 -0.20 -83.12 75.57
N ALA C 117 0.50 -82.01 75.83
CA ALA C 117 0.04 -80.68 75.44
C ALA C 117 1.26 -79.84 75.06
N GLU C 118 1.01 -78.59 74.65
CA GLU C 118 2.06 -77.65 74.31
C GLU C 118 1.84 -76.36 75.07
N LYS C 119 2.92 -75.75 75.55
CA LYS C 119 2.82 -74.45 76.21
C LYS C 119 2.67 -73.35 75.16
N GLN C 120 2.09 -72.22 75.58
CA GLN C 120 1.75 -71.13 74.68
C GLN C 120 2.51 -69.86 75.05
N ASN C 121 3.79 -70.02 75.40
CA ASN C 121 4.66 -68.93 75.82
C ASN C 121 6.08 -69.22 75.34
N VAL C 122 6.35 -70.46 74.95
CA VAL C 122 7.65 -70.89 74.49
C VAL C 122 7.88 -70.44 73.06
N GLY C 123 8.71 -69.40 72.85
CA GLY C 123 8.88 -68.85 71.51
C GLY C 123 9.00 -67.32 71.54
N TRP C 124 9.47 -66.75 70.44
CA TRP C 124 9.77 -65.34 70.42
C TRP C 124 9.25 -64.67 69.16
N LYS C 125 7.94 -64.41 69.16
CA LYS C 125 7.30 -63.53 68.19
C LYS C 125 7.37 -62.12 68.76
N VAL C 126 8.53 -61.83 69.32
CA VAL C 126 8.83 -60.59 70.04
C VAL C 126 9.56 -59.66 69.09
N ILE C 127 9.41 -59.86 67.78
CA ILE C 127 9.94 -58.92 66.80
C ILE C 127 9.01 -57.70 66.76
N GLN C 128 9.13 -56.84 67.78
CA GLN C 128 8.24 -55.72 67.99
C GLN C 128 9.06 -54.46 68.16
N LYS C 129 8.42 -53.32 67.96
CA LYS C 129 9.10 -52.04 67.98
C LYS C 129 8.16 -51.02 68.59
N ASN C 130 8.60 -50.39 69.68
CA ASN C 130 7.84 -49.40 70.42
C ASN C 130 6.50 -49.99 70.84
N GLY C 131 6.51 -51.29 71.16
CA GLY C 131 5.31 -51.98 71.61
C GLY C 131 4.41 -52.45 70.46
N SER C 132 4.62 -51.89 69.26
CA SER C 132 3.90 -52.31 68.07
C SER C 132 4.52 -53.60 67.53
N PRO C 133 3.77 -54.71 67.44
CA PRO C 133 4.32 -55.97 66.91
C PRO C 133 4.31 -56.00 65.39
N ILE C 134 5.18 -56.85 64.82
CA ILE C 134 5.26 -57.00 63.38
C ILE C 134 4.68 -58.35 63.00
N ASP C 135 4.86 -59.31 63.90
CA ASP C 135 4.49 -60.69 63.64
C ASP C 135 3.38 -61.12 64.59
N PHE C 136 3.08 -62.43 64.60
CA PHE C 136 1.94 -62.96 65.33
C PHE C 136 2.03 -64.49 65.39
N MET C 137 2.71 -65.00 66.42
CA MET C 137 2.87 -66.43 66.63
C MET C 137 1.59 -67.02 67.20
N THR C 138 0.97 -67.95 66.45
CA THR C 138 -0.22 -68.62 66.90
C THR C 138 0.11 -70.04 67.31
N TYR C 139 -0.15 -70.34 68.61
CA TYR C 139 0.19 -71.62 69.20
C TYR C 139 -0.96 -72.59 69.09
N ASP C 140 -0.66 -73.84 69.41
CA ASP C 140 -1.67 -74.86 69.49
C ASP C 140 -1.83 -75.22 70.96
N ASN C 141 -3.02 -74.96 71.50
CA ASN C 141 -3.32 -75.26 72.89
C ASN C 141 -4.29 -76.45 72.94
N ARG C 142 -4.11 -77.41 72.02
CA ARG C 142 -4.85 -78.66 72.04
C ARG C 142 -4.37 -79.52 73.20
N ASN C 143 -5.26 -80.38 73.70
CA ASN C 143 -4.91 -81.38 74.69
C ASN C 143 -5.02 -82.75 74.03
N TYR C 144 -4.00 -83.59 74.25
CA TYR C 144 -3.93 -84.96 73.73
C TYR C 144 -3.73 -85.95 74.86
N GLU C 145 -3.98 -87.23 74.58
CA GLU C 145 -3.81 -88.29 75.56
C GLU C 145 -3.06 -89.43 74.90
N MET C 146 -1.94 -89.83 75.50
CA MET C 146 -1.07 -90.86 74.95
C MET C 146 -1.11 -92.08 75.84
N HIS C 147 -1.45 -93.23 75.26
CA HIS C 147 -1.48 -94.48 76.00
C HIS C 147 -0.27 -95.30 75.62
N VAL C 148 0.53 -95.68 76.63
CA VAL C 148 1.68 -96.55 76.45
C VAL C 148 1.33 -97.91 77.03
N ILE C 149 1.53 -98.96 76.22
CA ILE C 149 1.24 -100.32 76.62
C ILE C 149 2.56 -101.07 76.72
N VAL C 150 3.02 -101.26 77.96
CA VAL C 150 4.29 -101.93 78.21
C VAL C 150 3.99 -103.36 78.66
N LYS C 151 4.63 -104.31 77.99
CA LYS C 151 4.50 -105.71 78.33
C LYS C 151 5.86 -106.23 78.77
N ASN C 152 5.86 -107.45 79.33
CA ASN C 152 7.10 -108.07 79.72
C ASN C 152 7.63 -108.94 78.59
N LYS C 153 8.96 -108.96 78.46
CA LYS C 153 9.64 -109.86 77.55
C LYS C 153 9.59 -111.26 78.17
N THR C 154 9.60 -112.28 77.32
CA THR C 154 9.68 -113.67 77.77
C THR C 154 11.02 -113.91 78.45
N THR C 155 12.03 -113.14 78.05
CA THR C 155 13.42 -113.32 78.44
C THR C 155 13.77 -112.51 79.69
N GLY C 156 12.94 -111.51 80.02
CA GLY C 156 13.18 -110.69 81.21
C GLY C 156 13.35 -109.23 80.86
N GLY C 157 12.55 -108.38 81.54
CA GLY C 157 12.51 -106.95 81.32
C GLY C 157 11.22 -106.48 80.65
N THR C 158 11.14 -105.17 80.41
CA THR C 158 9.97 -104.56 79.81
C THR C 158 10.28 -104.15 78.38
N TYR C 159 9.25 -104.09 77.53
CA TYR C 159 9.34 -103.58 76.18
C TYR C 159 8.04 -102.87 75.81
N ILE C 160 8.17 -101.75 75.08
CA ILE C 160 7.04 -100.94 74.68
C ILE C 160 6.34 -101.62 73.51
N SER C 161 5.19 -102.22 73.79
CA SER C 161 4.47 -103.02 72.81
C SER C 161 3.73 -102.11 71.84
N SER C 162 3.01 -101.14 72.40
CA SER C 162 2.05 -100.36 71.64
C SER C 162 1.88 -98.97 72.26
N VAL C 163 1.59 -98.00 71.38
CA VAL C 163 1.28 -96.64 71.78
C VAL C 163 0.27 -96.06 70.79
N TYR C 164 -0.78 -95.43 71.31
CA TYR C 164 -1.72 -94.72 70.47
C TYR C 164 -2.07 -93.41 71.15
N PHE C 165 -2.61 -92.47 70.37
CA PHE C 165 -2.98 -91.15 70.87
C PHE C 165 -4.47 -90.91 70.65
N LYS C 166 -5.00 -89.93 71.36
CA LYS C 166 -6.39 -89.49 71.22
C LYS C 166 -6.41 -88.00 71.54
N GLN C 167 -7.44 -87.28 71.08
CA GLN C 167 -7.54 -85.88 71.46
C GLN C 167 -8.60 -85.74 72.54
N VAL C 168 -8.31 -84.94 73.58
CA VAL C 168 -9.19 -84.65 74.68
C VAL C 168 -9.92 -83.34 74.41
N SER C 169 -9.38 -82.52 73.49
CA SER C 169 -10.06 -81.31 73.04
C SER C 169 -11.44 -81.66 72.49
N PRO C 170 -11.59 -82.54 71.46
CA PRO C 170 -12.92 -83.00 71.04
C PRO C 170 -13.56 -84.09 71.91
N SER C 171 -14.86 -84.33 71.69
CA SER C 171 -15.56 -85.42 72.36
C SER C 171 -15.37 -86.72 71.58
N VAL C 172 -14.83 -87.76 72.24
CA VAL C 172 -14.56 -89.08 71.71
C VAL C 172 -14.02 -89.01 70.26
N ASN C 173 -12.90 -88.31 70.10
CA ASN C 173 -12.22 -88.28 68.81
C ASN C 173 -11.49 -89.60 68.65
N GLY C 174 -11.09 -89.90 67.41
CA GLY C 174 -10.59 -91.21 67.06
C GLY C 174 -9.10 -91.33 67.37
N LYS C 175 -8.57 -92.54 67.17
CA LYS C 175 -7.14 -92.76 67.37
C LYS C 175 -6.39 -91.91 66.34
N VAL C 176 -5.50 -91.04 66.82
CA VAL C 176 -4.79 -90.13 65.96
C VAL C 176 -3.93 -90.94 64.98
N LYS C 177 -4.15 -90.70 63.70
CA LYS C 177 -3.47 -91.39 62.61
C LYS C 177 -2.02 -90.92 62.56
N PRO C 178 -1.07 -91.71 61.98
CA PRO C 178 0.33 -91.31 61.92
C PRO C 178 0.60 -90.37 60.76
N SER C 179 1.87 -90.01 60.59
CA SER C 179 2.27 -89.16 59.49
C SER C 179 3.03 -90.00 58.47
N GLU C 180 4.25 -90.39 58.83
CA GLU C 180 4.94 -91.41 58.06
C GLU C 180 5.14 -92.62 58.96
N SER C 181 4.57 -93.76 58.58
CA SER C 181 4.85 -95.02 59.22
C SER C 181 6.24 -95.52 58.82
N GLY C 182 6.85 -96.34 59.68
CA GLY C 182 8.17 -96.88 59.46
C GLY C 182 8.73 -97.40 60.78
N THR C 183 10.06 -97.47 60.89
CA THR C 183 10.74 -97.77 62.13
C THR C 183 10.32 -96.77 63.21
N THR C 184 10.64 -95.50 62.94
CA THR C 184 10.25 -94.38 63.78
C THR C 184 8.92 -93.86 63.29
N TYR C 185 7.83 -94.27 63.96
CA TYR C 185 6.52 -93.71 63.66
C TYR C 185 6.49 -92.23 64.01
N LYS C 186 6.19 -91.40 63.01
CA LYS C 186 6.09 -89.96 63.20
C LYS C 186 4.62 -89.59 63.29
N TYR C 187 4.30 -88.61 64.14
CA TYR C 187 2.92 -88.17 64.35
C TYR C 187 2.88 -86.64 64.32
N ASP C 188 2.17 -86.08 63.34
CA ASP C 188 2.04 -84.63 63.20
C ASP C 188 1.02 -84.08 64.18
N LEU C 189 1.40 -83.96 65.45
CA LEU C 189 0.47 -83.58 66.52
C LEU C 189 0.14 -82.10 66.51
N PHE C 190 1.13 -81.24 66.70
CA PHE C 190 0.90 -79.83 66.94
C PHE C 190 1.26 -79.03 65.70
N THR C 191 0.35 -78.14 65.30
CA THR C 191 0.56 -77.29 64.14
C THR C 191 0.43 -75.84 64.57
N ASN C 192 1.41 -75.03 64.21
CA ASN C 192 1.55 -73.66 64.66
C ASN C 192 1.54 -72.77 63.41
N ILE C 193 1.21 -71.48 63.58
CA ILE C 193 1.14 -70.57 62.45
C ILE C 193 1.91 -69.30 62.80
N TYR C 194 2.81 -68.89 61.90
CA TYR C 194 3.55 -67.66 62.07
C TYR C 194 3.07 -66.63 61.05
N ARG C 195 2.22 -65.71 61.51
CA ARG C 195 1.74 -64.63 60.67
C ARG C 195 2.70 -63.45 60.87
N LYS C 196 2.99 -62.71 59.82
CA LYS C 196 3.82 -61.52 59.92
C LYS C 196 3.33 -60.48 58.92
N ASN C 197 2.92 -59.29 59.38
CA ASN C 197 2.71 -58.13 58.53
C ASN C 197 3.80 -58.00 57.48
N ALA C 198 4.98 -57.54 57.88
CA ALA C 198 6.18 -57.59 57.04
C ALA C 198 5.99 -57.14 55.59
N GLY C 199 5.19 -56.12 55.33
CA GLY C 199 5.45 -55.46 54.08
C GLY C 199 6.31 -54.26 54.41
N LYS C 200 7.59 -54.22 54.01
CA LYS C 200 8.44 -53.05 54.19
C LYS C 200 8.70 -52.75 55.66
N ILE C 201 7.98 -53.45 56.55
CA ILE C 201 8.14 -53.23 57.98
C ILE C 201 9.55 -53.65 58.35
N THR C 202 10.10 -54.56 57.57
CA THR C 202 11.42 -55.09 57.85
C THR C 202 12.60 -54.27 57.32
N ASP C 203 12.41 -53.21 56.53
CA ASP C 203 13.48 -52.28 56.24
C ASP C 203 14.55 -52.89 55.32
N PRO C 204 15.38 -52.10 54.61
CA PRO C 204 16.20 -52.60 53.50
C PRO C 204 17.23 -53.70 53.72
N ASN C 205 17.68 -54.28 52.61
CA ASN C 205 18.70 -55.31 52.61
C ASN C 205 18.33 -56.47 53.52
N GLU C 206 19.32 -57.23 54.03
CA GLU C 206 19.03 -58.50 54.71
C GLU C 206 19.70 -58.61 56.07
N PRO C 207 19.24 -57.89 57.11
CA PRO C 207 19.60 -58.19 58.50
C PRO C 207 18.56 -59.16 59.04
N ASN C 208 17.97 -59.95 58.13
CA ASN C 208 16.82 -60.77 58.44
C ASN C 208 16.98 -61.85 59.49
N PRO C 209 18.18 -62.43 59.78
CA PRO C 209 18.35 -63.32 60.92
C PRO C 209 17.34 -63.08 62.03
N ASN C 210 17.18 -61.81 62.45
CA ASN C 210 16.20 -61.49 63.46
C ASN C 210 15.69 -60.03 63.42
N LYS C 211 16.58 -59.06 63.63
CA LYS C 211 16.18 -57.72 64.02
C LYS C 211 17.22 -56.64 63.68
N PRO C 212 16.98 -55.36 64.08
CA PRO C 212 17.99 -54.31 64.01
C PRO C 212 19.40 -54.79 64.37
N SER C 215 17.58 -50.20 65.50
CA SER C 215 16.22 -49.88 64.97
C SER C 215 16.25 -49.87 63.44
N LYS C 216 16.48 -51.06 62.89
CA LYS C 216 16.35 -51.26 61.45
C LYS C 216 15.01 -51.95 61.16
N VAL C 217 13.95 -51.47 61.82
CA VAL C 217 12.58 -51.89 61.55
C VAL C 217 11.69 -50.68 61.78
N ASP C 218 10.66 -50.49 60.93
CA ASP C 218 9.67 -49.46 61.18
C ASP C 218 8.28 -50.08 61.16
N PRO C 219 7.60 -50.26 62.31
CA PRO C 219 6.32 -50.96 62.35
C PRO C 219 5.20 -50.21 61.61
N ASN C 220 5.41 -48.91 61.38
CA ASN C 220 4.39 -48.07 60.78
C ASN C 220 4.81 -47.67 59.37
N ALA C 221 5.81 -48.37 58.83
CA ALA C 221 6.15 -48.26 57.43
C ALA C 221 5.01 -48.90 56.63
N LYS C 222 4.73 -48.31 55.47
CA LYS C 222 3.70 -48.82 54.58
C LYS C 222 4.16 -50.14 54.03
N SER C 223 3.22 -51.03 53.73
CA SER C 223 3.56 -52.33 53.20
C SER C 223 3.90 -52.23 51.72
N LEU C 224 2.91 -51.80 50.93
CA LEU C 224 3.07 -51.68 49.50
C LEU C 224 2.67 -50.28 49.07
N VAL C 225 3.50 -49.70 48.18
CA VAL C 225 3.24 -48.41 47.59
C VAL C 225 3.32 -48.60 46.08
N ILE C 226 2.27 -48.19 45.37
CA ILE C 226 2.28 -48.20 43.91
C ILE C 226 2.11 -46.78 43.41
N LYS C 227 3.14 -46.27 42.72
CA LYS C 227 3.15 -44.94 42.16
C LYS C 227 2.88 -45.00 40.67
N LYS C 228 2.13 -44.02 40.18
CA LYS C 228 2.02 -43.80 38.75
C LYS C 228 2.86 -42.59 38.38
N VAL C 229 3.88 -42.84 37.56
CA VAL C 229 4.78 -41.80 37.11
C VAL C 229 4.48 -41.55 35.64
N VAL C 230 4.54 -40.28 35.22
CA VAL C 230 4.45 -39.94 33.82
C VAL C 230 5.76 -39.30 33.38
N SER C 231 6.30 -39.79 32.27
CA SER C 231 7.59 -39.37 31.74
C SER C 231 7.42 -38.71 30.39
N GLY C 232 8.21 -37.65 30.16
CA GLY C 232 8.25 -36.94 28.89
C GLY C 232 7.50 -35.61 28.95
N ALA C 233 7.95 -34.61 28.18
CA ALA C 233 7.14 -33.41 27.93
C ALA C 233 6.04 -33.85 26.98
N THR C 234 5.12 -32.98 26.55
CA THR C 234 4.05 -33.38 25.66
C THR C 234 3.44 -34.69 26.14
N ALA C 235 3.58 -34.99 27.45
CA ALA C 235 2.85 -36.06 28.08
C ALA C 235 1.88 -35.47 29.10
N ASP C 236 0.70 -36.11 29.22
CA ASP C 236 -0.36 -35.66 30.09
C ASP C 236 -0.07 -36.09 31.52
N LYS C 237 -0.11 -35.14 32.45
CA LYS C 237 0.17 -35.44 33.85
C LYS C 237 -1.15 -35.69 34.59
N SER C 238 -2.27 -35.48 33.88
CA SER C 238 -3.59 -35.53 34.49
C SER C 238 -4.44 -36.64 33.88
N LYS C 239 -3.84 -37.40 32.94
CA LYS C 239 -4.52 -38.56 32.38
C LYS C 239 -4.62 -39.63 33.46
N ASP C 240 -5.82 -40.18 33.60
CA ASP C 240 -6.09 -41.25 34.56
C ASP C 240 -5.87 -42.59 33.87
N PHE C 241 -4.75 -43.23 34.23
CA PHE C 241 -4.38 -44.52 33.68
C PHE C 241 -5.05 -45.62 34.48
N THR C 242 -5.53 -46.64 33.74
CA THR C 242 -6.35 -47.70 34.30
C THR C 242 -5.51 -48.93 34.62
N PHE C 243 -5.62 -49.39 35.87
CA PHE C 243 -4.88 -50.54 36.38
C PHE C 243 -5.86 -51.58 36.88
N LYS C 244 -5.67 -52.82 36.41
CA LYS C 244 -6.37 -53.98 36.95
C LYS C 244 -5.43 -54.72 37.89
N LEU C 245 -5.67 -54.59 39.20
CA LEU C 245 -4.75 -55.21 40.16
C LEU C 245 -5.53 -56.28 40.91
N THR C 246 -5.00 -57.50 40.94
CA THR C 246 -5.70 -58.62 41.55
C THR C 246 -4.81 -59.28 42.58
N PHE C 247 -4.93 -58.84 43.84
CA PHE C 247 -4.13 -59.36 44.94
C PHE C 247 -4.69 -60.70 45.40
N THR C 248 -3.82 -61.72 45.52
CA THR C 248 -4.19 -63.06 45.94
C THR C 248 -4.15 -63.17 47.46
N LYS C 249 -3.78 -64.31 48.05
CA LYS C 249 -3.61 -64.37 49.49
C LYS C 249 -2.46 -65.29 49.85
N ALA C 250 -2.31 -65.56 51.15
CA ALA C 250 -1.34 -66.57 51.58
C ALA C 250 -2.02 -67.56 52.53
N SER C 251 -1.21 -68.33 53.27
CA SER C 251 -1.76 -69.24 54.27
C SER C 251 -2.19 -68.43 55.48
N THR C 252 -1.23 -67.67 56.05
CA THR C 252 -1.43 -67.02 57.34
C THR C 252 -2.65 -66.11 57.33
N GLU C 253 -2.93 -65.50 56.17
CA GLU C 253 -4.02 -64.56 56.03
C GLU C 253 -5.36 -65.27 56.24
N THR C 254 -6.09 -64.82 57.28
CA THR C 254 -7.39 -65.37 57.59
C THR C 254 -8.45 -64.35 57.22
N SER C 255 -8.05 -63.30 56.48
CA SER C 255 -8.95 -62.23 56.11
C SER C 255 -9.14 -62.26 54.60
N GLN C 256 -10.27 -62.82 54.16
CA GLN C 256 -10.69 -62.69 52.77
C GLN C 256 -10.97 -61.20 52.56
N SER C 257 -10.71 -60.72 51.35
CA SER C 257 -11.11 -59.37 50.94
C SER C 257 -10.54 -58.36 51.93
N ILE C 258 -9.22 -58.26 51.93
CA ILE C 258 -8.51 -57.26 52.71
C ILE C 258 -8.95 -55.88 52.23
N THR C 259 -9.94 -55.29 52.91
CA THR C 259 -10.30 -53.89 52.71
C THR C 259 -9.19 -52.99 53.26
N GLY C 260 -8.48 -53.53 54.27
CA GLY C 260 -7.28 -52.92 54.79
C GLY C 260 -6.23 -52.67 53.70
N LYS C 261 -6.37 -53.33 52.55
CA LYS C 261 -5.60 -52.98 51.37
C LYS C 261 -6.21 -51.72 50.78
N ILE C 262 -6.18 -50.64 51.58
CA ILE C 262 -6.76 -49.36 51.20
C ILE C 262 -5.90 -48.73 50.13
N GLY C 263 -6.38 -47.65 49.53
CA GLY C 263 -5.63 -46.92 48.53
C GLY C 263 -5.02 -45.67 49.14
N GLU C 264 -5.38 -45.38 50.40
CA GLU C 264 -4.96 -44.16 51.08
C GLU C 264 -4.93 -42.95 50.11
N THR C 265 -6.03 -42.80 49.38
CA THR C 265 -6.16 -41.73 48.42
C THR C 265 -7.57 -41.18 48.50
N SER C 266 -7.99 -40.80 49.71
CA SER C 266 -9.37 -40.49 50.05
C SER C 266 -10.27 -41.71 49.96
N LYS C 267 -10.39 -42.30 48.76
CA LYS C 267 -11.31 -43.40 48.52
C LYS C 267 -11.04 -44.56 49.46
N THR C 268 -9.76 -44.91 49.63
CA THR C 268 -9.35 -46.05 50.44
C THR C 268 -10.24 -47.26 50.15
N PHE C 269 -10.08 -47.83 48.95
CA PHE C 269 -10.97 -48.90 48.49
C PHE C 269 -10.35 -50.29 48.64
N VAL C 270 -11.21 -51.29 48.78
CA VAL C 270 -10.82 -52.67 48.97
C VAL C 270 -10.40 -53.24 47.62
N TYR C 271 -9.70 -54.38 47.64
CA TYR C 271 -9.34 -55.01 46.38
C TYR C 271 -9.80 -56.46 46.35
N GLY C 272 -10.35 -56.94 47.46
CA GLY C 272 -10.90 -58.30 47.49
C GLY C 272 -9.89 -59.29 46.93
N GLN C 273 -10.22 -59.88 45.77
CA GLN C 273 -9.29 -60.73 45.05
C GLN C 273 -9.21 -60.38 43.56
N GLU C 274 -9.96 -59.37 43.12
CA GLU C 274 -9.99 -58.92 41.73
C GLU C 274 -10.61 -57.52 41.70
N THR C 275 -9.91 -56.53 41.12
CA THR C 275 -10.37 -55.15 41.16
C THR C 275 -9.73 -54.32 40.05
N THR C 276 -10.06 -53.02 40.01
CA THR C 276 -9.61 -52.08 39.01
C THR C 276 -9.56 -50.67 39.62
N ILE C 277 -8.53 -49.90 39.27
CA ILE C 277 -8.25 -48.59 39.87
C ILE C 277 -7.72 -47.66 38.80
N THR C 278 -7.57 -46.37 39.13
CA THR C 278 -7.07 -45.36 38.19
C THR C 278 -6.11 -44.42 38.91
N LEU C 279 -5.07 -43.96 38.19
CA LEU C 279 -4.05 -43.11 38.76
C LEU C 279 -3.57 -42.04 37.77
N ARG C 280 -3.11 -40.90 38.32
CA ARG C 280 -2.43 -39.86 37.56
C ARG C 280 -0.96 -39.81 37.96
N HIS C 281 -0.18 -38.89 37.34
CA HIS C 281 1.22 -38.71 37.67
C HIS C 281 1.38 -38.37 39.15
N ASP C 282 2.43 -38.92 39.77
CA ASP C 282 2.76 -38.69 41.16
C ASP C 282 1.57 -38.99 42.08
N GLN C 283 0.70 -39.92 41.64
CA GLN C 283 -0.42 -40.38 42.46
C GLN C 283 -0.19 -41.83 42.84
N SER C 284 -0.43 -42.17 44.12
CA SER C 284 -0.04 -43.47 44.66
C SER C 284 -1.16 -44.04 45.54
N LEU C 285 -1.27 -45.37 45.54
CA LEU C 285 -2.18 -46.07 46.43
C LEU C 285 -1.39 -46.95 47.39
N VAL C 286 -1.40 -46.56 48.67
CA VAL C 286 -0.56 -47.19 49.66
C VAL C 286 -1.41 -48.07 50.55
N PHE C 287 -0.95 -49.31 50.76
CA PHE C 287 -1.56 -50.20 51.73
C PHE C 287 -0.63 -50.24 52.92
N ASP C 288 -1.13 -49.83 54.09
CA ASP C 288 -0.31 -49.75 55.28
C ASP C 288 -0.41 -51.07 56.05
N THR C 289 0.74 -51.51 56.59
CA THR C 289 0.86 -52.67 57.47
C THR C 289 -0.03 -53.84 57.02
N ILE C 290 0.30 -54.45 55.87
CA ILE C 290 -0.50 -55.50 55.25
C ILE C 290 0.33 -56.78 55.23
N PRO C 291 -0.28 -57.99 55.37
CA PRO C 291 0.45 -59.25 55.50
C PRO C 291 1.39 -59.59 54.34
N ALA C 292 2.32 -60.53 54.62
CA ALA C 292 3.30 -60.96 53.66
C ALA C 292 2.77 -62.19 52.94
N GLY C 293 3.53 -62.64 51.95
CA GLY C 293 3.18 -63.82 51.17
C GLY C 293 2.05 -63.54 50.18
N THR C 294 1.55 -62.29 50.15
CA THR C 294 0.45 -61.94 49.26
C THR C 294 1.01 -61.59 47.89
N ARG C 295 0.57 -62.34 46.87
CA ARG C 295 0.99 -62.10 45.50
C ARG C 295 -0.07 -61.22 44.82
N TYR C 296 0.31 -60.56 43.70
CA TYR C 296 -0.59 -59.66 43.02
C TYR C 296 -0.28 -59.62 41.52
N LYS C 297 -1.33 -59.45 40.70
CA LYS C 297 -1.23 -59.34 39.26
C LYS C 297 -1.54 -57.91 38.83
N LEU C 298 -0.57 -57.26 38.20
CA LEU C 298 -0.75 -55.88 37.75
C LEU C 298 -0.95 -55.90 36.24
N VAL C 299 -2.01 -55.21 35.78
CA VAL C 299 -2.35 -55.13 34.37
C VAL C 299 -2.82 -53.71 34.07
N GLU C 300 -1.99 -52.96 33.33
CA GLU C 300 -2.36 -51.63 32.93
C GLU C 300 -2.87 -51.68 31.50
N THR C 301 -4.07 -51.13 31.28
CA THR C 301 -4.56 -50.93 29.93
C THR C 301 -3.63 -49.96 29.21
N GLY C 302 -2.95 -50.45 28.16
CA GLY C 302 -1.93 -49.67 27.47
C GLY C 302 -2.55 -48.55 26.63
N SER C 303 -2.21 -47.29 26.95
CA SER C 303 -2.76 -46.13 26.27
C SER C 303 -2.04 -45.89 24.94
N GLN C 304 -2.74 -45.28 23.99
CA GLN C 304 -2.22 -45.03 22.65
C GLN C 304 -0.97 -44.15 22.73
N GLY C 305 0.18 -44.70 22.34
CA GLY C 305 1.42 -43.95 22.15
C GLY C 305 2.30 -43.88 23.41
N TYR C 306 1.85 -44.54 24.48
CA TYR C 306 2.56 -44.51 25.75
C TYR C 306 3.25 -45.85 25.98
N THR C 307 4.55 -45.80 26.29
CA THR C 307 5.30 -46.98 26.66
C THR C 307 5.36 -47.11 28.18
N ALA C 308 4.97 -48.28 28.69
CA ALA C 308 4.82 -48.48 30.13
C ALA C 308 5.96 -49.35 30.65
N SER C 309 6.55 -48.95 31.78
CA SER C 309 7.64 -49.66 32.43
C SER C 309 7.45 -49.61 33.94
N ALA C 310 8.26 -50.37 34.67
CA ALA C 310 8.08 -50.52 36.11
C ALA C 310 9.42 -50.78 36.81
N ALA C 311 9.54 -50.23 38.02
CA ALA C 311 10.67 -50.46 38.89
C ALA C 311 10.16 -50.83 40.28
N TYR C 312 10.11 -52.16 40.56
CA TYR C 312 9.46 -52.63 41.76
C TYR C 312 10.47 -53.14 42.79
N LYS C 313 9.94 -53.72 43.87
CA LYS C 313 10.72 -54.32 44.94
C LYS C 313 10.00 -55.56 45.48
N GLU C 314 10.26 -56.70 44.84
CA GLU C 314 9.78 -58.00 45.31
C GLU C 314 10.69 -58.45 46.45
N ASN C 315 10.19 -58.38 47.69
CA ASN C 315 10.93 -58.85 48.86
C ASN C 315 12.28 -58.14 48.93
N GLY C 316 12.29 -56.82 48.95
CA GLY C 316 13.52 -56.12 49.27
C GLY C 316 14.40 -55.92 48.04
N ALA C 317 14.27 -56.80 47.04
CA ALA C 317 15.15 -56.81 45.88
C ALA C 317 14.56 -55.96 44.75
N SER C 318 15.21 -54.83 44.50
CA SER C 318 14.74 -53.86 43.53
C SER C 318 15.01 -54.39 42.14
N LYS C 319 13.94 -54.63 41.39
CA LYS C 319 13.98 -55.15 40.04
C LYS C 319 13.25 -54.14 39.15
N ASN C 320 13.40 -54.32 37.82
CA ASN C 320 12.71 -53.51 36.83
C ASN C 320 12.20 -54.43 35.72
N GLN C 321 11.05 -54.07 35.12
CA GLN C 321 10.49 -54.73 33.96
C GLN C 321 9.83 -53.67 33.09
N ALA C 322 9.88 -53.86 31.76
CA ALA C 322 9.25 -52.93 30.84
C ALA C 322 8.44 -53.70 29.79
N GLY C 323 7.60 -52.97 29.07
CA GLY C 323 6.74 -53.55 28.06
C GLY C 323 7.00 -52.96 26.68
N THR C 324 5.92 -52.58 26.00
CA THR C 324 6.01 -52.04 24.65
C THR C 324 5.12 -50.80 24.54
N VAL C 325 5.33 -50.00 23.50
CA VAL C 325 4.58 -48.77 23.29
C VAL C 325 3.15 -49.14 22.90
N SER C 326 2.19 -48.53 23.60
CA SER C 326 0.77 -48.67 23.35
C SER C 326 0.30 -50.11 23.55
N THR C 327 0.91 -50.82 24.51
CA THR C 327 0.55 -52.20 24.78
C THR C 327 0.25 -52.37 26.25
N ASN C 328 -0.80 -53.15 26.55
CA ASN C 328 -1.19 -53.49 27.91
C ASN C 328 0.00 -54.12 28.63
N PHE C 329 0.21 -53.74 29.90
CA PHE C 329 1.39 -54.14 30.66
C PHE C 329 0.99 -55.07 31.80
N THR C 330 1.21 -56.37 31.59
CA THR C 330 0.92 -57.38 32.58
C THR C 330 2.21 -57.85 33.27
N GLN C 331 2.13 -58.05 34.60
CA GLN C 331 3.30 -58.39 35.39
C GLN C 331 3.27 -59.83 35.88
N ASP C 332 2.21 -60.58 35.53
CA ASP C 332 1.96 -61.92 36.04
C ASP C 332 1.79 -61.84 37.54
N SER C 333 2.52 -62.65 38.32
CA SER C 333 2.36 -62.66 39.77
C SER C 333 3.64 -62.30 40.49
N ILE C 334 3.80 -61.02 40.81
CA ILE C 334 4.89 -60.56 41.67
C ILE C 334 4.45 -60.72 43.11
N LEU C 335 5.41 -60.72 44.04
CA LEU C 335 5.09 -61.07 45.41
C LEU C 335 5.40 -59.91 46.36
N ILE C 336 4.43 -59.59 47.23
CA ILE C 336 4.64 -58.71 48.36
C ILE C 336 5.14 -59.60 49.48
N GLY C 337 6.38 -59.42 49.89
CA GLY C 337 6.81 -60.26 51.01
C GLY C 337 7.40 -59.41 52.13
N GLU C 338 8.20 -60.09 52.98
CA GLU C 338 8.93 -59.45 54.05
C GLU C 338 9.89 -58.49 53.36
N LYS C 339 10.40 -57.49 54.10
CA LYS C 339 11.31 -56.55 53.49
C LYS C 339 10.52 -55.67 52.52
N PRO C 340 11.09 -54.56 52.01
CA PRO C 340 10.36 -53.64 51.15
C PRO C 340 9.48 -54.24 50.07
N ASN C 341 8.33 -53.61 49.81
CA ASN C 341 7.55 -53.97 48.63
C ASN C 341 7.00 -52.67 48.04
N ASP C 342 7.33 -52.38 46.78
CA ASP C 342 6.87 -51.16 46.12
C ASP C 342 6.80 -51.41 44.62
N ASN C 343 6.27 -50.44 43.86
CA ASN C 343 6.23 -50.51 42.41
C ASN C 343 5.97 -49.13 41.84
N THR C 344 6.85 -48.67 40.94
CA THR C 344 6.68 -47.38 40.29
C THR C 344 6.41 -47.62 38.82
N ILE C 345 5.14 -47.49 38.41
CA ILE C 345 4.75 -47.69 37.03
C ILE C 345 4.89 -46.37 36.27
N THR C 346 5.83 -46.34 35.33
CA THR C 346 6.18 -45.11 34.61
C THR C 346 5.65 -45.20 33.19
N ASN C 347 4.92 -44.17 32.78
CA ASN C 347 4.31 -44.09 31.46
C ASN C 347 5.02 -43.01 30.67
N SER C 348 5.71 -43.40 29.59
CA SER C 348 6.52 -42.48 28.82
C SER C 348 5.91 -42.20 27.45
N LEU C 349 6.03 -40.96 26.98
CA LEU C 349 5.58 -40.57 25.66
C LEU C 349 6.72 -39.81 24.97
N PRO C 350 6.97 -40.10 23.68
CA PRO C 350 8.06 -39.42 22.99
C PRO C 350 7.67 -37.97 22.70
N ASP C 351 8.65 -37.07 22.84
CA ASP C 351 8.41 -35.63 22.73
C ASP C 351 8.46 -35.27 21.24
N VAL C 352 7.41 -34.59 20.77
CA VAL C 352 7.03 -34.61 19.36
C VAL C 352 8.15 -34.04 18.50
N THR C 353 8.51 -34.82 17.47
CA THR C 353 9.59 -34.49 16.55
C THR C 353 9.15 -33.26 15.76
N PRO C 354 9.91 -32.14 15.81
CA PRO C 354 9.60 -30.95 15.02
C PRO C 354 9.70 -31.24 13.53
N THR C 355 8.57 -31.05 12.82
CA THR C 355 8.40 -31.46 11.43
C THR C 355 8.94 -32.89 11.25
N ALA D 15 -5.80 55.30 -34.48
CA ALA D 15 -6.88 55.72 -35.39
C ALA D 15 -6.77 55.00 -36.74
N THR D 16 -7.71 55.34 -37.62
CA THR D 16 -7.81 54.85 -38.99
C THR D 16 -7.85 53.31 -39.11
N ALA D 17 -8.94 52.74 -38.62
CA ALA D 17 -9.15 51.31 -38.62
C ALA D 17 -10.64 51.03 -38.47
N LYS D 18 -11.09 49.83 -38.83
CA LYS D 18 -12.51 49.50 -38.78
C LYS D 18 -12.85 49.03 -37.37
N ALA D 19 -14.13 49.14 -37.03
CA ALA D 19 -14.59 48.83 -35.69
C ALA D 19 -16.10 48.59 -35.74
N THR D 20 -16.58 47.82 -34.77
CA THR D 20 -17.98 47.43 -34.65
C THR D 20 -18.18 46.72 -33.31
N GLY D 21 -19.40 46.75 -32.76
CA GLY D 21 -19.62 46.20 -31.43
C GLY D 21 -20.43 44.91 -31.49
N GLU D 22 -19.75 43.76 -31.33
CA GLU D 22 -20.38 42.44 -31.31
C GLU D 22 -21.10 42.20 -32.64
N THR D 23 -20.92 43.13 -33.58
CA THR D 23 -21.48 43.04 -34.92
C THR D 23 -20.31 42.95 -35.91
N SER D 24 -20.55 42.35 -37.08
CA SER D 24 -19.50 42.26 -38.09
C SER D 24 -19.23 43.66 -38.67
N ALA D 25 -17.97 43.93 -39.02
CA ALA D 25 -17.60 45.19 -39.64
C ALA D 25 -17.89 45.07 -41.14
N LYS D 26 -18.11 46.20 -41.82
CA LYS D 26 -18.33 46.22 -43.26
C LYS D 26 -17.25 47.09 -43.91
N VAL D 27 -16.61 46.58 -44.97
CA VAL D 27 -15.56 47.31 -45.68
C VAL D 27 -15.75 47.22 -47.20
N SER D 28 -15.54 48.37 -47.87
CA SER D 28 -15.61 48.49 -49.32
C SER D 28 -14.33 49.11 -49.86
N ILE D 29 -13.75 48.49 -50.88
CA ILE D 29 -12.63 49.07 -51.61
C ILE D 29 -13.16 50.01 -52.68
N ASN D 30 -12.67 51.24 -52.64
CA ASN D 30 -13.05 52.28 -53.59
C ASN D 30 -11.97 52.37 -54.66
N LYS D 31 -12.36 52.32 -55.94
CA LYS D 31 -11.41 52.49 -57.03
C LYS D 31 -11.59 53.90 -57.58
N VAL D 32 -10.50 54.67 -57.59
CA VAL D 32 -10.53 56.01 -58.12
C VAL D 32 -9.95 55.97 -59.53
N LEU D 33 -10.69 56.53 -60.49
CA LEU D 33 -10.20 56.60 -61.86
C LEU D 33 -10.06 58.07 -62.27
N ASN D 34 -8.82 58.43 -62.58
CA ASN D 34 -8.46 59.78 -62.99
C ASN D 34 -8.71 59.88 -64.48
N ILE D 35 -9.21 61.04 -64.90
CA ILE D 35 -9.63 61.27 -66.26
C ILE D 35 -9.61 62.76 -66.50
N ALA D 36 -9.44 63.14 -67.76
CA ALA D 36 -9.51 64.53 -68.18
C ALA D 36 -10.92 64.87 -68.64
N GLU D 37 -11.17 66.17 -68.84
CA GLU D 37 -12.49 66.74 -69.00
C GLU D 37 -13.20 66.20 -70.26
N GLY D 38 -12.51 66.25 -71.40
CA GLY D 38 -13.17 65.96 -72.67
C GLY D 38 -13.57 64.50 -72.81
N ILE D 39 -12.73 63.62 -72.24
CA ILE D 39 -12.72 62.20 -72.53
C ILE D 39 -13.99 61.52 -71.97
N THR D 40 -14.52 60.59 -72.78
CA THR D 40 -15.61 59.72 -72.40
C THR D 40 -15.05 58.48 -71.73
N THR D 41 -15.69 58.11 -70.62
CA THR D 41 -15.32 56.98 -69.77
C THR D 41 -15.13 55.72 -70.62
N PRO D 42 -13.97 55.04 -70.51
CA PRO D 42 -13.76 53.79 -71.26
C PRO D 42 -14.55 52.67 -70.61
N GLU D 43 -14.52 51.51 -71.25
CA GLU D 43 -15.22 50.34 -70.75
C GLU D 43 -14.16 49.36 -70.28
N ALA D 44 -13.89 49.38 -68.97
CA ALA D 44 -12.83 48.57 -68.39
C ALA D 44 -13.28 48.02 -67.03
N THR D 45 -12.65 46.92 -66.63
CA THR D 45 -12.91 46.36 -65.32
C THR D 45 -11.59 46.24 -64.58
N PHE D 46 -11.66 46.40 -63.26
CA PHE D 46 -10.46 46.28 -62.44
C PHE D 46 -10.66 45.14 -61.46
N THR D 47 -9.60 44.37 -61.24
CA THR D 47 -9.66 43.15 -60.45
C THR D 47 -8.68 43.24 -59.29
N PHE D 48 -9.14 42.81 -58.11
CA PHE D 48 -8.34 42.85 -56.90
C PHE D 48 -8.17 41.44 -56.33
N THR D 49 -6.91 41.07 -56.06
CA THR D 49 -6.50 39.77 -55.56
C THR D 49 -6.38 39.83 -54.05
N PHE D 50 -6.95 38.81 -53.39
CA PHE D 50 -6.84 38.66 -51.95
C PHE D 50 -6.08 37.37 -51.65
N THR D 51 -4.75 37.48 -51.64
CA THR D 51 -3.90 36.31 -51.48
C THR D 51 -3.46 36.23 -50.03
N PRO D 52 -3.74 35.10 -49.33
CA PRO D 52 -3.42 35.00 -47.90
C PRO D 52 -1.90 34.98 -47.67
N LYS D 53 -1.50 35.61 -46.57
CA LYS D 53 -0.10 35.60 -46.15
C LYS D 53 -0.03 35.21 -44.68
N THR D 54 1.03 34.47 -44.34
CA THR D 54 1.15 33.92 -43.00
C THR D 54 2.29 34.65 -42.29
N GLY D 55 2.40 34.44 -40.98
CA GLY D 55 3.43 35.07 -40.19
C GLY D 55 3.05 35.10 -38.72
N THR D 56 3.57 36.10 -37.98
CA THR D 56 3.35 36.12 -36.54
C THR D 56 2.65 37.40 -36.13
N SER D 57 1.78 37.27 -35.13
CA SER D 57 0.92 38.35 -34.68
C SER D 57 1.49 39.00 -33.42
N SER D 58 0.67 39.83 -32.76
CA SER D 58 1.01 40.49 -31.51
C SER D 58 1.10 39.49 -30.37
N ASN D 59 0.26 38.45 -30.42
CA ASN D 59 0.20 37.44 -29.39
C ASN D 59 1.17 36.30 -29.71
N GLY D 60 1.47 36.10 -30.99
CA GLY D 60 2.33 35.02 -31.42
C GLY D 60 1.53 33.97 -32.16
N ALA D 61 0.37 34.41 -32.68
CA ALA D 61 -0.49 33.54 -33.48
C ALA D 61 0.17 33.31 -34.83
N PRO D 62 0.05 32.10 -35.41
CA PRO D 62 0.56 31.85 -36.76
C PRO D 62 -0.30 32.52 -37.83
N TYR D 63 -0.69 33.79 -37.64
CA TYR D 63 -1.63 34.44 -38.53
C TYR D 63 -2.68 33.43 -38.95
N GLU D 64 -3.51 32.99 -38.01
CA GLU D 64 -4.47 31.90 -38.22
C GLU D 64 -5.08 32.03 -39.60
N THR D 65 -4.76 31.12 -40.50
CA THR D 65 -5.17 31.29 -41.89
C THR D 65 -6.05 30.13 -42.34
N ILE D 66 -7.34 30.42 -42.56
CA ILE D 66 -8.19 29.54 -43.31
C ILE D 66 -8.09 29.92 -44.78
N ASP D 67 -7.09 29.39 -45.48
CA ASP D 67 -6.98 29.54 -46.91
C ASP D 67 -7.58 28.31 -47.59
N SER D 68 -8.47 27.61 -46.88
CA SER D 68 -9.26 26.53 -47.45
C SER D 68 -10.50 27.10 -48.13
N SER D 69 -11.50 26.25 -48.28
CA SER D 69 -12.79 26.66 -48.83
C SER D 69 -13.38 27.77 -47.95
N ASN D 70 -13.18 27.63 -46.64
CA ASN D 70 -13.74 28.56 -45.67
C ASN D 70 -12.83 29.77 -45.51
N GLY D 71 -13.40 30.94 -45.21
CA GLY D 71 -12.63 32.14 -44.94
C GLY D 71 -11.69 32.56 -46.09
N GLN D 72 -12.09 32.31 -47.33
CA GLN D 72 -11.31 32.70 -48.49
C GLN D 72 -12.05 33.85 -49.18
N ILE D 73 -11.37 34.99 -49.30
CA ILE D 73 -11.97 36.16 -49.92
C ILE D 73 -11.71 36.08 -51.42
N THR D 74 -12.79 35.82 -52.16
CA THR D 74 -12.73 35.71 -53.61
C THR D 74 -12.39 37.06 -54.21
N ASP D 75 -11.93 37.08 -55.45
CA ASP D 75 -11.56 38.31 -56.12
C ASP D 75 -12.81 39.15 -56.37
N LYS D 76 -12.64 40.48 -56.26
CA LYS D 76 -13.74 41.43 -56.37
C LYS D 76 -13.49 42.38 -57.54
N ASN D 77 -14.58 42.81 -58.18
CA ASN D 77 -14.51 43.57 -59.43
C ASN D 77 -15.29 44.88 -59.32
N VAL D 78 -14.71 45.90 -59.97
CA VAL D 78 -15.34 47.20 -60.19
C VAL D 78 -15.25 47.51 -61.68
N SER D 79 -16.41 47.72 -62.32
CA SER D 79 -16.49 47.96 -63.75
C SER D 79 -16.82 49.42 -64.05
N TYR D 80 -16.34 49.92 -65.19
CA TYR D 80 -16.65 51.26 -65.65
C TYR D 80 -17.13 51.16 -67.09
N SER D 81 -18.07 52.02 -67.47
CA SER D 81 -18.63 51.99 -68.81
C SER D 81 -18.79 53.42 -69.33
N GLY D 82 -19.15 53.54 -70.61
CA GLY D 82 -19.44 54.81 -71.24
C GLY D 82 -20.57 55.54 -70.54
N THR D 83 -21.40 54.80 -69.79
CA THR D 83 -22.58 55.31 -69.11
C THR D 83 -22.21 56.13 -67.89
N ASP D 84 -20.91 56.19 -67.55
CA ASP D 84 -20.44 56.95 -66.40
C ASP D 84 -19.97 58.33 -66.88
N VAL D 85 -20.01 59.32 -65.98
CA VAL D 85 -19.44 60.63 -66.29
C VAL D 85 -18.81 61.22 -65.03
N LEU D 86 -17.60 61.78 -65.17
CA LEU D 86 -17.01 62.66 -64.17
C LEU D 86 -17.66 64.02 -64.39
N ALA D 87 -18.86 64.20 -63.82
CA ALA D 87 -19.69 65.35 -64.09
C ALA D 87 -19.07 66.54 -63.37
N THR D 88 -18.22 67.27 -64.09
CA THR D 88 -17.50 68.44 -63.58
C THR D 88 -16.92 68.14 -62.20
N GLY D 89 -16.42 66.90 -62.04
CA GLY D 89 -15.90 66.38 -60.79
C GLY D 89 -14.39 66.52 -60.70
N GLN D 90 -13.84 65.81 -59.74
CA GLN D 90 -12.52 66.15 -59.20
C GLN D 90 -11.46 65.34 -59.92
N THR D 91 -11.52 65.22 -61.25
CA THR D 91 -10.71 64.26 -62.01
C THR D 91 -10.70 62.85 -61.43
N ASN D 92 -11.83 62.48 -60.84
CA ASN D 92 -11.91 61.26 -60.06
C ASN D 92 -13.34 60.76 -60.16
N ILE D 93 -13.54 59.83 -61.10
CA ILE D 93 -14.74 59.05 -61.08
C ILE D 93 -14.49 57.81 -60.22
N LYS D 94 -15.07 57.82 -59.02
CA LYS D 94 -14.81 56.80 -58.01
C LYS D 94 -15.97 55.79 -58.03
N LYS D 95 -15.64 54.50 -57.90
CA LYS D 95 -16.65 53.45 -57.78
C LYS D 95 -16.16 52.40 -56.77
N ASP D 96 -17.01 51.98 -55.84
CA ASP D 96 -16.63 51.09 -54.75
C ASP D 96 -17.11 49.67 -55.02
N THR D 97 -16.44 48.69 -54.40
CA THR D 97 -16.77 47.27 -54.54
C THR D 97 -18.10 46.94 -53.87
N GLY D 98 -18.16 47.10 -52.56
CA GLY D 98 -19.28 46.57 -51.79
C GLY D 98 -18.75 45.82 -50.59
N ASP D 99 -19.61 45.44 -49.63
CA ASP D 99 -19.02 44.78 -48.48
C ASP D 99 -18.31 43.53 -49.01
N ILE D 100 -16.98 43.52 -48.90
CA ILE D 100 -16.18 42.43 -49.42
C ILE D 100 -16.34 41.22 -48.49
N PHE D 101 -16.99 41.45 -47.34
CA PHE D 101 -17.15 40.43 -46.31
C PHE D 101 -18.58 39.91 -46.30
N ARG D 102 -19.31 40.13 -47.39
CA ARG D 102 -20.57 39.46 -47.62
C ARG D 102 -20.24 38.07 -48.19
N GLU D 103 -21.06 37.08 -47.83
CA GLU D 103 -20.95 35.73 -48.38
C GLU D 103 -19.70 35.02 -47.88
N VAL D 104 -18.84 35.70 -47.11
CA VAL D 104 -17.67 35.05 -46.52
C VAL D 104 -17.97 34.72 -45.06
N ASN D 105 -17.56 33.51 -44.64
CA ASN D 105 -17.75 33.04 -43.29
C ASN D 105 -16.39 32.63 -42.76
N TYR D 106 -16.17 32.77 -41.45
CA TYR D 106 -14.90 32.40 -40.85
C TYR D 106 -15.07 31.21 -39.91
N THR D 107 -14.09 30.31 -39.94
CA THR D 107 -14.21 29.08 -39.19
C THR D 107 -14.03 29.37 -37.71
N HIS D 108 -12.84 29.87 -37.37
CA HIS D 108 -12.45 30.08 -36.00
C HIS D 108 -12.02 31.53 -35.85
N ALA D 109 -11.44 31.88 -34.71
CA ALA D 109 -11.01 33.25 -34.49
C ALA D 109 -9.53 33.41 -34.81
N GLY D 110 -9.00 34.59 -34.50
CA GLY D 110 -7.58 34.90 -34.66
C GLY D 110 -7.35 35.97 -35.72
N GLU D 111 -6.07 36.21 -36.04
CA GLU D 111 -5.70 37.26 -37.00
C GLU D 111 -5.52 36.64 -38.38
N TYR D 112 -6.28 37.15 -39.35
CA TYR D 112 -6.29 36.67 -40.72
C TYR D 112 -5.67 37.74 -41.61
N VAL D 113 -4.61 37.38 -42.34
CA VAL D 113 -3.91 38.39 -43.12
C VAL D 113 -3.97 38.04 -44.59
N TYR D 114 -4.19 39.07 -45.42
CA TYR D 114 -4.29 38.94 -46.87
C TYR D 114 -3.40 39.99 -47.54
N THR D 115 -2.98 39.66 -48.78
CA THR D 115 -2.15 40.56 -49.56
C THR D 115 -2.95 41.05 -50.76
N VAL D 116 -3.45 42.28 -50.66
CA VAL D 116 -4.36 42.84 -51.64
C VAL D 116 -3.54 43.55 -52.72
N ALA D 117 -3.81 43.22 -53.98
CA ALA D 117 -3.14 43.84 -55.12
C ALA D 117 -4.13 43.96 -56.28
N GLU D 118 -3.69 44.55 -57.40
CA GLU D 118 -4.52 44.71 -58.60
C GLU D 118 -3.74 44.19 -59.80
N LYS D 119 -4.44 43.50 -60.72
CA LYS D 119 -3.83 43.05 -61.96
C LYS D 119 -3.69 44.23 -62.93
N GLN D 120 -2.82 44.10 -63.92
CA GLN D 120 -2.80 44.99 -65.07
C GLN D 120 -3.61 44.33 -66.18
N ASN D 121 -3.57 44.87 -67.40
CA ASN D 121 -4.20 44.35 -68.60
C ASN D 121 -5.58 43.71 -68.35
N VAL D 122 -6.45 44.42 -67.62
CA VAL D 122 -7.83 43.99 -67.43
C VAL D 122 -8.81 44.99 -68.02
N GLY D 123 -8.33 45.91 -68.86
CA GLY D 123 -9.23 46.95 -69.34
C GLY D 123 -8.93 47.42 -70.75
N TRP D 124 -9.67 48.45 -71.17
CA TRP D 124 -9.75 48.84 -72.56
C TRP D 124 -8.89 50.08 -72.80
N LYS D 125 -7.58 49.85 -72.75
CA LYS D 125 -6.61 50.75 -73.37
C LYS D 125 -6.49 50.38 -74.85
N VAL D 126 -7.48 49.67 -75.37
CA VAL D 126 -7.43 48.94 -76.62
C VAL D 126 -7.95 49.81 -77.77
N ILE D 127 -8.14 51.10 -77.50
CA ILE D 127 -8.74 52.01 -78.46
C ILE D 127 -7.62 52.49 -79.38
N GLN D 128 -7.23 51.62 -80.32
CA GLN D 128 -6.07 51.85 -81.16
C GLN D 128 -6.47 51.67 -82.62
N LYS D 129 -5.64 52.21 -83.51
CA LYS D 129 -5.84 52.10 -84.94
C LYS D 129 -4.50 51.75 -85.58
N ASN D 130 -4.48 50.59 -86.25
CA ASN D 130 -3.31 50.08 -86.95
C ASN D 130 -2.15 49.96 -85.97
N GLY D 131 -2.46 49.61 -84.71
CA GLY D 131 -1.45 49.43 -83.68
C GLY D 131 -1.00 50.75 -83.03
N SER D 132 -1.33 51.89 -83.66
CA SER D 132 -1.10 53.19 -83.08
C SER D 132 -2.19 53.50 -82.06
N PRO D 133 -1.84 53.69 -80.76
CA PRO D 133 -2.85 53.89 -79.72
C PRO D 133 -3.32 55.34 -79.66
N ILE D 134 -4.51 55.54 -79.07
CA ILE D 134 -5.06 56.88 -78.88
C ILE D 134 -4.99 57.20 -77.39
N ASP D 135 -5.14 56.15 -76.58
CA ASP D 135 -5.23 56.31 -75.14
C ASP D 135 -4.02 55.69 -74.46
N PHE D 136 -4.08 55.60 -73.13
CA PHE D 136 -2.98 55.14 -72.30
C PHE D 136 -3.50 54.84 -70.89
N MET D 137 -3.97 53.62 -70.68
CA MET D 137 -4.48 53.17 -69.39
C MET D 137 -3.30 52.88 -68.46
N THR D 138 -3.21 53.62 -67.35
CA THR D 138 -2.16 53.40 -66.37
C THR D 138 -2.75 52.73 -65.13
N TYR D 139 -2.24 51.53 -64.85
CA TYR D 139 -2.70 50.72 -63.73
C TYR D 139 -1.90 51.02 -62.49
N ASP D 140 -2.43 50.52 -61.38
CA ASP D 140 -1.74 50.61 -60.12
C ASP D 140 -1.26 49.22 -59.76
N ASN D 141 0.06 49.04 -59.67
CA ASN D 141 0.64 47.76 -59.31
C ASN D 141 1.22 47.82 -57.90
N ARG D 142 0.52 48.56 -57.01
CA ARG D 142 0.87 48.63 -55.60
C ARG D 142 0.55 47.30 -54.93
N ASN D 143 1.29 47.00 -53.86
CA ASN D 143 1.02 45.87 -53.00
C ASN D 143 0.54 46.40 -51.65
N TYR D 144 -0.57 45.81 -51.15
CA TYR D 144 -1.16 46.17 -49.86
C TYR D 144 -1.28 44.94 -48.98
N GLU D 145 -1.45 45.18 -47.68
CA GLU D 145 -1.62 44.10 -46.73
C GLU D 145 -2.80 44.43 -45.82
N MET D 146 -3.75 43.49 -45.77
CA MET D 146 -4.99 43.70 -45.05
C MET D 146 -5.02 42.74 -43.86
N HIS D 147 -5.20 43.30 -42.65
CA HIS D 147 -5.28 42.50 -41.46
C HIS D 147 -6.74 42.45 -41.01
N VAL D 148 -7.26 41.22 -40.86
CA VAL D 148 -8.60 41.01 -40.33
C VAL D 148 -8.45 40.44 -38.93
N ILE D 149 -9.14 41.07 -37.97
CA ILE D 149 -9.10 40.68 -36.57
C ILE D 149 -10.46 40.13 -36.19
N VAL D 150 -10.56 38.80 -36.13
CA VAL D 150 -11.83 38.14 -35.86
C VAL D 150 -11.81 37.64 -34.42
N LYS D 151 -12.87 38.00 -33.68
CA LYS D 151 -13.03 37.57 -32.32
C LYS D 151 -14.28 36.68 -32.23
N ASN D 152 -14.47 36.06 -31.07
CA ASN D 152 -15.64 35.21 -30.88
C ASN D 152 -16.73 36.02 -30.19
N LYS D 153 -17.98 35.76 -30.60
CA LYS D 153 -19.16 36.26 -29.94
C LYS D 153 -19.33 35.47 -28.65
N THR D 154 -19.94 36.09 -27.63
CA THR D 154 -20.31 35.40 -26.42
C THR D 154 -21.35 34.32 -26.72
N THR D 155 -22.14 34.56 -27.76
CA THR D 155 -23.31 33.77 -28.10
C THR D 155 -23.02 33.05 -29.41
N GLY D 156 -21.99 32.21 -29.47
CA GLY D 156 -21.87 31.35 -30.64
C GLY D 156 -20.53 31.47 -31.35
N GLY D 157 -20.48 32.16 -32.51
CA GLY D 157 -19.46 32.03 -33.52
C GLY D 157 -18.61 33.29 -33.67
N THR D 158 -18.32 33.74 -34.92
CA THR D 158 -17.26 34.72 -35.13
C THR D 158 -17.89 36.06 -35.53
N TYR D 159 -17.17 37.15 -35.23
CA TYR D 159 -17.52 38.47 -35.72
C TYR D 159 -16.24 39.26 -36.01
N ILE D 160 -16.29 40.03 -37.11
CA ILE D 160 -15.15 40.80 -37.57
C ILE D 160 -15.04 42.05 -36.70
N SER D 161 -14.06 42.06 -35.82
CA SER D 161 -13.90 43.12 -34.84
C SER D 161 -13.28 44.34 -35.49
N SER D 162 -12.20 44.11 -36.24
CA SER D 162 -11.38 45.17 -36.76
C SER D 162 -10.68 44.75 -38.05
N VAL D 163 -10.41 45.73 -38.91
CA VAL D 163 -9.64 45.55 -40.13
C VAL D 163 -8.86 46.83 -40.39
N TYR D 164 -7.58 46.69 -40.72
CA TYR D 164 -6.80 47.83 -41.17
C TYR D 164 -5.94 47.38 -42.34
N PHE D 165 -5.43 48.35 -43.10
CA PHE D 165 -4.56 48.09 -44.23
C PHE D 165 -3.21 48.77 -44.00
N LYS D 166 -2.22 48.33 -44.77
CA LYS D 166 -0.91 48.95 -44.79
C LYS D 166 -0.39 48.78 -46.21
N GLN D 167 0.58 49.60 -46.63
CA GLN D 167 1.14 49.39 -47.96
C GLN D 167 2.50 48.72 -47.82
N VAL D 168 2.73 47.67 -48.60
CA VAL D 168 4.01 46.97 -48.62
C VAL D 168 4.95 47.71 -49.55
N SER D 169 4.40 48.47 -50.51
CA SER D 169 5.22 49.28 -51.40
C SER D 169 6.17 50.19 -50.62
N PRO D 170 5.70 51.14 -49.78
CA PRO D 170 6.63 51.86 -48.88
C PRO D 170 7.02 51.15 -47.58
N SER D 171 8.06 51.67 -46.91
CA SER D 171 8.54 51.08 -45.66
C SER D 171 7.82 51.70 -44.45
N VAL D 172 8.13 52.97 -44.14
CA VAL D 172 7.43 53.67 -43.05
C VAL D 172 5.93 53.66 -43.32
N ASN D 173 5.55 54.23 -44.47
CA ASN D 173 4.16 54.27 -44.92
C ASN D 173 3.28 54.84 -43.79
N GLY D 174 2.14 54.21 -43.55
CA GLY D 174 1.43 54.30 -42.30
C GLY D 174 0.25 53.33 -42.36
N LYS D 175 -0.63 53.38 -41.35
CA LYS D 175 -1.96 52.81 -41.49
C LYS D 175 -2.70 53.58 -42.57
N VAL D 176 -3.40 52.83 -43.46
CA VAL D 176 -4.14 53.45 -44.54
C VAL D 176 -5.40 54.07 -43.96
N LYS D 177 -5.57 55.37 -44.23
CA LYS D 177 -6.68 56.16 -43.72
C LYS D 177 -7.92 55.84 -44.56
N PRO D 178 -9.16 56.01 -44.03
CA PRO D 178 -10.37 55.67 -44.79
C PRO D 178 -10.77 56.80 -45.73
N SER D 179 -11.92 56.62 -46.38
CA SER D 179 -12.42 57.63 -47.30
C SER D 179 -13.70 58.23 -46.75
N GLU D 180 -14.83 57.53 -46.97
CA GLU D 180 -16.11 58.04 -46.54
C GLU D 180 -16.25 57.81 -45.05
N SER D 181 -15.74 56.67 -44.60
CA SER D 181 -15.68 56.36 -43.17
C SER D 181 -17.04 56.38 -42.49
N GLY D 182 -18.04 55.69 -43.07
CA GLY D 182 -19.35 55.57 -42.45
C GLY D 182 -19.43 54.30 -41.62
N THR D 183 -20.66 53.78 -41.45
CA THR D 183 -20.91 52.42 -41.01
C THR D 183 -20.12 51.43 -41.88
N THR D 184 -20.36 51.52 -43.19
CA THR D 184 -19.59 50.79 -44.19
C THR D 184 -18.37 51.61 -44.60
N TYR D 185 -17.24 51.24 -44.00
CA TYR D 185 -16.01 51.96 -44.19
C TYR D 185 -15.54 51.77 -45.61
N LYS D 186 -15.40 52.89 -46.33
CA LYS D 186 -14.86 52.87 -47.68
C LYS D 186 -13.39 53.27 -47.62
N TYR D 187 -12.56 52.65 -48.46
CA TYR D 187 -11.14 52.93 -48.49
C TYR D 187 -10.71 53.14 -49.94
N ASP D 188 -10.19 54.34 -50.26
CA ASP D 188 -9.73 54.67 -51.59
C ASP D 188 -8.34 54.08 -51.83
N LEU D 189 -8.29 52.76 -52.02
CA LEU D 189 -7.11 52.03 -52.40
C LEU D 189 -7.26 52.00 -53.89
N PHE D 190 -6.14 51.92 -54.55
CA PHE D 190 -6.09 51.85 -56.01
C PHE D 190 -6.67 53.04 -56.77
N THR D 191 -5.71 53.79 -57.33
CA THR D 191 -6.04 54.91 -58.19
C THR D 191 -5.39 54.68 -59.55
N ASN D 192 -6.24 54.76 -60.58
CA ASN D 192 -5.85 54.46 -61.95
C ASN D 192 -5.96 55.74 -62.76
N ILE D 193 -5.24 55.83 -63.89
CA ILE D 193 -5.27 57.04 -64.69
C ILE D 193 -5.50 56.66 -66.14
N TYR D 194 -6.50 57.30 -66.76
CA TYR D 194 -6.79 57.09 -68.17
C TYR D 194 -6.40 58.34 -68.94
N ARG D 195 -5.24 58.28 -69.60
CA ARG D 195 -4.79 59.36 -70.46
C ARG D 195 -5.30 59.06 -71.86
N LYS D 196 -5.77 60.08 -72.58
CA LYS D 196 -6.13 59.90 -73.98
C LYS D 196 -5.71 61.13 -74.77
N ASN D 197 -4.72 60.95 -75.66
CA ASN D 197 -4.34 61.96 -76.64
C ASN D 197 -5.48 62.01 -77.64
N ALA D 198 -6.49 62.84 -77.37
CA ALA D 198 -7.72 62.72 -78.16
C ALA D 198 -8.13 64.01 -78.86
N GLY D 199 -7.23 64.96 -79.09
CA GLY D 199 -7.65 66.12 -79.82
C GLY D 199 -7.87 65.72 -81.27
N LYS D 200 -9.13 65.66 -81.72
CA LYS D 200 -9.47 65.38 -83.12
C LYS D 200 -9.00 63.98 -83.56
N ILE D 201 -8.33 63.26 -82.64
CA ILE D 201 -7.93 61.90 -82.93
C ILE D 201 -9.19 61.06 -83.13
N THR D 202 -10.29 61.50 -82.54
CA THR D 202 -11.63 61.01 -82.83
C THR D 202 -12.37 61.95 -83.79
N ASP D 203 -13.35 61.43 -84.51
CA ASP D 203 -14.11 62.26 -85.45
C ASP D 203 -15.52 62.47 -84.91
N PRO D 204 -16.27 63.48 -85.42
CA PRO D 204 -17.52 63.91 -84.76
C PRO D 204 -18.72 62.98 -84.81
N ASN D 205 -19.84 63.47 -84.28
CA ASN D 205 -21.06 62.69 -84.12
C ASN D 205 -20.74 61.28 -83.60
N GLU D 206 -20.10 61.28 -82.42
CA GLU D 206 -19.65 60.09 -81.73
C GLU D 206 -20.67 58.96 -81.89
N PRO D 207 -20.31 57.86 -82.56
CA PRO D 207 -21.21 56.70 -82.63
C PRO D 207 -21.20 56.23 -81.18
N ASN D 208 -20.14 55.52 -80.82
CA ASN D 208 -19.77 55.32 -79.45
C ASN D 208 -18.30 55.71 -79.41
N PRO D 209 -17.95 56.83 -78.77
CA PRO D 209 -16.55 57.26 -78.73
C PRO D 209 -15.68 56.32 -77.91
N ASN D 210 -16.29 55.31 -77.27
CA ASN D 210 -15.55 54.27 -76.57
C ASN D 210 -15.14 53.20 -77.57
N LYS D 211 -15.85 53.14 -78.71
CA LYS D 211 -15.50 52.23 -79.79
C LYS D 211 -15.84 52.86 -81.14
N PRO D 212 -15.17 53.96 -81.57
CA PRO D 212 -15.49 54.65 -82.81
C PRO D 212 -14.52 54.28 -83.94
N SER D 215 -13.40 53.21 -87.94
CA SER D 215 -14.10 53.87 -89.07
C SER D 215 -13.78 55.36 -89.04
N LYS D 216 -14.11 56.02 -87.92
CA LYS D 216 -13.97 57.45 -87.75
C LYS D 216 -12.94 57.71 -86.65
N VAL D 217 -11.72 57.19 -86.85
CA VAL D 217 -10.61 57.49 -85.94
C VAL D 217 -9.34 57.63 -86.76
N ASP D 218 -8.57 58.70 -86.50
CA ASP D 218 -7.29 58.87 -87.16
C ASP D 218 -6.25 59.17 -86.09
N PRO D 219 -5.36 58.21 -85.75
CA PRO D 219 -4.38 58.43 -84.68
C PRO D 219 -3.38 59.53 -84.98
N ASN D 220 -3.26 59.91 -86.26
CA ASN D 220 -2.27 60.89 -86.68
C ASN D 220 -2.93 62.21 -87.07
N ALA D 221 -4.22 62.36 -86.70
CA ALA D 221 -4.92 63.61 -86.92
C ALA D 221 -4.34 64.66 -85.98
N LYS D 222 -4.29 65.91 -86.45
CA LYS D 222 -3.85 67.03 -85.63
C LYS D 222 -4.85 67.23 -84.50
N SER D 223 -4.35 67.70 -83.34
CA SER D 223 -5.21 67.93 -82.20
C SER D 223 -5.97 69.22 -82.38
N LEU D 224 -5.22 70.33 -82.44
CA LEU D 224 -5.81 71.65 -82.54
C LEU D 224 -5.18 72.40 -83.71
N VAL D 225 -6.04 73.08 -84.47
CA VAL D 225 -5.64 73.92 -85.58
C VAL D 225 -6.28 75.29 -85.37
N ILE D 226 -5.44 76.34 -85.37
CA ILE D 226 -5.92 77.70 -85.25
C ILE D 226 -5.55 78.48 -86.51
N LYS D 227 -6.57 78.93 -87.25
CA LYS D 227 -6.39 79.71 -88.46
C LYS D 227 -6.64 81.18 -88.18
N LYS D 228 -5.83 82.03 -88.82
CA LYS D 228 -6.13 83.45 -88.85
C LYS D 228 -6.69 83.79 -90.23
N VAL D 229 -7.94 84.25 -90.24
CA VAL D 229 -8.62 84.61 -91.46
C VAL D 229 -8.76 86.12 -91.47
N VAL D 230 -8.60 86.73 -92.65
CA VAL D 230 -8.86 88.14 -92.81
C VAL D 230 -10.01 88.31 -93.81
N SER D 231 -10.98 89.14 -93.42
CA SER D 231 -12.18 89.38 -94.22
C SER D 231 -12.22 90.84 -94.67
N GLY D 232 -12.71 91.07 -95.90
CA GLY D 232 -12.85 92.41 -96.45
C GLY D 232 -11.82 92.69 -97.55
N ALA D 233 -12.21 93.56 -98.50
CA ALA D 233 -11.41 93.82 -99.68
C ALA D 233 -10.30 94.81 -99.33
N THR D 234 -10.63 95.83 -98.51
CA THR D 234 -9.69 96.87 -98.17
C THR D 234 -8.94 96.51 -96.89
N ALA D 235 -8.77 95.19 -96.68
CA ALA D 235 -8.14 94.67 -95.49
C ALA D 235 -6.79 94.04 -95.81
N ASP D 236 -5.86 94.17 -94.87
CA ASP D 236 -4.49 93.71 -95.03
C ASP D 236 -4.42 92.20 -94.84
N LYS D 237 -3.81 91.52 -95.82
CA LYS D 237 -3.70 90.07 -95.76
C LYS D 237 -2.34 89.69 -95.17
N SER D 238 -1.49 90.70 -94.97
CA SER D 238 -0.10 90.50 -94.59
C SER D 238 0.19 91.11 -93.22
N LYS D 239 -0.84 91.69 -92.59
CA LYS D 239 -0.69 92.22 -91.24
C LYS D 239 -0.56 91.03 -90.30
N ASP D 240 0.44 91.12 -89.41
CA ASP D 240 0.67 90.11 -88.38
C ASP D 240 -0.13 90.46 -87.14
N PHE D 241 -1.21 89.71 -86.90
CA PHE D 241 -2.08 89.90 -85.75
C PHE D 241 -1.53 89.14 -84.58
N THR D 242 -1.60 89.78 -83.41
CA THR D 242 -0.95 89.30 -82.20
C THR D 242 -1.95 88.56 -81.30
N PHE D 243 -1.58 87.32 -80.95
CA PHE D 243 -2.40 86.44 -80.13
C PHE D 243 -1.63 86.05 -78.87
N LYS D 244 -2.29 86.23 -77.72
CA LYS D 244 -1.79 85.73 -76.45
C LYS D 244 -2.54 84.45 -76.12
N LEU D 245 -1.84 83.31 -76.20
CA LEU D 245 -2.46 82.04 -75.90
C LEU D 245 -1.88 81.49 -74.61
N THR D 246 -2.76 81.07 -73.69
CA THR D 246 -2.33 80.56 -72.40
C THR D 246 -2.91 79.17 -72.17
N PHE D 247 -2.30 78.16 -72.81
CA PHE D 247 -2.80 76.79 -72.76
C PHE D 247 -2.53 76.18 -71.38
N THR D 248 -3.62 75.77 -70.71
CA THR D 248 -3.54 75.15 -69.39
C THR D 248 -3.33 73.64 -69.56
N LYS D 249 -3.33 72.93 -68.44
CA LYS D 249 -2.95 71.52 -68.40
C LYS D 249 -4.20 70.67 -68.12
N ALA D 250 -4.00 69.36 -68.06
CA ALA D 250 -5.04 68.49 -67.52
C ALA D 250 -4.47 67.66 -66.38
N SER D 251 -5.33 66.91 -65.70
CA SER D 251 -4.91 66.06 -64.58
C SER D 251 -4.03 64.92 -65.08
N THR D 252 -4.51 64.26 -66.14
CA THR D 252 -3.94 63.02 -66.64
C THR D 252 -2.54 63.22 -67.25
N GLU D 253 -2.14 64.48 -67.44
CA GLU D 253 -0.88 64.85 -68.05
C GLU D 253 0.13 65.24 -66.97
N THR D 254 1.26 64.51 -66.94
CA THR D 254 2.36 64.88 -66.07
C THR D 254 3.51 65.37 -66.92
N SER D 255 3.27 65.54 -68.22
CA SER D 255 4.26 66.06 -69.15
C SER D 255 4.89 67.34 -68.60
N GLN D 256 6.22 67.33 -68.39
CA GLN D 256 6.93 68.57 -68.10
C GLN D 256 6.63 69.57 -69.21
N SER D 257 6.21 70.79 -68.85
CA SER D 257 5.76 71.76 -69.84
C SER D 257 4.67 71.13 -70.70
N ILE D 258 3.49 70.96 -70.10
CA ILE D 258 2.36 70.29 -70.73
C ILE D 258 2.17 70.78 -72.16
N THR D 259 2.49 72.04 -72.40
CA THR D 259 2.25 72.77 -73.63
C THR D 259 2.53 72.01 -74.93
N GLY D 260 3.58 71.18 -74.96
CA GLY D 260 3.89 70.39 -76.14
C GLY D 260 4.06 71.26 -77.37
N LYS D 261 3.33 71.00 -78.45
CA LYS D 261 3.28 71.88 -79.61
C LYS D 261 4.61 71.95 -80.39
N ILE D 262 4.51 72.14 -81.71
CA ILE D 262 5.67 72.29 -82.57
C ILE D 262 5.45 73.45 -83.52
N GLY D 263 4.23 73.98 -83.57
CA GLY D 263 3.96 75.20 -84.31
C GLY D 263 3.39 74.89 -85.68
N GLU D 264 4.03 73.92 -86.35
CA GLU D 264 3.73 73.58 -87.73
C GLU D 264 3.60 74.80 -88.64
N THR D 265 4.24 75.92 -88.30
CA THR D 265 4.51 76.94 -89.27
C THR D 265 5.91 76.76 -89.82
N SER D 266 6.32 75.52 -90.07
CA SER D 266 7.70 75.13 -90.33
C SER D 266 8.63 75.31 -89.13
N LYS D 267 8.65 76.53 -88.55
CA LYS D 267 9.57 76.86 -87.46
C LYS D 267 9.11 76.15 -86.19
N THR D 268 10.08 75.64 -85.43
CA THR D 268 9.82 74.89 -84.22
C THR D 268 9.35 75.91 -83.18
N PHE D 269 8.03 76.11 -83.09
CA PHE D 269 7.48 76.98 -82.07
C PHE D 269 7.93 76.52 -80.67
N VAL D 270 8.70 77.39 -80.02
CA VAL D 270 9.10 77.17 -78.64
C VAL D 270 7.84 77.29 -77.80
N TYR D 271 7.49 76.24 -77.08
CA TYR D 271 6.21 76.19 -76.37
C TYR D 271 6.26 76.94 -75.04
N GLY D 272 5.29 76.69 -74.17
CA GLY D 272 5.25 77.29 -72.84
C GLY D 272 3.80 77.38 -72.36
N GLN D 273 3.61 77.36 -71.04
CA GLN D 273 2.25 77.39 -70.49
C GLN D 273 1.54 78.72 -70.82
N GLU D 274 2.28 79.83 -70.94
CA GLU D 274 1.68 81.14 -71.19
C GLU D 274 2.58 81.97 -72.12
N THR D 275 2.08 82.41 -73.29
CA THR D 275 2.98 82.88 -74.34
C THR D 275 2.26 83.82 -75.30
N THR D 276 2.91 84.17 -76.44
CA THR D 276 2.38 85.11 -77.42
C THR D 276 2.88 84.75 -78.81
N ILE D 277 2.01 84.86 -79.83
CA ILE D 277 2.33 84.46 -81.19
C ILE D 277 1.73 85.47 -82.17
N THR D 278 2.05 85.33 -83.47
CA THR D 278 1.56 86.24 -84.51
C THR D 278 1.16 85.46 -85.75
N LEU D 279 0.11 85.93 -86.45
CA LEU D 279 -0.40 85.25 -87.64
C LEU D 279 -0.87 86.26 -88.69
N ARG D 280 -0.84 85.83 -89.96
CA ARG D 280 -1.41 86.54 -91.10
C ARG D 280 -2.59 85.75 -91.64
N HIS D 281 -3.24 86.29 -92.69
CA HIS D 281 -4.38 85.63 -93.32
C HIS D 281 -3.95 84.25 -93.83
N ASP D 282 -4.86 83.27 -93.70
CA ASP D 282 -4.67 81.90 -94.14
C ASP D 282 -3.37 81.33 -93.56
N GLN D 283 -2.97 81.80 -92.38
CA GLN D 283 -1.81 81.26 -91.67
C GLN D 283 -2.28 80.59 -90.38
N SER D 284 -1.74 79.39 -90.09
CA SER D 284 -2.25 78.54 -89.03
C SER D 284 -1.13 77.93 -88.20
N LEU D 285 -1.43 77.67 -86.92
CA LEU D 285 -0.48 76.99 -86.05
C LEU D 285 -1.14 75.73 -85.49
N VAL D 286 -0.57 74.58 -85.86
CA VAL D 286 -1.17 73.29 -85.55
C VAL D 286 -0.36 72.63 -84.44
N PHE D 287 -1.09 72.09 -83.46
CA PHE D 287 -0.52 71.19 -82.47
C PHE D 287 -0.97 69.79 -82.83
N ASP D 288 -0.01 68.91 -83.11
CA ASP D 288 -0.31 67.55 -83.51
C ASP D 288 -0.33 66.65 -82.26
N THR D 289 -1.28 65.72 -82.25
CA THR D 289 -1.41 64.66 -81.28
C THR D 289 -1.12 65.13 -79.85
N ILE D 290 -2.02 65.95 -79.29
CA ILE D 290 -1.85 66.55 -77.96
C ILE D 290 -2.99 66.04 -77.07
N PRO D 291 -2.75 65.81 -75.76
CA PRO D 291 -3.77 65.26 -74.86
C PRO D 291 -5.06 66.07 -74.74
N ALA D 292 -6.13 65.40 -74.32
CA ALA D 292 -7.44 66.01 -74.15
C ALA D 292 -7.50 66.65 -72.78
N GLY D 293 -8.63 67.31 -72.49
CA GLY D 293 -8.83 67.96 -71.20
C GLY D 293 -8.00 69.22 -71.03
N THR D 294 -7.18 69.56 -72.02
CA THR D 294 -6.32 70.72 -71.95
C THR D 294 -7.13 71.97 -72.34
N ARG D 295 -7.13 72.98 -71.47
CA ARG D 295 -7.91 74.19 -71.73
C ARG D 295 -7.00 75.23 -72.37
N TYR D 296 -7.58 76.23 -73.05
CA TYR D 296 -6.78 77.30 -73.64
C TYR D 296 -7.48 78.65 -73.53
N LYS D 297 -6.67 79.70 -73.34
CA LYS D 297 -7.14 81.08 -73.26
C LYS D 297 -6.66 81.82 -74.50
N LEU D 298 -7.58 82.33 -75.31
CA LEU D 298 -7.20 83.08 -76.51
C LEU D 298 -7.45 84.56 -76.25
N VAL D 299 -6.44 85.39 -76.53
CA VAL D 299 -6.55 86.84 -76.38
C VAL D 299 -5.86 87.51 -77.55
N GLU D 300 -6.63 88.10 -78.45
CA GLU D 300 -6.07 88.82 -79.58
C GLU D 300 -6.06 90.30 -79.26
N THR D 301 -4.91 90.94 -79.41
CA THR D 301 -4.84 92.39 -79.34
C THR D 301 -5.66 92.98 -80.47
N GLY D 302 -6.73 93.70 -80.11
CA GLY D 302 -7.68 94.22 -81.08
C GLY D 302 -7.10 95.38 -81.89
N SER D 303 -7.00 95.20 -83.22
CA SER D 303 -6.42 96.20 -84.11
C SER D 303 -7.44 97.29 -84.44
N GLN D 304 -6.95 98.50 -84.72
CA GLN D 304 -7.80 99.65 -84.99
C GLN D 304 -8.68 99.38 -86.21
N GLY D 305 -10.00 99.31 -85.98
CA GLY D 305 -11.00 99.27 -87.04
C GLY D 305 -11.37 97.86 -87.50
N TYR D 306 -10.78 96.86 -86.85
CA TYR D 306 -11.00 95.47 -87.20
C TYR D 306 -11.88 94.80 -86.16
N THR D 307 -12.94 94.14 -86.63
CA THR D 307 -13.80 93.37 -85.76
C THR D 307 -13.39 91.89 -85.80
N ALA D 308 -13.18 91.30 -84.62
CA ALA D 308 -12.68 89.94 -84.53
C ALA D 308 -13.78 88.99 -84.09
N SER D 309 -13.85 87.83 -84.75
CA SER D 309 -14.80 86.78 -84.45
C SER D 309 -14.13 85.41 -84.58
N ALA D 310 -14.81 84.35 -84.13
CA ALA D 310 -14.22 83.03 -84.07
C ALA D 310 -15.28 81.94 -84.24
N ALA D 311 -14.89 80.86 -84.91
CA ALA D 311 -15.74 79.70 -85.13
C ALA D 311 -14.94 78.45 -84.79
N TYR D 312 -15.14 77.96 -83.57
CA TYR D 312 -14.27 76.94 -83.01
C TYR D 312 -15.01 75.61 -82.91
N LYS D 313 -14.32 74.63 -82.29
CA LYS D 313 -14.85 73.31 -82.03
C LYS D 313 -14.34 72.81 -80.68
N GLU D 314 -15.10 73.13 -79.63
CA GLU D 314 -14.92 72.60 -78.30
C GLU D 314 -15.51 71.19 -78.28
N ASN D 315 -14.64 70.18 -78.28
CA ASN D 315 -15.03 68.82 -78.62
C ASN D 315 -15.55 68.83 -80.05
N GLY D 316 -16.34 67.83 -80.43
CA GLY D 316 -16.89 67.79 -81.76
C GLY D 316 -18.01 68.81 -82.02
N ALA D 317 -18.30 69.67 -81.03
CA ALA D 317 -19.40 70.61 -81.14
C ALA D 317 -18.90 71.96 -81.62
N SER D 318 -19.28 72.31 -82.85
CA SER D 318 -18.87 73.57 -83.43
C SER D 318 -19.68 74.71 -82.81
N LYS D 319 -18.96 75.65 -82.18
CA LYS D 319 -19.56 76.85 -81.64
C LYS D 319 -18.92 78.07 -82.29
N ASN D 320 -19.52 79.25 -82.07
CA ASN D 320 -19.00 80.51 -82.58
C ASN D 320 -19.14 81.58 -81.50
N GLN D 321 -18.15 82.48 -81.43
CA GLN D 321 -18.17 83.63 -80.54
C GLN D 321 -17.58 84.82 -81.29
N ALA D 322 -18.10 86.01 -81.02
CA ALA D 322 -17.62 87.23 -81.66
C ALA D 322 -17.42 88.32 -80.62
N GLY D 323 -16.70 89.37 -81.01
CA GLY D 323 -16.38 90.46 -80.10
C GLY D 323 -16.90 91.79 -80.62
N THR D 324 -16.02 92.80 -80.57
CA THR D 324 -16.41 94.14 -80.99
C THR D 324 -15.31 94.72 -81.88
N VAL D 325 -15.66 95.78 -82.62
CA VAL D 325 -14.73 96.42 -83.53
C VAL D 325 -13.66 97.14 -82.72
N SER D 326 -12.40 96.87 -83.07
CA SER D 326 -11.22 97.51 -82.49
C SER D 326 -11.12 97.21 -80.98
N THR D 327 -11.53 96.01 -80.57
CA THR D 327 -11.46 95.61 -79.19
C THR D 327 -10.74 94.28 -79.05
N ASN D 328 -9.88 94.18 -78.02
CA ASN D 328 -9.19 92.94 -77.70
C ASN D 328 -10.21 91.81 -77.51
N PHE D 329 -9.90 90.62 -78.06
CA PHE D 329 -10.85 89.52 -78.11
C PHE D 329 -10.38 88.38 -77.22
N THR D 330 -10.99 88.29 -76.04
CA THR D 330 -10.65 87.28 -75.05
C THR D 330 -11.75 86.20 -75.04
N GLN D 331 -11.32 84.94 -74.95
CA GLN D 331 -12.24 83.83 -75.02
C GLN D 331 -12.43 83.13 -73.67
N ASP D 332 -11.72 83.61 -72.64
CA ASP D 332 -11.67 82.96 -71.35
C ASP D 332 -11.07 81.56 -71.52
N SER D 333 -11.73 80.51 -71.03
CA SER D 333 -11.14 79.17 -71.07
C SER D 333 -12.02 78.18 -71.83
N ILE D 334 -11.78 78.03 -73.13
CA ILE D 334 -12.42 77.02 -73.94
C ILE D 334 -11.62 75.74 -73.81
N LEU D 335 -12.17 74.60 -74.24
CA LEU D 335 -11.53 73.34 -73.92
C LEU D 335 -11.19 72.56 -75.20
N ILE D 336 -9.95 72.08 -75.27
CA ILE D 336 -9.54 71.10 -76.27
C ILE D 336 -9.87 69.74 -75.69
N GLY D 337 -10.79 69.01 -76.29
CA GLY D 337 -11.09 67.72 -75.67
C GLY D 337 -10.97 66.58 -76.66
N GLU D 338 -11.67 65.47 -76.35
CA GLU D 338 -11.81 64.36 -77.27
C GLU D 338 -12.60 64.91 -78.45
N LYS D 339 -12.53 64.25 -79.60
CA LYS D 339 -13.29 64.71 -80.74
C LYS D 339 -12.66 66.00 -81.27
N PRO D 340 -13.05 66.48 -82.48
CA PRO D 340 -12.38 67.60 -83.12
C PRO D 340 -12.11 68.83 -82.26
N ASN D 341 -10.99 69.50 -82.50
CA ASN D 341 -10.75 70.77 -81.85
C ASN D 341 -10.10 71.70 -82.87
N ASP D 342 -10.73 72.85 -83.16
CA ASP D 342 -10.22 73.81 -84.12
C ASP D 342 -10.66 75.20 -83.69
N ASN D 343 -10.17 76.24 -84.39
CA ASN D 343 -10.59 77.61 -84.13
C ASN D 343 -10.18 78.52 -85.29
N THR D 344 -11.15 79.17 -85.92
CA THR D 344 -10.86 80.05 -87.03
C THR D 344 -11.13 81.48 -86.61
N ILE D 345 -10.07 82.24 -86.32
CA ILE D 345 -10.20 83.62 -85.88
C ILE D 345 -10.22 84.53 -87.10
N THR D 346 -11.37 85.17 -87.34
CA THR D 346 -11.60 85.96 -88.54
C THR D 346 -11.60 87.44 -88.17
N ASN D 347 -10.79 88.21 -88.89
CA ASN D 347 -10.63 89.63 -88.65
C ASN D 347 -11.23 90.39 -89.83
N SER D 348 -12.30 91.15 -89.57
CA SER D 348 -13.03 91.82 -90.63
C SER D 348 -12.85 93.34 -90.57
N LEU D 349 -12.76 93.97 -91.74
CA LEU D 349 -12.68 95.43 -91.84
C LEU D 349 -13.72 95.88 -92.87
N PRO D 350 -14.47 96.96 -92.59
CA PRO D 350 -15.40 97.49 -93.58
C PRO D 350 -14.61 98.07 -94.76
N ASP D 351 -15.16 97.94 -95.97
CA ASP D 351 -14.52 98.53 -97.15
C ASP D 351 -14.80 100.01 -97.16
N VAL D 352 -13.82 100.82 -97.52
CA VAL D 352 -13.91 102.28 -97.41
C VAL D 352 -15.03 102.77 -98.32
N THR D 353 -15.83 103.72 -97.83
CA THR D 353 -16.89 104.37 -98.60
C THR D 353 -16.33 104.92 -99.91
N PRO D 354 -16.74 104.36 -101.07
CA PRO D 354 -16.18 104.77 -102.35
C PRO D 354 -16.61 106.20 -102.65
N THR D 355 -15.89 106.85 -103.59
CA THR D 355 -16.26 108.17 -104.07
C THR D 355 -17.79 108.29 -104.13
N THR E 16 14.24 -206.29 210.72
CA THR E 16 12.83 -206.24 210.25
C THR E 16 12.01 -207.17 211.14
N ALA E 17 11.21 -208.06 210.53
CA ALA E 17 10.41 -209.04 211.23
C ALA E 17 9.36 -208.36 212.10
N LYS E 18 8.56 -209.19 212.77
CA LYS E 18 7.51 -208.70 213.66
C LYS E 18 7.98 -208.90 215.09
N ALA E 19 7.35 -208.17 216.01
CA ALA E 19 7.74 -208.16 217.40
C ALA E 19 6.53 -207.71 218.23
N THR E 20 6.53 -208.17 219.48
CA THR E 20 5.42 -207.99 220.41
C THR E 20 5.85 -208.55 221.76
N GLY E 21 5.35 -207.97 222.86
CA GLY E 21 5.76 -208.46 224.17
C GLY E 21 4.63 -209.20 224.87
N GLU E 22 4.65 -210.54 224.85
CA GLU E 22 3.64 -211.39 225.46
C GLU E 22 2.26 -211.07 224.90
N THR E 23 2.23 -210.23 223.86
CA THR E 23 1.01 -209.80 223.18
C THR E 23 1.08 -210.31 221.75
N SER E 24 -0.09 -210.47 221.11
CA SER E 24 -0.12 -210.92 219.72
C SER E 24 0.41 -209.80 218.81
N ALA E 25 1.10 -210.17 217.73
CA ALA E 25 1.61 -209.22 216.76
C ALA E 25 0.48 -208.87 215.80
N LYS E 26 0.55 -207.69 215.17
CA LYS E 26 -0.43 -207.27 214.17
C LYS E 26 0.30 -207.00 212.85
N VAL E 27 -0.21 -207.54 211.73
CA VAL E 27 0.39 -207.34 210.41
C VAL E 27 -0.68 -206.99 209.36
N SER E 28 -0.34 -206.04 208.49
CA SER E 28 -1.20 -205.60 207.39
C SER E 28 -0.43 -205.66 206.08
N ILE E 29 -0.97 -206.35 205.08
CA ILE E 29 -0.30 -206.43 203.77
C ILE E 29 -0.81 -205.27 202.91
N ASN E 30 0.06 -204.31 202.56
CA ASN E 30 -0.33 -203.12 201.80
C ASN E 30 -0.45 -203.49 200.32
N LYS E 31 -1.12 -202.65 199.53
CA LYS E 31 -1.28 -202.90 198.10
C LYS E 31 -0.99 -201.59 197.39
N VAL E 32 0.08 -201.53 196.59
CA VAL E 32 0.44 -200.26 195.96
C VAL E 32 -0.10 -200.27 194.54
N LEU E 33 -0.77 -199.19 194.11
CA LEU E 33 -1.22 -199.14 192.72
C LEU E 33 -0.59 -197.96 191.99
N ASN E 34 0.11 -198.27 190.91
CA ASN E 34 0.74 -197.23 190.10
C ASN E 34 -0.27 -196.70 189.08
N ILE E 35 -0.22 -195.39 188.86
CA ILE E 35 -1.23 -194.74 188.04
C ILE E 35 -0.65 -193.47 187.43
N ALA E 36 -1.18 -193.07 186.29
CA ALA E 36 -0.84 -191.80 185.67
C ALA E 36 -1.83 -190.72 186.10
N GLU E 37 -1.49 -189.47 185.78
CA GLU E 37 -2.13 -188.27 186.33
C GLU E 37 -3.59 -188.18 185.90
N GLY E 38 -3.84 -188.31 184.60
CA GLY E 38 -5.14 -188.02 184.03
C GLY E 38 -6.19 -189.04 184.45
N ILE E 39 -5.74 -190.29 184.62
CA ILE E 39 -6.61 -191.45 184.73
C ILE E 39 -7.42 -191.42 186.03
N THR E 40 -8.70 -191.79 185.92
CA THR E 40 -9.56 -191.99 187.07
C THR E 40 -9.42 -193.43 187.53
N THR E 41 -9.28 -193.61 188.86
CA THR E 41 -9.05 -194.89 189.49
C THR E 41 -10.08 -195.90 189.02
N PRO E 42 -9.65 -197.09 188.54
CA PRO E 42 -10.59 -198.12 188.09
C PRO E 42 -11.23 -198.77 189.31
N GLU E 43 -12.20 -199.65 189.03
CA GLU E 43 -12.88 -200.38 190.09
C GLU E 43 -12.40 -201.82 190.01
N ALA E 44 -11.41 -202.16 190.85
CA ALA E 44 -10.81 -203.48 190.83
C ALA E 44 -10.54 -203.95 192.26
N THR E 45 -10.47 -205.26 192.43
CA THR E 45 -10.16 -205.82 193.73
C THR E 45 -8.98 -206.77 193.59
N PHE E 46 -8.15 -206.80 194.63
CA PHE E 46 -6.97 -207.65 194.60
C PHE E 46 -7.09 -208.65 195.73
N THR E 47 -6.74 -209.91 195.42
CA THR E 47 -6.92 -211.02 196.33
C THR E 47 -5.59 -211.67 196.65
N PHE E 48 -5.40 -211.99 197.94
CA PHE E 48 -4.18 -212.60 198.42
C PHE E 48 -4.47 -213.97 199.04
N THR E 49 -3.74 -214.98 198.56
CA THR E 49 -3.92 -216.37 198.91
C THR E 49 -2.93 -216.74 200.01
N PHE E 50 -3.42 -217.42 201.05
CA PHE E 50 -2.57 -217.92 202.11
C PHE E 50 -2.64 -219.44 202.11
N THR E 51 -1.77 -220.05 201.30
CA THR E 51 -1.74 -221.49 201.12
C THR E 51 -0.65 -222.07 202.01
N PRO E 52 -0.99 -223.00 202.92
CA PRO E 52 0.01 -223.58 203.83
C PRO E 52 1.10 -224.35 203.10
N LYS E 53 2.27 -224.45 203.75
CA LYS E 53 3.39 -225.19 203.21
C LYS E 53 3.98 -226.08 204.30
N THR E 54 4.52 -227.21 203.87
CA THR E 54 5.04 -228.19 204.81
C THR E 54 6.56 -228.11 204.80
N GLY E 55 7.19 -228.76 205.78
CA GLY E 55 8.63 -228.80 205.84
C GLY E 55 9.13 -228.95 207.27
N THR E 56 10.37 -228.53 207.51
CA THR E 56 10.97 -228.62 208.83
C THR E 56 11.53 -227.24 209.23
N SER E 57 11.53 -226.98 210.53
CA SER E 57 11.86 -225.68 211.05
C SER E 57 13.23 -225.69 211.71
N SER E 58 13.50 -224.65 212.53
CA SER E 58 14.71 -224.47 213.28
C SER E 58 14.83 -225.53 214.37
N ASN E 59 13.70 -225.98 214.92
CA ASN E 59 13.69 -226.90 216.02
C ASN E 59 13.83 -228.35 215.55
N GLY E 60 13.39 -228.62 214.32
CA GLY E 60 13.44 -229.96 213.77
C GLY E 60 12.04 -230.57 213.70
N ALA E 61 11.05 -229.81 214.17
CA ALA E 61 9.67 -230.23 214.16
C ALA E 61 9.11 -229.93 212.77
N PRO E 62 8.08 -230.68 212.31
CA PRO E 62 7.33 -230.35 211.11
C PRO E 62 6.83 -228.92 211.08
N TYR E 63 6.57 -228.35 209.89
CA TYR E 63 6.02 -227.01 209.81
C TYR E 63 4.56 -227.01 210.25
N GLU E 64 4.26 -227.48 211.46
CA GLU E 64 2.91 -227.60 211.96
C GLU E 64 2.04 -228.19 210.86
N THR E 65 0.78 -227.79 210.85
CA THR E 65 -0.09 -228.18 209.77
C THR E 65 -1.08 -227.06 209.63
N ILE E 66 -0.73 -226.04 208.85
CA ILE E 66 -1.58 -224.88 208.68
C ILE E 66 -2.91 -225.29 208.04
N ASP E 67 -2.93 -226.44 207.38
CA ASP E 67 -4.14 -226.97 206.80
C ASP E 67 -5.23 -227.06 207.85
N SER E 68 -4.85 -227.19 209.13
CA SER E 68 -5.82 -227.22 210.20
C SER E 68 -6.95 -226.25 209.95
N SER E 69 -8.20 -226.76 209.87
CA SER E 69 -9.39 -225.94 209.77
C SER E 69 -9.43 -224.92 210.90
N ASN E 70 -8.91 -225.33 212.06
CA ASN E 70 -8.82 -224.45 213.22
C ASN E 70 -7.44 -223.81 213.19
N GLY E 71 -7.23 -222.92 212.22
CA GLY E 71 -5.96 -222.22 212.10
C GLY E 71 -5.53 -222.07 210.65
N GLN E 72 -6.42 -221.53 209.82
CA GLN E 72 -6.18 -221.37 208.39
C GLN E 72 -6.57 -219.94 208.03
N ILE E 73 -5.65 -219.20 207.42
CA ILE E 73 -5.87 -217.79 207.13
C ILE E 73 -6.63 -217.66 205.80
N THR E 74 -7.89 -217.23 205.91
CA THR E 74 -8.75 -217.04 204.76
C THR E 74 -8.21 -215.89 203.91
N ASP E 75 -8.65 -215.86 202.65
CA ASP E 75 -8.14 -214.87 201.71
C ASP E 75 -8.64 -213.48 202.09
N LYS E 76 -7.79 -212.47 201.86
CA LYS E 76 -8.06 -211.10 202.26
C LYS E 76 -8.02 -210.21 201.02
N ASN E 77 -8.84 -209.14 201.04
CA ASN E 77 -9.12 -208.32 199.87
C ASN E 77 -8.85 -206.84 200.16
N VAL E 78 -8.32 -206.15 199.14
CA VAL E 78 -8.24 -204.71 199.06
C VAL E 78 -8.89 -204.27 197.74
N SER E 79 -9.89 -203.39 197.86
CA SER E 79 -10.63 -202.88 196.71
C SER E 79 -10.22 -201.45 196.39
N TYR E 80 -10.34 -201.10 195.11
CA TYR E 80 -10.13 -199.74 194.65
C TYR E 80 -11.36 -199.32 193.87
N SER E 81 -11.71 -198.03 193.99
CA SER E 81 -12.90 -197.52 193.34
C SER E 81 -12.60 -196.15 192.73
N GLY E 82 -13.56 -195.63 191.95
CA GLY E 82 -13.47 -194.31 191.37
C GLY E 82 -13.28 -193.23 192.45
N THR E 83 -13.70 -193.54 193.68
CA THR E 83 -13.72 -192.62 194.80
C THR E 83 -12.31 -192.36 195.34
N ASP E 84 -11.31 -193.07 194.80
CA ASP E 84 -9.93 -192.91 195.23
C ASP E 84 -9.23 -191.91 194.30
N VAL E 85 -8.25 -191.20 194.86
CA VAL E 85 -7.55 -190.14 194.15
C VAL E 85 -6.12 -190.07 194.67
N LEU E 86 -5.18 -189.90 193.73
CA LEU E 86 -3.80 -189.57 194.04
C LEU E 86 -3.76 -188.07 194.32
N ALA E 87 -4.07 -187.70 195.56
CA ALA E 87 -4.16 -186.31 195.94
C ALA E 87 -2.74 -185.75 196.01
N THR E 88 -2.27 -185.20 194.89
CA THR E 88 -0.96 -184.58 194.76
C THR E 88 0.12 -185.44 195.42
N GLY E 89 -0.03 -186.77 195.27
CA GLY E 89 0.88 -187.73 195.87
C GLY E 89 1.92 -188.22 194.86
N GLN E 90 2.37 -189.46 195.06
CA GLN E 90 3.25 -190.11 194.10
C GLN E 90 2.38 -190.78 193.03
N THR E 91 2.98 -191.58 192.15
CA THR E 91 2.21 -192.48 191.29
C THR E 91 1.90 -193.76 192.06
N ASN E 92 1.39 -193.61 193.27
CA ASN E 92 1.22 -194.73 194.17
C ASN E 92 0.04 -194.41 195.08
N ILE E 93 -1.12 -194.91 194.66
CA ILE E 93 -2.25 -194.95 195.57
C ILE E 93 -2.19 -196.27 196.34
N LYS E 94 -1.80 -196.20 197.62
CA LYS E 94 -1.56 -197.39 198.44
C LYS E 94 -2.77 -197.59 199.34
N LYS E 95 -3.20 -198.85 199.46
CA LYS E 95 -4.27 -199.23 200.38
C LYS E 95 -3.94 -200.56 201.04
N ASP E 96 -4.04 -200.60 202.37
CA ASP E 96 -3.63 -201.74 203.17
C ASP E 96 -4.84 -202.53 203.64
N THR E 97 -4.60 -203.81 204.00
CA THR E 97 -5.60 -204.66 204.64
C THR E 97 -5.75 -204.21 206.09
N GLY E 98 -6.55 -204.93 206.87
CA GLY E 98 -6.50 -204.77 208.31
C GLY E 98 -5.49 -205.75 208.90
N ASP E 99 -5.46 -205.88 210.23
CA ASP E 99 -4.73 -207.00 210.80
C ASP E 99 -5.29 -208.28 210.19
N ILE E 100 -4.43 -209.03 209.50
CA ILE E 100 -4.83 -210.26 208.84
C ILE E 100 -5.02 -211.35 209.89
N PHE E 101 -4.60 -211.05 211.13
CA PHE E 101 -4.64 -212.00 212.22
C PHE E 101 -5.77 -211.69 213.19
N ARG E 102 -6.74 -210.89 212.72
CA ARG E 102 -8.01 -210.74 213.42
C ARG E 102 -8.88 -211.93 213.04
N GLU E 103 -9.69 -212.40 214.00
CA GLU E 103 -10.67 -213.44 213.75
C GLU E 103 -10.02 -214.80 213.51
N VAL E 104 -8.67 -214.85 213.46
CA VAL E 104 -7.98 -216.13 213.32
C VAL E 104 -7.46 -216.58 214.69
N ASN E 105 -7.60 -217.87 214.97
CA ASN E 105 -7.17 -218.45 216.23
C ASN E 105 -6.18 -219.58 215.93
N TYR E 106 -5.23 -219.78 216.83
CA TYR E 106 -4.28 -220.88 216.68
C TYR E 106 -4.51 -221.91 217.78
N THR E 107 -4.42 -223.18 217.39
CA THR E 107 -4.73 -224.25 218.32
C THR E 107 -3.60 -224.37 219.34
N HIS E 108 -2.42 -224.68 218.82
CA HIS E 108 -1.25 -224.96 219.62
C HIS E 108 -0.15 -224.05 219.14
N ALA E 109 1.08 -224.28 219.63
CA ALA E 109 2.19 -223.42 219.24
C ALA E 109 2.97 -224.07 218.10
N GLY E 110 4.11 -223.48 217.76
CA GLY E 110 5.01 -223.99 216.73
C GLY E 110 5.09 -223.04 215.55
N GLU E 111 5.80 -223.46 214.49
CA GLU E 111 6.03 -222.64 213.33
C GLU E 111 4.99 -222.97 212.26
N TYR E 112 4.24 -221.94 211.85
CA TYR E 112 3.18 -222.07 210.88
C TYR E 112 3.62 -221.35 209.59
N VAL E 113 3.65 -222.05 208.46
CA VAL E 113 4.19 -221.45 207.26
C VAL E 113 3.11 -221.40 206.18
N TYR E 114 3.05 -220.27 205.46
CA TYR E 114 2.08 -220.03 204.40
C TYR E 114 2.80 -219.52 203.16
N THR E 115 2.17 -219.74 201.99
CA THR E 115 2.74 -219.30 200.72
C THR E 115 1.85 -218.20 200.16
N VAL E 116 2.15 -216.95 200.52
CA VAL E 116 1.33 -215.81 200.13
C VAL E 116 1.56 -215.47 198.66
N ALA E 117 0.50 -215.34 197.87
CA ALA E 117 0.62 -214.94 196.48
C ALA E 117 -0.63 -214.15 196.11
N GLU E 118 -0.58 -213.46 194.96
CA GLU E 118 -1.73 -212.67 194.52
C GLU E 118 -2.20 -213.19 193.17
N LYS E 119 -3.52 -213.39 193.05
CA LYS E 119 -4.07 -213.96 191.83
C LYS E 119 -4.18 -212.85 190.78
N GLN E 120 -4.32 -213.23 189.50
CA GLN E 120 -4.55 -212.27 188.42
C GLN E 120 -6.03 -212.28 188.08
N ASN E 121 -6.45 -211.61 187.00
CA ASN E 121 -7.82 -211.54 186.54
C ASN E 121 -8.85 -211.42 187.67
N VAL E 122 -8.60 -210.53 188.64
CA VAL E 122 -9.55 -210.25 189.71
C VAL E 122 -10.11 -208.83 189.62
N GLY E 123 -9.78 -208.09 188.55
CA GLY E 123 -10.17 -206.71 188.49
C GLY E 123 -10.53 -206.23 187.09
N TRP E 124 -10.63 -204.90 186.96
CA TRP E 124 -11.29 -204.31 185.81
C TRP E 124 -10.27 -203.74 184.82
N LYS E 125 -9.54 -204.66 184.19
CA LYS E 125 -8.83 -204.35 182.96
C LYS E 125 -9.80 -204.54 181.79
N VAL E 126 -11.11 -204.57 182.10
CA VAL E 126 -12.14 -205.09 181.21
C VAL E 126 -12.75 -203.96 180.37
N ILE E 127 -12.09 -202.80 180.38
CA ILE E 127 -12.61 -201.62 179.73
C ILE E 127 -12.18 -201.68 178.25
N GLN E 128 -12.87 -202.54 177.49
CA GLN E 128 -12.50 -202.82 176.12
C GLN E 128 -13.71 -202.63 175.22
N LYS E 129 -13.44 -202.41 173.93
CA LYS E 129 -14.47 -202.16 172.93
C LYS E 129 -14.11 -202.97 171.69
N ASN E 130 -15.03 -203.85 171.30
CA ASN E 130 -14.87 -204.76 170.17
C ASN E 130 -13.59 -205.59 170.35
N GLY E 131 -13.27 -205.92 171.60
CA GLY E 131 -12.10 -206.72 171.92
C GLY E 131 -10.81 -205.90 172.00
N SER E 132 -10.84 -204.68 171.44
CA SER E 132 -9.72 -203.76 171.50
C SER E 132 -9.70 -203.07 172.87
N PRO E 133 -8.62 -203.26 173.68
CA PRO E 133 -8.58 -202.73 175.03
C PRO E 133 -8.15 -201.26 175.06
N ILE E 134 -8.51 -200.57 176.15
CA ILE E 134 -8.18 -199.16 176.34
C ILE E 134 -7.13 -199.08 177.44
N ASP E 135 -7.22 -200.01 178.40
CA ASP E 135 -6.35 -200.00 179.55
C ASP E 135 -5.49 -201.26 179.53
N PHE E 136 -4.71 -201.45 180.61
CA PHE E 136 -3.77 -202.55 180.73
C PHE E 136 -3.40 -202.74 182.20
N MET E 137 -4.20 -203.54 182.91
CA MET E 137 -3.98 -203.84 184.31
C MET E 137 -2.83 -204.84 184.44
N THR E 138 -1.76 -204.41 185.13
CA THR E 138 -0.65 -205.30 185.43
C THR E 138 -0.71 -205.68 186.92
N TYR E 139 -0.81 -206.99 187.12
CA TYR E 139 -0.84 -207.62 188.42
C TYR E 139 0.57 -207.99 188.81
N ASP E 140 0.69 -208.41 190.06
CA ASP E 140 1.94 -208.94 190.54
C ASP E 140 1.76 -210.44 190.75
N ASN E 141 2.53 -211.23 190.02
CA ASN E 141 2.47 -212.67 190.13
C ASN E 141 3.71 -213.21 190.86
N ARG E 142 4.19 -212.44 191.84
CA ARG E 142 5.24 -212.86 192.75
C ARG E 142 4.71 -213.94 193.69
N ASN E 143 5.60 -214.82 194.14
CA ASN E 143 5.30 -215.77 195.19
C ASN E 143 6.13 -215.41 196.41
N TYR E 144 5.48 -215.41 197.60
CA TYR E 144 6.10 -215.10 198.87
C TYR E 144 5.90 -216.25 199.86
N GLU E 145 6.70 -216.26 200.92
CA GLU E 145 6.58 -217.28 201.94
C GLU E 145 6.60 -216.59 203.30
N MET E 146 5.54 -216.85 204.08
CA MET E 146 5.32 -216.16 205.33
C MET E 146 5.44 -217.15 206.48
N HIS E 147 6.35 -216.86 207.41
CA HIS E 147 6.53 -217.69 208.58
C HIS E 147 5.87 -217.02 209.78
N VAL E 148 4.98 -217.78 210.44
CA VAL E 148 4.37 -217.34 211.68
C VAL E 148 4.99 -218.16 212.81
N ILE E 149 5.48 -217.46 213.84
CA ILE E 149 6.12 -218.08 214.98
C ILE E 149 5.21 -217.84 216.18
N VAL E 150 4.48 -218.89 216.56
CA VAL E 150 3.57 -218.82 217.70
C VAL E 150 4.23 -219.51 218.88
N LYS E 151 4.27 -218.80 220.01
CA LYS E 151 4.83 -219.32 221.24
C LYS E 151 3.72 -219.41 222.27
N ASN E 152 4.03 -220.05 223.39
CA ASN E 152 3.08 -220.14 224.47
C ASN E 152 3.37 -219.03 225.48
N LYS E 153 2.28 -218.50 226.06
CA LYS E 153 2.37 -217.56 227.16
C LYS E 153 2.78 -218.34 228.41
N THR E 154 3.46 -217.66 229.34
CA THR E 154 3.81 -218.25 230.62
C THR E 154 2.53 -218.55 231.42
N THR E 155 1.48 -217.77 231.15
CA THR E 155 0.24 -217.79 231.88
C THR E 155 -0.78 -218.78 231.29
N GLY E 156 -0.58 -219.18 230.04
CA GLY E 156 -1.50 -220.12 229.40
C GLY E 156 -2.15 -219.52 228.15
N GLY E 157 -2.03 -220.24 227.04
CA GLY E 157 -2.52 -219.82 225.73
C GLY E 157 -1.39 -219.50 224.76
N THR E 158 -1.77 -219.15 223.53
CA THR E 158 -0.83 -218.87 222.46
C THR E 158 -0.77 -217.38 222.20
N TYR E 159 0.38 -216.91 221.68
CA TYR E 159 0.54 -215.53 221.23
C TYR E 159 1.52 -215.51 220.06
N ILE E 160 1.22 -214.66 219.08
CA ILE E 160 2.00 -214.52 217.87
C ILE E 160 3.26 -213.71 218.19
N SER E 161 4.39 -214.41 218.27
CA SER E 161 5.64 -213.81 218.69
C SER E 161 6.24 -213.00 217.54
N SER E 162 6.29 -213.64 216.37
CA SER E 162 7.05 -213.11 215.25
C SER E 162 6.48 -213.60 213.93
N VAL E 163 6.64 -212.76 212.91
CA VAL E 163 6.28 -213.08 211.54
C VAL E 163 7.29 -212.40 210.62
N TYR E 164 7.81 -213.15 209.67
CA TYR E 164 8.64 -212.55 208.64
C TYR E 164 8.24 -213.15 207.28
N PHE E 165 8.61 -212.47 206.20
CA PHE E 165 8.34 -212.94 204.86
C PHE E 165 9.66 -213.11 204.11
N LYS E 166 9.59 -213.87 203.01
CA LYS E 166 10.70 -214.05 202.10
C LYS E 166 10.10 -214.22 200.71
N GLN E 167 10.90 -214.04 199.67
CA GLN E 167 10.41 -214.24 198.31
C GLN E 167 10.89 -215.58 197.80
N VAL E 168 10.00 -216.30 197.10
CA VAL E 168 10.32 -217.62 196.57
C VAL E 168 10.85 -217.53 195.12
N SER E 169 10.09 -216.85 194.27
CA SER E 169 10.46 -216.73 192.86
C SER E 169 11.83 -216.04 192.74
N PRO E 170 12.03 -214.81 193.30
CA PRO E 170 13.36 -214.22 193.39
C PRO E 170 14.09 -214.79 194.60
N SER E 171 14.60 -216.01 194.44
CA SER E 171 15.46 -216.65 195.42
C SER E 171 16.74 -215.84 195.60
N VAL E 172 17.45 -216.12 196.70
CA VAL E 172 18.61 -215.37 197.18
C VAL E 172 18.36 -213.86 197.12
N ASN E 173 17.34 -213.41 197.86
CA ASN E 173 16.97 -212.00 197.86
C ASN E 173 17.14 -211.41 199.26
N GLY E 174 16.36 -211.95 200.21
CA GLY E 174 16.51 -211.58 201.61
C GLY E 174 15.16 -211.51 202.31
N LYS E 175 15.21 -211.15 203.59
CA LYS E 175 14.00 -210.90 204.36
C LYS E 175 13.30 -209.67 203.77
N VAL E 176 11.97 -209.77 203.65
CA VAL E 176 11.18 -208.65 203.17
C VAL E 176 11.10 -207.61 204.26
N LYS E 177 11.54 -206.39 203.92
CA LYS E 177 11.60 -205.27 204.85
C LYS E 177 10.19 -204.71 205.00
N PRO E 178 9.87 -204.02 206.12
CA PRO E 178 8.52 -203.48 206.32
C PRO E 178 8.34 -202.14 205.62
N SER E 179 7.16 -201.55 205.76
CA SER E 179 6.87 -200.29 205.10
C SER E 179 6.90 -199.18 206.14
N GLU E 180 5.84 -199.13 206.94
CA GLU E 180 5.85 -198.28 208.12
C GLU E 180 5.77 -199.18 209.35
N SER E 181 6.83 -199.19 210.15
CA SER E 181 6.91 -200.06 211.31
C SER E 181 6.09 -199.45 212.45
N GLY E 182 6.00 -200.22 213.53
CA GLY E 182 5.23 -199.87 214.71
C GLY E 182 4.37 -201.06 215.14
N THR E 183 3.30 -200.75 215.88
CA THR E 183 2.39 -201.75 216.43
C THR E 183 1.84 -202.62 215.30
N THR E 184 1.14 -201.97 214.36
CA THR E 184 0.61 -202.62 213.17
C THR E 184 1.66 -202.53 212.07
N TYR E 185 2.44 -203.58 211.92
CA TYR E 185 3.50 -203.62 210.93
C TYR E 185 2.84 -203.72 209.56
N LYS E 186 3.10 -202.73 208.70
CA LYS E 186 2.58 -202.73 207.35
C LYS E 186 3.70 -203.18 206.42
N TYR E 187 3.35 -203.94 205.38
CA TYR E 187 4.31 -204.46 204.42
C TYR E 187 3.77 -204.21 203.02
N ASP E 188 4.50 -203.42 202.21
CA ASP E 188 4.14 -203.14 200.83
C ASP E 188 4.55 -204.32 199.94
N LEU E 189 3.80 -205.43 200.03
CA LEU E 189 4.16 -206.69 199.39
C LEU E 189 3.90 -206.64 197.89
N PHE E 190 2.63 -206.48 197.50
CA PHE E 190 2.29 -206.56 196.08
C PHE E 190 2.10 -205.17 195.51
N THR E 191 2.72 -204.89 194.35
CA THR E 191 2.53 -203.60 193.68
C THR E 191 2.06 -203.87 192.26
N ASN E 192 0.96 -203.21 191.87
CA ASN E 192 0.36 -203.46 190.56
C ASN E 192 0.40 -202.16 189.76
N ILE E 193 0.28 -202.20 188.44
CA ILE E 193 0.37 -200.99 187.61
C ILE E 193 -0.86 -200.89 186.71
N TYR E 194 -1.46 -199.70 186.59
CA TYR E 194 -2.62 -199.52 185.71
C TYR E 194 -2.27 -198.55 184.57
N ARG E 195 -2.07 -199.11 183.37
CA ARG E 195 -1.73 -198.31 182.20
C ARG E 195 -2.95 -198.08 181.30
N LYS E 196 -3.47 -196.86 181.19
CA LYS E 196 -4.60 -196.62 180.32
C LYS E 196 -4.16 -195.72 179.18
N ASN E 197 -4.14 -196.25 177.95
CA ASN E 197 -3.91 -195.44 176.76
C ASN E 197 -4.70 -194.14 176.85
N ALA E 198 -6.01 -194.20 176.64
CA ALA E 198 -6.83 -193.01 176.80
C ALA E 198 -6.32 -191.91 175.88
N GLY E 199 -6.59 -190.66 176.24
CA GLY E 199 -6.44 -189.61 175.26
C GLY E 199 -7.62 -189.72 174.29
N LYS E 200 -8.75 -189.11 174.63
CA LYS E 200 -9.93 -189.08 173.79
C LYS E 200 -10.52 -190.46 173.59
N ILE E 201 -9.78 -191.54 173.94
CA ILE E 201 -10.35 -192.87 173.78
C ILE E 201 -11.56 -192.98 174.70
N THR E 202 -11.50 -192.25 175.80
CA THR E 202 -12.65 -192.09 176.66
C THR E 202 -13.55 -191.04 176.00
N ASP E 203 -14.61 -191.53 175.35
CA ASP E 203 -15.41 -190.68 174.47
C ASP E 203 -16.00 -189.48 175.22
N PRO E 204 -16.14 -188.31 174.55
CA PRO E 204 -16.51 -187.06 175.22
C PRO E 204 -17.72 -187.06 176.15
N ASN E 205 -17.44 -186.93 177.46
CA ASN E 205 -18.48 -186.80 178.47
C ASN E 205 -17.87 -186.12 179.68
N GLU E 206 -18.59 -185.14 180.24
CA GLU E 206 -18.13 -184.41 181.43
C GLU E 206 -17.62 -185.34 182.54
N PRO E 207 -18.46 -186.22 183.14
CA PRO E 207 -18.07 -187.02 184.30
C PRO E 207 -17.62 -188.45 183.97
N ASN E 208 -17.59 -189.31 185.00
CA ASN E 208 -16.99 -190.62 184.91
C ASN E 208 -18.07 -191.69 185.02
N PRO E 209 -18.18 -192.63 184.06
CA PRO E 209 -19.10 -193.76 184.21
C PRO E 209 -18.59 -194.90 185.08
N ASN E 210 -19.49 -195.87 185.36
CA ASN E 210 -19.20 -196.99 186.24
C ASN E 210 -20.15 -198.14 185.97
N LYS E 211 -19.60 -199.26 185.48
CA LYS E 211 -20.33 -200.50 185.25
C LYS E 211 -21.73 -200.31 184.66
N PRO E 212 -21.86 -199.98 183.34
CA PRO E 212 -23.15 -199.85 182.69
C PRO E 212 -23.50 -201.13 181.90
N SER E 215 -19.88 -193.92 179.10
CA SER E 215 -20.85 -194.88 178.50
C SER E 215 -20.57 -195.07 177.01
N LYS E 216 -19.55 -194.38 176.49
CA LYS E 216 -19.08 -194.60 175.13
C LYS E 216 -17.56 -194.57 175.11
N VAL E 217 -16.94 -195.34 174.22
CA VAL E 217 -15.50 -195.49 174.14
C VAL E 217 -15.12 -195.86 172.71
N ASP E 218 -14.05 -195.24 172.18
CA ASP E 218 -13.64 -195.48 170.81
C ASP E 218 -12.14 -195.78 170.78
N PRO E 219 -11.73 -197.05 170.60
CA PRO E 219 -10.31 -197.39 170.74
C PRO E 219 -9.44 -196.93 169.56
N ASN E 220 -10.07 -196.40 168.53
CA ASN E 220 -9.35 -195.97 167.33
C ASN E 220 -9.34 -194.44 167.28
N ALA E 221 -9.93 -193.79 168.31
CA ALA E 221 -9.96 -192.35 168.39
C ALA E 221 -8.53 -191.87 168.68
N LYS E 222 -8.16 -190.73 168.09
CA LYS E 222 -6.81 -190.22 168.26
C LYS E 222 -6.65 -189.73 169.69
N SER E 223 -5.42 -189.80 170.22
CA SER E 223 -5.19 -189.34 171.58
C SER E 223 -5.13 -187.81 171.61
N LEU E 224 -4.15 -187.25 170.90
CA LEU E 224 -3.99 -185.80 170.84
C LEU E 224 -4.01 -185.35 169.38
N VAL E 225 -4.73 -184.25 169.13
CA VAL E 225 -4.76 -183.60 167.82
C VAL E 225 -4.38 -182.15 168.03
N ILE E 226 -3.37 -181.66 167.31
CA ILE E 226 -3.03 -180.24 167.32
C ILE E 226 -3.22 -179.68 165.92
N LYS E 227 -4.15 -178.71 165.80
CA LYS E 227 -4.42 -178.02 164.55
C LYS E 227 -3.73 -176.66 164.57
N LYS E 228 -3.21 -176.27 163.41
CA LYS E 228 -2.82 -174.89 163.20
C LYS E 228 -3.89 -174.22 162.35
N VAL E 229 -4.52 -173.20 162.95
CA VAL E 229 -5.56 -172.44 162.29
C VAL E 229 -4.97 -171.07 161.97
N VAL E 230 -5.34 -170.54 160.79
CA VAL E 230 -4.98 -169.17 160.46
C VAL E 230 -6.27 -168.38 160.30
N SER E 231 -6.31 -167.22 160.97
CA SER E 231 -7.48 -166.36 160.99
C SER E 231 -7.16 -165.03 160.31
N GLY E 232 -8.14 -164.52 159.56
CA GLY E 232 -8.03 -163.27 158.86
C GLY E 232 -7.91 -163.49 157.35
N ALA E 233 -8.49 -162.55 156.59
CA ALA E 233 -8.56 -162.60 155.15
C ALA E 233 -7.20 -162.28 154.54
N THR E 234 -6.50 -161.31 155.12
CA THR E 234 -5.23 -160.84 154.58
C THR E 234 -4.08 -161.59 155.24
N ALA E 235 -4.35 -162.85 155.63
CA ALA E 235 -3.38 -163.68 156.33
C ALA E 235 -2.95 -164.86 155.46
N ASP E 236 -1.70 -165.27 155.63
CA ASP E 236 -1.08 -166.33 154.84
C ASP E 236 -1.55 -167.69 155.34
N LYS E 237 -2.06 -168.50 154.41
CA LYS E 237 -2.57 -169.81 154.75
C LYS E 237 -1.48 -170.85 154.53
N SER E 238 -0.36 -170.41 153.94
CA SER E 238 0.69 -171.31 153.50
C SER E 238 1.99 -171.03 154.28
N LYS E 239 1.94 -170.06 155.20
CA LYS E 239 3.09 -169.79 156.05
C LYS E 239 3.25 -170.97 157.02
N ASP E 240 4.50 -171.46 157.12
CA ASP E 240 4.84 -172.54 158.04
C ASP E 240 5.24 -171.96 159.39
N PHE E 241 4.34 -172.11 160.37
CA PHE E 241 4.57 -171.61 161.72
C PHE E 241 5.32 -172.66 162.52
N THR E 242 6.28 -172.18 163.32
CA THR E 242 7.22 -173.03 164.03
C THR E 242 6.79 -173.26 165.47
N PHE E 243 6.69 -174.54 165.84
CA PHE E 243 6.27 -174.96 167.17
C PHE E 243 7.34 -175.82 167.81
N LYS E 244 7.86 -175.41 168.99
CA LYS E 244 8.81 -176.24 169.71
C LYS E 244 8.06 -176.90 170.86
N LEU E 245 7.89 -178.22 170.76
CA LEU E 245 7.14 -178.97 171.73
C LEU E 245 8.05 -179.91 172.50
N THR E 246 7.84 -179.98 173.82
CA THR E 246 8.53 -180.93 174.65
C THR E 246 7.54 -181.81 175.39
N PHE E 247 7.11 -182.91 174.77
CA PHE E 247 6.26 -183.90 175.40
C PHE E 247 7.06 -184.70 176.44
N THR E 248 6.54 -184.82 177.67
CA THR E 248 7.22 -185.57 178.72
C THR E 248 6.77 -187.03 178.69
N LYS E 249 6.78 -187.72 179.84
CA LYS E 249 6.20 -189.06 179.88
C LYS E 249 5.39 -189.21 181.16
N ALA E 250 4.85 -190.41 181.36
CA ALA E 250 4.14 -190.74 182.58
C ALA E 250 4.89 -191.83 183.34
N SER E 251 4.46 -192.11 184.58
CA SER E 251 5.11 -193.13 185.39
C SER E 251 4.94 -194.51 184.76
N THR E 252 3.68 -194.84 184.47
CA THR E 252 3.32 -196.10 183.87
C THR E 252 3.77 -196.19 182.41
N GLU E 253 4.24 -195.07 181.85
CA GLU E 253 4.78 -195.05 180.49
C GLU E 253 6.23 -195.52 180.53
N THR E 254 6.44 -196.71 179.98
CA THR E 254 7.77 -197.31 179.87
C THR E 254 8.14 -197.37 178.41
N SER E 255 7.60 -196.42 177.63
CA SER E 255 7.82 -196.38 176.19
C SER E 255 9.23 -195.89 175.92
N GLN E 256 10.09 -196.76 175.38
CA GLN E 256 11.42 -196.34 174.98
C GLN E 256 11.28 -195.28 173.89
N SER E 257 11.85 -194.09 174.10
CA SER E 257 11.84 -193.02 173.10
C SER E 257 10.45 -192.83 172.51
N ILE E 258 9.45 -192.67 173.37
CA ILE E 258 8.02 -192.67 173.03
C ILE E 258 7.73 -193.09 171.59
N THR E 259 7.76 -194.41 171.35
CA THR E 259 7.46 -195.00 170.05
C THR E 259 5.96 -195.02 169.83
N GLY E 260 5.51 -194.64 168.62
CA GLY E 260 4.11 -194.72 168.24
C GLY E 260 3.55 -193.41 167.70
N LYS E 261 4.39 -192.36 167.64
CA LYS E 261 3.97 -191.08 167.09
C LYS E 261 4.27 -191.05 165.60
N ILE E 262 3.37 -190.46 164.78
CA ILE E 262 3.54 -190.40 163.34
C ILE E 262 3.14 -189.00 162.87
N GLY E 263 2.15 -188.42 163.55
CA GLY E 263 1.58 -187.14 163.14
C GLY E 263 0.38 -187.33 162.22
N GLU E 264 0.26 -188.53 161.67
CA GLU E 264 -0.86 -188.96 160.84
C GLU E 264 -1.23 -187.90 159.80
N THR E 265 -0.22 -187.23 159.23
CA THR E 265 -0.41 -186.34 158.11
C THR E 265 0.76 -186.54 157.17
N SER E 266 1.98 -186.44 157.71
CA SER E 266 3.20 -186.51 156.92
C SER E 266 4.42 -186.72 157.82
N LYS E 267 5.53 -187.05 157.16
CA LYS E 267 6.87 -187.00 157.74
C LYS E 267 7.12 -188.15 158.70
N THR E 268 6.06 -188.80 159.20
CA THR E 268 6.15 -189.86 160.19
C THR E 268 7.08 -189.47 161.33
N PHE E 269 6.93 -188.25 161.83
CA PHE E 269 7.75 -187.75 162.92
C PHE E 269 7.30 -188.42 164.21
N VAL E 270 8.27 -188.97 164.96
CA VAL E 270 7.99 -189.72 166.18
C VAL E 270 8.27 -188.84 167.40
N TYR E 271 8.77 -187.62 167.20
CA TYR E 271 9.11 -186.76 168.31
C TYR E 271 10.01 -187.50 169.30
N GLY E 272 9.47 -187.85 170.47
CA GLY E 272 10.28 -188.46 171.51
C GLY E 272 10.14 -187.67 172.80
N GLN E 273 11.23 -187.02 173.26
CA GLN E 273 11.21 -186.31 174.51
C GLN E 273 11.35 -184.80 174.35
N GLU E 274 11.84 -184.31 173.21
CA GLU E 274 12.04 -182.88 173.00
C GLU E 274 12.29 -182.62 171.52
N THR E 275 11.48 -181.76 170.88
CA THR E 275 11.60 -181.56 169.44
C THR E 275 10.97 -180.24 168.99
N THR E 276 10.81 -180.04 167.67
CA THR E 276 10.20 -178.88 167.05
C THR E 276 9.56 -179.32 165.72
N ILE E 277 8.45 -178.67 165.33
CA ILE E 277 7.71 -178.98 164.12
C ILE E 277 7.27 -177.68 163.44
N THR E 278 6.65 -177.80 162.25
CA THR E 278 6.09 -176.67 161.51
C THR E 278 4.72 -177.05 160.95
N LEU E 279 3.82 -176.06 160.89
CA LEU E 279 2.45 -176.28 160.43
C LEU E 279 1.94 -175.09 159.63
N ARG E 280 0.99 -175.37 158.72
CA ARG E 280 0.23 -174.37 157.97
C ARG E 280 -1.23 -174.43 158.41
N HIS E 281 -2.07 -173.57 157.83
CA HIS E 281 -3.49 -173.51 158.14
C HIS E 281 -4.14 -174.86 157.85
N ASP E 282 -5.06 -175.26 158.73
CA ASP E 282 -5.81 -176.50 158.62
C ASP E 282 -4.87 -177.70 158.48
N GLN E 283 -3.66 -177.59 159.05
CA GLN E 283 -2.69 -178.69 159.06
C GLN E 283 -2.51 -179.16 160.51
N SER E 284 -2.51 -180.49 160.72
CA SER E 284 -2.58 -181.06 162.05
C SER E 284 -1.62 -182.24 162.20
N LEU E 285 -1.13 -182.44 163.43
CA LEU E 285 -0.31 -183.60 163.75
C LEU E 285 -0.97 -184.38 164.89
N VAL E 286 -1.26 -185.65 164.61
CA VAL E 286 -2.06 -186.49 165.48
C VAL E 286 -1.18 -187.56 166.11
N PHE E 287 -1.43 -187.84 167.40
CA PHE E 287 -0.83 -188.97 168.07
C PHE E 287 -1.88 -190.05 168.21
N ASP E 288 -1.64 -191.20 167.57
CA ASP E 288 -2.63 -192.25 167.58
C ASP E 288 -2.49 -193.06 168.87
N THR E 289 -3.59 -193.16 169.63
CA THR E 289 -3.70 -194.07 170.77
C THR E 289 -2.44 -194.05 171.64
N ILE E 290 -2.23 -192.94 172.36
CA ILE E 290 -1.02 -192.69 173.13
C ILE E 290 -1.37 -192.65 174.63
N PRO E 291 -0.48 -193.13 175.54
CA PRO E 291 -0.81 -193.21 176.97
C PRO E 291 -1.17 -191.89 177.65
N ALA E 292 -1.88 -191.98 178.78
CA ALA E 292 -2.36 -190.80 179.47
C ALA E 292 -1.30 -190.29 180.42
N GLY E 293 -1.61 -189.20 181.14
CA GLY E 293 -0.68 -188.68 182.13
C GLY E 293 0.52 -187.96 181.49
N THR E 294 0.55 -187.90 180.17
CA THR E 294 1.69 -187.33 179.47
C THR E 294 1.50 -185.82 179.35
N ARG E 295 2.46 -185.06 179.90
CA ARG E 295 2.42 -183.60 179.85
C ARG E 295 3.24 -183.12 178.65
N TYR E 296 2.98 -181.87 178.22
CA TYR E 296 3.65 -181.30 177.06
C TYR E 296 3.77 -179.79 177.19
N LYS E 297 4.88 -179.25 176.66
CA LYS E 297 5.15 -177.81 176.62
C LYS E 297 5.05 -177.34 175.17
N LEU E 298 4.13 -176.41 174.90
CA LEU E 298 4.00 -175.86 173.57
C LEU E 298 4.63 -174.46 173.57
N VAL E 299 5.48 -174.21 172.57
CA VAL E 299 6.08 -172.89 172.38
C VAL E 299 6.08 -172.58 170.88
N GLU E 300 5.27 -171.62 170.48
CA GLU E 300 5.28 -171.15 169.10
C GLU E 300 6.13 -169.90 169.00
N THR E 301 7.09 -169.92 168.07
CA THR E 301 7.85 -168.72 167.76
C THR E 301 6.88 -167.71 167.17
N GLY E 302 6.70 -166.58 167.87
CA GLY E 302 5.69 -165.59 167.50
C GLY E 302 6.10 -164.80 166.25
N SER E 303 5.27 -164.91 165.20
CA SER E 303 5.55 -164.27 163.92
C SER E 303 5.15 -162.79 163.95
N GLN E 304 5.85 -161.99 163.14
CA GLN E 304 5.65 -160.55 163.11
C GLN E 304 4.21 -160.23 162.71
N GLY E 305 3.46 -159.62 163.64
CA GLY E 305 2.14 -159.05 163.36
C GLY E 305 0.99 -160.02 163.58
N TYR E 306 1.31 -161.24 164.01
CA TYR E 306 0.31 -162.28 164.20
C TYR E 306 0.08 -162.48 165.69
N THR E 307 -1.19 -162.47 166.10
CA THR E 307 -1.58 -162.77 167.46
C THR E 307 -1.99 -164.23 167.58
N ALA E 308 -1.40 -164.95 168.53
CA ALA E 308 -1.60 -166.38 168.67
C ALA E 308 -2.49 -166.69 169.87
N SER E 309 -3.46 -167.59 169.68
CA SER E 309 -4.39 -168.02 170.71
C SER E 309 -4.66 -169.51 170.57
N ALA E 310 -5.35 -170.10 171.56
CA ALA E 310 -5.50 -171.54 171.62
C ALA E 310 -6.79 -171.94 172.34
N ALA E 311 -7.39 -173.04 171.87
CA ALA E 311 -8.56 -173.63 172.48
C ALA E 311 -8.33 -175.13 172.61
N TYR E 312 -7.91 -175.56 173.81
CA TYR E 312 -7.45 -176.92 174.00
C TYR E 312 -8.45 -177.71 174.84
N LYS E 313 -8.04 -178.96 175.17
CA LYS E 313 -8.84 -179.86 176.00
C LYS E 313 -7.92 -180.68 176.91
N GLU E 314 -7.62 -180.12 178.07
CA GLU E 314 -6.90 -180.81 179.13
C GLU E 314 -7.90 -181.72 179.85
N ASN E 315 -7.87 -183.01 179.53
CA ASN E 315 -8.94 -183.93 179.91
C ASN E 315 -10.20 -183.41 179.22
N GLY E 316 -11.40 -183.70 179.76
CA GLY E 316 -12.58 -183.32 179.01
C GLY E 316 -12.98 -181.85 179.15
N ALA E 317 -12.08 -181.03 179.74
CA ALA E 317 -12.46 -179.67 180.09
C ALA E 317 -11.88 -178.72 179.07
N SER E 318 -12.61 -178.41 178.01
CA SER E 318 -12.13 -177.50 176.99
C SER E 318 -11.96 -176.08 177.54
N LYS E 319 -10.71 -175.59 177.51
CA LYS E 319 -10.43 -174.25 178.01
C LYS E 319 -9.74 -173.48 176.88
N ASN E 320 -9.60 -172.15 177.07
CA ASN E 320 -9.04 -171.29 176.04
C ASN E 320 -8.02 -170.36 176.67
N GLN E 321 -6.92 -170.12 175.95
CA GLN E 321 -5.83 -169.27 176.43
C GLN E 321 -5.25 -168.53 175.23
N ALA E 322 -4.83 -167.27 175.43
CA ALA E 322 -4.33 -166.44 174.35
C ALA E 322 -3.08 -165.71 174.81
N GLY E 323 -2.35 -165.14 173.83
CA GLY E 323 -1.12 -164.42 174.11
C GLY E 323 -1.20 -162.98 173.65
N THR E 324 -0.15 -162.54 172.94
CA THR E 324 -0.06 -161.16 172.48
C THR E 324 0.38 -161.16 171.03
N VAL E 325 0.21 -160.01 170.36
CA VAL E 325 0.55 -159.87 168.96
C VAL E 325 2.08 -159.88 168.81
N SER E 326 2.56 -160.73 167.89
CA SER E 326 3.96 -160.85 167.55
C SER E 326 4.80 -161.32 168.74
N THR E 327 4.22 -162.17 169.58
CA THR E 327 4.92 -162.66 170.76
C THR E 327 4.85 -164.19 170.79
N ASN E 328 5.99 -164.80 171.16
CA ASN E 328 6.10 -166.23 171.33
C ASN E 328 5.03 -166.71 172.31
N PHE E 329 4.40 -167.86 172.00
CA PHE E 329 3.27 -168.35 172.77
C PHE E 329 3.63 -169.64 173.51
N THR E 330 3.93 -169.50 174.79
CA THR E 330 4.36 -170.61 175.62
C THR E 330 3.21 -171.03 176.55
N GLN E 331 3.01 -172.34 176.70
CA GLN E 331 1.85 -172.85 177.42
C GLN E 331 2.22 -173.48 178.76
N ASP E 332 3.52 -173.50 179.09
CA ASP E 332 4.05 -174.23 180.24
C ASP E 332 3.74 -175.72 180.04
N SER E 333 3.17 -176.39 181.05
CA SER E 333 2.94 -177.82 180.96
C SER E 333 1.47 -178.18 181.12
N ILE E 334 0.77 -178.28 179.98
CA ILE E 334 -0.60 -178.76 179.94
C ILE E 334 -0.55 -180.29 179.89
N LEU E 335 -1.69 -180.94 180.16
CA LEU E 335 -1.67 -182.38 180.34
C LEU E 335 -2.59 -183.07 179.35
N ILE E 336 -2.05 -184.10 178.69
CA ILE E 336 -2.84 -185.04 177.90
C ILE E 336 -3.32 -186.09 178.89
N GLY E 337 -4.63 -186.14 179.13
CA GLY E 337 -5.06 -187.12 180.11
C GLY E 337 -6.12 -188.04 179.52
N GLU E 338 -6.83 -188.74 180.41
CA GLU E 338 -7.94 -189.58 180.02
C GLU E 338 -9.02 -188.62 179.52
N LYS E 339 -9.99 -189.10 178.75
CA LYS E 339 -10.98 -188.18 178.19
C LYS E 339 -10.30 -187.34 177.11
N PRO E 340 -11.04 -186.52 176.33
CA PRO E 340 -10.45 -185.81 175.18
C PRO E 340 -9.14 -185.08 175.43
N ASN E 341 -8.25 -185.07 174.44
CA ASN E 341 -7.13 -184.14 174.49
C ASN E 341 -6.90 -183.58 173.09
N ASP E 342 -6.95 -182.25 172.96
CA ASP E 342 -6.76 -181.60 171.66
C ASP E 342 -6.22 -180.20 171.89
N ASN E 343 -5.89 -179.49 170.79
CA ASN E 343 -5.46 -178.10 170.85
C ASN E 343 -5.57 -177.46 169.46
N THR E 344 -6.27 -176.33 169.37
CA THR E 344 -6.36 -175.60 168.12
C THR E 344 -5.63 -174.28 168.27
N ILE E 345 -4.41 -174.19 167.72
CA ILE E 345 -3.62 -172.97 167.80
C ILE E 345 -3.98 -172.06 166.62
N THR E 346 -4.59 -170.92 166.92
CA THR E 346 -5.12 -170.02 165.91
C THR E 346 -4.23 -168.78 165.82
N ASN E 347 -3.79 -168.47 164.61
CA ASN E 347 -2.91 -167.34 164.36
C ASN E 347 -3.70 -166.30 163.58
N SER E 348 -3.90 -165.13 164.20
CA SER E 348 -4.74 -164.09 163.62
C SER E 348 -3.91 -162.90 163.16
N LEU E 349 -4.31 -162.31 162.03
CA LEU E 349 -3.70 -161.08 161.53
C LEU E 349 -4.82 -160.10 161.21
N PRO E 350 -4.67 -158.82 161.59
CA PRO E 350 -5.75 -157.86 161.32
C PRO E 350 -5.77 -157.50 159.83
N ASP E 351 -6.98 -157.41 159.26
CA ASP E 351 -7.15 -157.20 157.84
C ASP E 351 -6.99 -155.72 157.51
N VAL E 352 -6.10 -155.45 156.55
CA VAL E 352 -5.49 -154.14 156.38
C VAL E 352 -6.58 -153.12 156.06
N THR E 353 -6.57 -152.01 156.80
CA THR E 353 -7.47 -150.89 156.56
C THR E 353 -7.17 -150.31 155.19
N PRO E 354 -8.13 -150.31 154.24
CA PRO E 354 -7.88 -149.89 152.87
C PRO E 354 -7.44 -148.42 152.84
N THR E 355 -8.23 -147.53 153.46
CA THR E 355 -7.88 -146.13 153.58
C THR E 355 -7.93 -145.69 155.05
N ASP F 13 16.46 -23.92 16.19
CA ASP F 13 15.85 -23.15 15.07
C ASP F 13 15.11 -24.11 14.14
N VAL F 14 13.82 -24.34 14.44
CA VAL F 14 12.98 -25.20 13.61
C VAL F 14 12.12 -24.32 12.69
N ALA F 15 12.74 -23.85 11.60
CA ALA F 15 12.07 -23.08 10.55
C ALA F 15 11.28 -21.89 11.13
N THR F 16 9.94 -21.99 11.19
CA THR F 16 9.09 -20.87 11.53
C THR F 16 8.46 -21.03 12.91
N ALA F 17 8.85 -22.08 13.65
CA ALA F 17 8.17 -22.37 14.92
C ALA F 17 8.34 -21.20 15.88
N LYS F 18 7.44 -21.05 16.85
CA LYS F 18 7.52 -20.00 17.84
C LYS F 18 8.60 -20.36 18.87
N ALA F 19 8.84 -19.48 19.86
CA ALA F 19 9.97 -19.69 20.73
C ALA F 19 9.66 -19.30 22.17
N THR F 20 10.36 -19.94 23.09
CA THR F 20 10.10 -19.82 24.52
C THR F 20 11.25 -20.49 25.28
N GLY F 21 11.57 -20.00 26.48
CA GLY F 21 12.42 -20.78 27.38
C GLY F 21 11.59 -21.74 28.24
N GLU F 22 11.54 -21.44 29.53
CA GLU F 22 10.59 -22.08 30.44
C GLU F 22 9.34 -21.20 30.58
N THR F 23 9.13 -20.36 29.57
CA THR F 23 8.17 -19.26 29.59
C THR F 23 7.12 -19.55 28.52
N SER F 24 5.91 -19.03 28.72
CA SER F 24 4.86 -19.17 27.71
C SER F 24 5.23 -18.33 26.49
N ALA F 25 4.84 -18.81 25.30
CA ALA F 25 5.08 -18.08 24.07
C ALA F 25 3.99 -17.02 23.92
N LYS F 26 4.31 -15.95 23.18
CA LYS F 26 3.34 -14.93 22.85
C LYS F 26 3.18 -14.88 21.32
N VAL F 27 1.93 -14.92 20.83
CA VAL F 27 1.66 -14.87 19.40
C VAL F 27 0.53 -13.87 19.13
N SER F 28 0.72 -13.08 18.06
CA SER F 28 -0.24 -12.09 17.59
C SER F 28 -0.54 -12.32 16.11
N ILE F 29 -1.83 -12.35 15.78
CA ILE F 29 -2.26 -12.40 14.39
C ILE F 29 -2.32 -10.97 13.85
N ASN F 30 -1.62 -10.76 12.73
CA ASN F 30 -1.54 -9.47 12.09
C ASN F 30 -2.52 -9.46 10.92
N LYS F 31 -3.37 -8.43 10.84
CA LYS F 31 -4.29 -8.28 9.73
C LYS F 31 -3.74 -7.20 8.82
N VAL F 32 -3.52 -7.57 7.55
CA VAL F 32 -3.05 -6.62 6.56
C VAL F 32 -4.25 -6.16 5.74
N LEU F 33 -4.42 -4.85 5.64
CA LEU F 33 -5.51 -4.29 4.87
C LEU F 33 -4.93 -3.44 3.74
N ASN F 34 -5.27 -3.87 2.52
CA ASN F 34 -4.83 -3.20 1.31
C ASN F 34 -5.81 -2.07 1.03
N ILE F 35 -5.26 -0.94 0.56
CA ILE F 35 -6.04 0.26 0.40
C ILE F 35 -5.35 1.14 -0.64
N ALA F 36 -6.15 1.96 -1.31
CA ALA F 36 -5.63 2.94 -2.24
C ALA F 36 -5.40 4.28 -1.53
N GLU F 37 -4.69 5.18 -2.22
CA GLU F 37 -4.09 6.37 -1.63
C GLU F 37 -5.15 7.33 -1.11
N GLY F 38 -6.14 7.64 -1.95
CA GLY F 38 -7.08 8.70 -1.62
C GLY F 38 -8.00 8.33 -0.46
N ILE F 39 -8.34 7.04 -0.39
CA ILE F 39 -9.45 6.54 0.43
C ILE F 39 -9.12 6.67 1.92
N THR F 40 -10.14 7.09 2.68
CA THR F 40 -10.08 7.11 4.13
C THR F 40 -10.55 5.77 4.66
N THR F 41 -9.79 5.27 5.64
CA THR F 41 -9.98 3.96 6.25
C THR F 41 -11.43 3.78 6.67
N PRO F 42 -12.09 2.67 6.27
CA PRO F 42 -13.46 2.40 6.69
C PRO F 42 -13.48 1.98 8.15
N GLU F 43 -14.70 1.82 8.68
CA GLU F 43 -14.87 1.40 10.06
C GLU F 43 -15.39 -0.03 10.03
N ALA F 44 -14.48 -1.00 10.16
CA ALA F 44 -14.82 -2.40 10.03
C ALA F 44 -14.04 -3.22 11.07
N THR F 45 -14.58 -4.39 11.40
CA THR F 45 -13.88 -5.29 12.30
C THR F 45 -13.72 -6.64 11.61
N PHE F 46 -12.64 -7.33 11.95
CA PHE F 46 -12.40 -8.64 11.38
C PHE F 46 -12.33 -9.65 12.52
N THR F 47 -12.92 -10.83 12.28
CA THR F 47 -13.07 -11.84 13.32
C THR F 47 -12.39 -13.13 12.89
N PHE F 48 -11.68 -13.76 13.83
CA PHE F 48 -10.94 -14.99 13.59
C PHE F 48 -11.45 -16.11 14.49
N THR F 49 -11.78 -17.25 13.86
CA THR F 49 -12.37 -18.41 14.51
C THR F 49 -11.27 -19.41 14.85
N PHE F 50 -11.31 -19.93 16.08
CA PHE F 50 -10.36 -20.94 16.53
C PHE F 50 -11.12 -22.23 16.85
N THR F 51 -11.35 -23.04 15.83
CA THR F 51 -12.14 -24.25 15.96
C THR F 51 -11.20 -25.44 16.12
N PRO F 52 -11.32 -26.21 17.22
CA PRO F 52 -10.42 -27.35 17.45
C PRO F 52 -10.55 -28.44 16.39
N LYS F 53 -9.49 -29.22 16.22
CA LYS F 53 -9.45 -30.31 15.26
C LYS F 53 -8.79 -31.53 15.92
N THR F 54 -9.23 -32.72 15.51
CA THR F 54 -8.74 -33.95 16.09
C THR F 54 -7.80 -34.63 15.12
N GLY F 55 -7.12 -35.69 15.57
CA GLY F 55 -6.15 -36.39 14.74
C GLY F 55 -5.07 -37.03 15.61
N THR F 56 -3.90 -37.28 15.03
CA THR F 56 -2.81 -37.92 15.74
C THR F 56 -1.54 -37.10 15.56
N SER F 57 -0.66 -37.11 16.56
CA SER F 57 0.58 -36.35 16.51
C SER F 57 1.74 -37.26 16.18
N SER F 58 2.97 -36.73 16.32
CA SER F 58 4.22 -37.46 16.09
C SER F 58 4.40 -38.56 17.12
N ASN F 59 3.91 -38.33 18.34
CA ASN F 59 4.07 -39.28 19.43
C ASN F 59 3.12 -40.46 19.27
N GLY F 60 1.97 -40.23 18.64
CA GLY F 60 0.94 -41.25 18.55
C GLY F 60 -0.24 -40.89 19.45
N ALA F 61 -0.08 -39.81 20.23
CA ALA F 61 -1.11 -39.38 21.16
C ALA F 61 -2.19 -38.66 20.36
N PRO F 62 -3.48 -38.94 20.66
CA PRO F 62 -4.58 -38.20 20.02
C PRO F 62 -4.34 -36.74 20.33
N TYR F 63 -4.42 -35.84 19.34
CA TYR F 63 -4.22 -34.43 19.56
C TYR F 63 -4.95 -34.07 20.85
N GLU F 64 -4.26 -34.06 22.02
CA GLU F 64 -4.95 -33.88 23.27
C GLU F 64 -5.75 -32.60 23.16
N THR F 65 -7.08 -32.70 23.14
CA THR F 65 -7.87 -31.51 22.89
C THR F 65 -8.86 -31.28 24.03
N ILE F 66 -8.54 -30.38 24.97
CA ILE F 66 -9.52 -29.91 25.93
C ILE F 66 -10.08 -28.63 25.31
N ASP F 67 -11.33 -28.72 24.89
CA ASP F 67 -12.00 -27.60 24.26
C ASP F 67 -13.18 -27.19 25.12
N SER F 68 -12.91 -27.14 26.43
CA SER F 68 -13.94 -26.87 27.43
C SER F 68 -13.86 -25.41 27.87
N SER F 69 -13.93 -25.15 29.17
CA SER F 69 -13.45 -23.90 29.75
C SER F 69 -11.94 -23.81 29.49
N ASN F 70 -11.27 -24.96 29.58
CA ASN F 70 -9.83 -25.07 29.57
C ASN F 70 -9.44 -25.39 28.14
N GLY F 71 -8.47 -24.65 27.59
CA GLY F 71 -8.04 -24.87 26.22
C GLY F 71 -8.83 -24.09 25.18
N GLN F 72 -10.07 -23.65 25.46
CA GLN F 72 -10.92 -23.09 24.42
C GLN F 72 -10.49 -21.67 24.07
N ILE F 73 -9.95 -21.49 22.87
CA ILE F 73 -9.48 -20.18 22.45
C ILE F 73 -10.64 -19.42 21.82
N THR F 74 -11.11 -18.40 22.54
CA THR F 74 -12.22 -17.58 22.11
C THR F 74 -11.81 -16.78 20.88
N ASP F 75 -12.80 -16.29 20.14
CA ASP F 75 -12.55 -15.54 18.92
C ASP F 75 -11.92 -14.20 19.26
N LYS F 76 -11.02 -13.74 18.39
CA LYS F 76 -10.25 -12.53 18.59
C LYS F 76 -10.52 -11.54 17.46
N ASN F 77 -10.41 -10.23 17.77
CA ASN F 77 -10.84 -9.16 16.88
C ASN F 77 -9.73 -8.15 16.63
N VAL F 78 -9.71 -7.61 15.41
CA VAL F 78 -8.93 -6.45 15.01
C VAL F 78 -9.90 -5.47 14.35
N SER F 79 -9.98 -4.24 14.87
CA SER F 79 -10.87 -3.21 14.35
C SER F 79 -10.07 -2.16 13.58
N TYR F 80 -10.72 -1.54 12.60
CA TYR F 80 -10.14 -0.44 11.85
C TYR F 80 -11.13 0.73 11.89
N SER F 81 -10.60 1.95 11.93
CA SER F 81 -11.42 3.13 12.03
C SER F 81 -10.89 4.22 11.10
N GLY F 82 -11.67 5.30 10.95
CA GLY F 82 -11.27 6.46 10.18
C GLY F 82 -9.96 7.06 10.68
N THR F 83 -9.64 6.78 11.95
CA THR F 83 -8.49 7.36 12.64
C THR F 83 -7.18 6.72 12.17
N ASP F 84 -7.26 5.71 11.30
CA ASP F 84 -6.07 5.04 10.79
C ASP F 84 -5.69 5.65 9.44
N VAL F 85 -4.40 5.62 9.11
CA VAL F 85 -3.92 6.16 7.84
C VAL F 85 -2.71 5.34 7.40
N LEU F 86 -2.65 5.00 6.10
CA LEU F 86 -1.53 4.24 5.53
C LEU F 86 -0.31 5.14 5.48
N ALA F 87 0.82 4.66 5.98
CA ALA F 87 2.06 5.40 5.96
C ALA F 87 2.48 5.51 4.50
N THR F 88 2.99 6.66 4.09
CA THR F 88 3.40 6.94 2.73
C THR F 88 4.18 5.75 2.17
N GLY F 89 3.52 4.98 1.29
CA GLY F 89 4.15 3.86 0.61
C GLY F 89 3.75 2.54 1.22
N GLN F 90 3.55 1.53 0.37
CA GLN F 90 2.90 0.27 0.72
C GLN F 90 1.39 0.43 0.95
N THR F 91 0.60 -0.40 0.27
CA THR F 91 -0.83 -0.37 0.43
C THR F 91 -1.12 -1.35 1.54
N ASN F 92 -0.63 -1.06 2.75
CA ASN F 92 -0.79 -2.02 3.83
C ASN F 92 -0.84 -1.28 5.14
N ILE F 93 -2.06 -0.99 5.60
CA ILE F 93 -2.20 -0.57 6.98
C ILE F 93 -2.38 -1.83 7.82
N LYS F 94 -1.33 -2.25 8.52
CA LYS F 94 -1.33 -3.51 9.25
C LYS F 94 -1.68 -3.26 10.72
N LYS F 95 -2.57 -4.10 11.26
CA LYS F 95 -2.91 -4.03 12.67
C LYS F 95 -3.01 -5.44 13.24
N ASP F 96 -2.37 -5.66 14.40
CA ASP F 96 -2.26 -6.98 14.99
C ASP F 96 -3.21 -7.11 16.18
N THR F 97 -3.48 -8.35 16.56
CA THR F 97 -4.23 -8.68 17.78
C THR F 97 -3.29 -8.46 18.96
N GLY F 98 -3.74 -8.82 20.16
CA GLY F 98 -2.80 -8.94 21.27
C GLY F 98 -2.25 -10.37 21.31
N ASP F 99 -1.54 -10.71 22.38
CA ASP F 99 -1.28 -12.12 22.61
C ASP F 99 -2.63 -12.84 22.66
N ILE F 100 -2.83 -13.79 21.74
CA ILE F 100 -4.07 -14.53 21.66
C ILE F 100 -4.13 -15.55 22.79
N PHE F 101 -2.99 -15.69 23.49
CA PHE F 101 -2.85 -16.67 24.56
C PHE F 101 -2.88 -16.00 25.91
N ARG F 102 -3.41 -14.77 25.96
CA ARG F 102 -3.77 -14.13 27.21
C ARG F 102 -5.14 -14.67 27.61
N GLU F 103 -5.36 -14.81 28.92
CA GLU F 103 -6.64 -15.21 29.46
C GLU F 103 -6.97 -16.67 29.15
N VAL F 104 -6.12 -17.35 28.36
CA VAL F 104 -6.32 -18.77 28.11
C VAL F 104 -5.38 -19.58 29.00
N ASN F 105 -5.91 -20.67 29.57
CA ASN F 105 -5.15 -21.56 30.42
C ASN F 105 -5.24 -22.96 29.83
N TYR F 106 -4.19 -23.76 30.02
CA TYR F 106 -4.21 -25.14 29.54
C TYR F 106 -4.26 -26.13 30.69
N THR F 107 -5.09 -27.17 30.54
CA THR F 107 -5.31 -28.10 31.62
C THR F 107 -4.08 -28.98 31.78
N HIS F 108 -3.79 -29.74 30.73
CA HIS F 108 -2.70 -30.70 30.76
C HIS F 108 -1.79 -30.39 29.59
N ALA F 109 -0.84 -31.28 29.29
CA ALA F 109 0.09 -31.04 28.20
C ALA F 109 -0.38 -31.75 26.94
N GLY F 110 0.48 -31.74 25.91
CA GLY F 110 0.23 -32.42 24.66
C GLY F 110 0.08 -31.45 23.50
N GLU F 111 -0.29 -31.99 22.32
CA GLU F 111 -0.43 -31.18 21.12
C GLU F 111 -1.91 -30.79 20.95
N TYR F 112 -2.14 -29.48 20.88
CA TYR F 112 -3.46 -28.91 20.76
C TYR F 112 -3.59 -28.28 19.38
N VAL F 113 -4.59 -28.71 18.60
CA VAL F 113 -4.69 -28.23 17.23
C VAL F 113 -5.99 -27.46 17.04
N TYR F 114 -5.91 -26.34 16.30
CA TYR F 114 -7.03 -25.47 16.01
C TYR F 114 -7.08 -25.18 14.51
N THR F 115 -8.27 -24.84 14.02
CA THR F 115 -8.50 -24.49 12.63
C THR F 115 -8.88 -23.02 12.57
N VAL F 116 -7.91 -22.19 12.21
CA VAL F 116 -8.06 -20.75 12.24
C VAL F 116 -8.58 -20.27 10.89
N ALA F 117 -9.67 -19.49 10.91
CA ALA F 117 -10.22 -18.91 9.70
C ALA F 117 -10.74 -17.51 10.00
N GLU F 118 -11.28 -16.82 8.98
CA GLU F 118 -11.88 -15.52 9.14
C GLU F 118 -13.28 -15.54 8.53
N LYS F 119 -14.25 -14.90 9.19
CA LYS F 119 -15.58 -14.80 8.64
C LYS F 119 -15.60 -13.72 7.57
N GLN F 120 -16.61 -13.75 6.70
CA GLN F 120 -16.92 -12.64 5.81
C GLN F 120 -17.98 -11.78 6.51
N ASN F 121 -18.54 -10.79 5.81
CA ASN F 121 -19.61 -9.92 6.30
C ASN F 121 -19.46 -9.54 7.78
N VAL F 122 -18.26 -9.09 8.17
CA VAL F 122 -18.03 -8.59 9.52
C VAL F 122 -17.67 -7.10 9.49
N GLY F 123 -17.77 -6.44 8.33
CA GLY F 123 -17.27 -5.08 8.25
C GLY F 123 -18.18 -4.15 7.45
N TRP F 124 -17.64 -2.97 7.13
CA TRP F 124 -18.43 -1.91 6.52
C TRP F 124 -18.11 -1.76 5.04
N LYS F 125 -18.70 -2.61 4.22
CA LYS F 125 -18.80 -2.37 2.80
C LYS F 125 -20.16 -1.73 2.56
N VAL F 126 -20.80 -1.25 3.63
CA VAL F 126 -22.17 -0.75 3.61
C VAL F 126 -22.17 0.75 3.38
N ILE F 127 -21.08 1.29 2.84
CA ILE F 127 -21.02 2.70 2.47
C ILE F 127 -21.67 2.84 1.10
N GLN F 128 -23.00 2.78 1.07
CA GLN F 128 -23.76 2.68 -0.17
C GLN F 128 -24.88 3.72 -0.16
N LYS F 129 -25.57 3.88 -1.29
CA LYS F 129 -26.71 4.76 -1.40
C LYS F 129 -27.77 4.10 -2.27
N ASN F 130 -28.95 3.91 -1.69
CA ASN F 130 -30.11 3.32 -2.35
C ASN F 130 -29.74 1.95 -2.90
N GLY F 131 -28.89 1.23 -2.17
CA GLY F 131 -28.47 -0.12 -2.55
C GLY F 131 -27.33 -0.12 -3.57
N SER F 132 -27.07 1.02 -4.20
CA SER F 132 -25.93 1.18 -5.10
C SER F 132 -24.67 1.40 -4.27
N PRO F 133 -23.66 0.50 -4.33
CA PRO F 133 -22.48 0.59 -3.46
C PRO F 133 -21.43 1.55 -4.02
N ILE F 134 -20.56 2.02 -3.14
CA ILE F 134 -19.46 2.89 -3.53
C ILE F 134 -18.17 2.09 -3.41
N ASP F 135 -18.15 1.18 -2.44
CA ASP F 135 -16.95 0.45 -2.08
C ASP F 135 -17.14 -1.03 -2.38
N PHE F 136 -16.14 -1.83 -1.94
CA PHE F 136 -16.09 -3.26 -2.22
C PHE F 136 -15.07 -3.90 -1.29
N MET F 137 -15.56 -4.34 -0.12
CA MET F 137 -14.73 -5.03 0.87
C MET F 137 -14.47 -6.46 0.43
N THR F 138 -13.19 -6.81 0.19
CA THR F 138 -12.86 -8.18 -0.19
C THR F 138 -12.20 -8.89 0.99
N TYR F 139 -12.84 -9.97 1.44
CA TYR F 139 -12.39 -10.73 2.60
C TYR F 139 -11.45 -11.85 2.19
N ASP F 140 -10.81 -12.42 3.20
CA ASP F 140 -10.00 -13.59 2.99
C ASP F 140 -10.73 -14.76 3.63
N ASN F 141 -11.11 -15.74 2.80
CA ASN F 141 -11.80 -16.93 3.29
C ASN F 141 -10.87 -18.13 3.24
N ARG F 142 -9.57 -17.89 3.52
CA ARG F 142 -8.58 -18.95 3.63
C ARG F 142 -8.82 -19.74 4.91
N ASN F 143 -8.41 -21.01 4.90
CA ASN F 143 -8.43 -21.85 6.07
C ASN F 143 -6.99 -22.17 6.48
N TYR F 144 -6.70 -22.06 7.78
CA TYR F 144 -5.40 -22.32 8.36
C TYR F 144 -5.52 -23.37 9.47
N GLU F 145 -4.37 -23.95 9.83
CA GLU F 145 -4.30 -24.91 10.92
C GLU F 145 -3.16 -24.50 11.83
N MET F 146 -3.49 -24.35 13.13
CA MET F 146 -2.54 -23.88 14.12
C MET F 146 -2.26 -25.00 15.11
N HIS F 147 -0.98 -25.34 15.26
CA HIS F 147 -0.58 -26.39 16.18
C HIS F 147 0.05 -25.73 17.40
N VAL F 148 -0.49 -26.05 18.58
CA VAL F 148 0.05 -25.58 19.84
C VAL F 148 0.72 -26.76 20.54
N ILE F 149 1.98 -26.57 20.94
CA ILE F 149 2.76 -27.60 21.58
C ILE F 149 3.01 -27.18 23.02
N VAL F 150 2.25 -27.78 23.93
CA VAL F 150 2.33 -27.42 25.34
C VAL F 150 3.09 -28.53 26.07
N LYS F 151 4.11 -28.11 26.82
CA LYS F 151 4.92 -29.02 27.61
C LYS F 151 4.71 -28.69 29.08
N ASN F 152 5.23 -29.55 29.95
CA ASN F 152 5.14 -29.31 31.37
C ASN F 152 6.42 -28.64 31.84
N LYS F 153 6.27 -27.73 32.82
CA LYS F 153 7.38 -27.11 33.50
C LYS F 153 7.98 -28.16 34.43
N THR F 154 9.28 -28.03 34.71
CA THR F 154 9.96 -28.88 35.66
C THR F 154 9.40 -28.63 37.06
N THR F 155 8.89 -27.42 37.29
CA THR F 155 8.45 -26.93 38.58
C THR F 155 6.96 -27.21 38.84
N GLY F 156 6.21 -27.48 37.77
CA GLY F 156 4.78 -27.76 37.91
C GLY F 156 3.93 -26.75 37.14
N GLY F 157 3.04 -27.27 36.29
CA GLY F 157 2.20 -26.46 35.42
C GLY F 157 2.59 -26.62 33.95
N THR F 158 1.85 -25.90 33.09
CA THR F 158 2.03 -25.99 31.65
C THR F 158 2.69 -24.70 31.14
N TYR F 159 3.41 -24.81 30.02
CA TYR F 159 3.94 -23.66 29.31
C TYR F 159 3.93 -23.94 27.82
N ILE F 160 3.58 -22.90 27.04
CA ILE F 160 3.46 -23.01 25.60
C ILE F 160 4.86 -22.98 25.00
N SER F 161 5.31 -24.15 24.55
CA SER F 161 6.67 -24.32 24.07
C SER F 161 6.79 -23.74 22.65
N SER F 162 5.85 -24.12 21.80
CA SER F 162 5.95 -23.87 20.37
C SER F 162 4.57 -23.80 19.74
N VAL F 163 4.48 -23.02 18.65
CA VAL F 163 3.29 -22.88 17.84
C VAL F 163 3.72 -22.64 16.40
N TYR F 164 3.11 -23.36 15.45
CA TYR F 164 3.34 -23.10 14.04
C TYR F 164 2.01 -23.20 13.32
N PHE F 165 1.96 -22.62 12.11
CA PHE F 165 0.75 -22.60 11.31
C PHE F 165 1.01 -23.26 9.97
N LYS F 166 -0.09 -23.64 9.30
CA LYS F 166 -0.03 -24.23 7.97
C LYS F 166 -1.32 -23.84 7.26
N GLN F 167 -1.35 -23.82 5.94
CA GLN F 167 -2.60 -23.57 5.23
C GLN F 167 -3.24 -24.88 4.76
N VAL F 168 -4.54 -24.82 4.38
CA VAL F 168 -5.28 -26.00 3.91
C VAL F 168 -5.86 -25.80 2.51
N SER F 169 -6.62 -24.72 2.31
CA SER F 169 -7.33 -24.47 1.06
C SER F 169 -6.38 -24.51 -0.14
N PRO F 170 -5.31 -23.68 -0.22
CA PRO F 170 -4.38 -23.75 -1.33
C PRO F 170 -3.14 -24.59 -0.99
N SER F 171 -3.18 -25.43 0.05
CA SER F 171 -2.03 -26.19 0.52
C SER F 171 -0.93 -25.27 1.06
N VAL F 172 0.25 -25.81 1.40
CA VAL F 172 1.32 -25.04 2.02
C VAL F 172 2.70 -25.38 1.43
N ASN F 173 3.02 -26.68 1.29
CA ASN F 173 4.32 -27.13 0.83
C ASN F 173 5.43 -26.37 1.55
N GLY F 174 5.44 -26.44 2.88
CA GLY F 174 6.18 -25.49 3.70
C GLY F 174 5.42 -25.22 4.99
N LYS F 175 5.52 -24.00 5.53
CA LYS F 175 5.01 -23.69 6.85
C LYS F 175 4.87 -22.16 6.85
N VAL F 176 3.91 -21.59 7.60
CA VAL F 176 3.70 -20.15 7.52
C VAL F 176 4.82 -19.45 8.29
N LYS F 177 5.52 -18.56 7.58
CA LYS F 177 6.67 -17.84 8.10
C LYS F 177 6.16 -16.70 8.97
N PRO F 178 6.96 -16.18 9.94
CA PRO F 178 6.50 -15.10 10.80
C PRO F 178 6.70 -13.74 10.12
N SER F 179 6.37 -12.68 10.86
CA SER F 179 6.61 -11.32 10.41
C SER F 179 7.76 -10.75 11.23
N GLU F 180 7.55 -10.60 12.55
CA GLU F 180 8.61 -10.28 13.47
C GLU F 180 8.93 -11.49 14.34
N SER F 181 10.17 -11.97 14.21
CA SER F 181 10.67 -13.03 15.06
C SER F 181 11.09 -12.41 16.39
N GLY F 182 11.03 -13.23 17.46
CA GLY F 182 11.49 -12.84 18.79
C GLY F 182 10.35 -12.28 19.64
N THR F 183 10.40 -12.54 20.96
CA THR F 183 9.39 -12.10 21.92
C THR F 183 7.98 -12.40 21.42
N THR F 184 7.22 -11.35 21.06
CA THR F 184 5.86 -11.48 20.55
C THR F 184 5.89 -11.75 19.05
N TYR F 185 5.79 -13.03 18.68
CA TYR F 185 5.83 -13.44 17.29
C TYR F 185 4.55 -12.95 16.62
N LYS F 186 4.72 -12.13 15.58
CA LYS F 186 3.60 -11.63 14.80
C LYS F 186 3.54 -12.46 13.52
N TYR F 187 2.32 -12.74 13.05
CA TYR F 187 2.12 -13.53 11.84
C TYR F 187 1.08 -12.83 10.97
N ASP F 188 1.49 -12.42 9.75
CA ASP F 188 0.60 -11.74 8.81
C ASP F 188 -0.29 -12.75 8.09
N LEU F 189 -1.30 -13.26 8.78
CA LEU F 189 -2.14 -14.35 8.30
C LEU F 189 -3.13 -13.88 7.24
N PHE F 190 -4.03 -12.97 7.58
CA PHE F 190 -5.14 -12.65 6.68
C PHE F 190 -4.90 -11.28 6.05
N THR F 191 -5.06 -11.24 4.73
CA THR F 191 -4.90 -10.00 4.00
C THR F 191 -6.21 -9.67 3.27
N ASN F 192 -6.72 -8.47 3.53
CA ASN F 192 -8.01 -8.03 3.04
C ASN F 192 -7.80 -6.84 2.11
N ILE F 193 -8.78 -6.53 1.27
CA ILE F 193 -8.66 -5.44 0.32
C ILE F 193 -9.89 -4.55 0.44
N TYR F 194 -9.68 -3.23 0.36
CA TYR F 194 -10.79 -2.29 0.35
C TYR F 194 -10.77 -1.49 -0.94
N ARG F 195 -11.56 -1.94 -1.91
CA ARG F 195 -11.62 -1.25 -3.20
C ARG F 195 -12.76 -0.25 -3.15
N LYS F 196 -12.49 1.06 -3.24
CA LYS F 196 -13.60 2.01 -3.27
C LYS F 196 -13.56 2.79 -4.57
N ASN F 197 -14.57 2.55 -5.43
CA ASN F 197 -14.80 3.35 -6.62
C ASN F 197 -15.29 4.70 -6.14
N ALA F 198 -14.37 5.59 -5.81
CA ALA F 198 -14.78 6.87 -5.30
C ALA F 198 -14.59 7.90 -6.40
N GLY F 199 -14.05 9.06 -6.05
CA GLY F 199 -13.93 10.09 -7.06
C GLY F 199 -15.27 10.80 -7.19
N LYS F 200 -15.45 11.86 -6.40
CA LYS F 200 -16.65 12.69 -6.43
C LYS F 200 -17.86 11.94 -5.92
N ILE F 201 -17.81 10.60 -5.91
CA ILE F 201 -18.93 9.81 -5.41
C ILE F 201 -19.12 10.16 -3.94
N THR F 202 -17.99 10.44 -3.30
CA THR F 202 -18.02 10.94 -1.94
C THR F 202 -18.07 12.44 -2.08
N ASP F 203 -19.20 13.08 -1.77
CA ASP F 203 -19.30 14.52 -1.97
C ASP F 203 -18.25 15.25 -1.12
N PRO F 204 -17.72 16.42 -1.56
CA PRO F 204 -16.58 17.06 -0.92
C PRO F 204 -16.62 17.42 0.57
N ASN F 205 -17.83 17.56 1.09
CA ASN F 205 -18.03 18.00 2.47
C ASN F 205 -17.42 16.98 3.42
N GLU F 206 -16.84 17.44 4.55
CA GLU F 206 -16.42 16.60 5.66
C GLU F 206 -15.25 15.67 5.31
N PRO F 207 -14.38 15.38 6.31
CA PRO F 207 -13.27 14.43 6.11
C PRO F 207 -13.65 12.95 6.21
N ASN F 208 -14.55 12.56 5.31
CA ASN F 208 -15.05 11.20 5.19
C ASN F 208 -15.43 10.61 6.56
N PRO F 209 -16.37 11.23 7.32
CA PRO F 209 -16.88 10.61 8.53
C PRO F 209 -17.98 9.70 8.00
N ASN F 210 -17.56 8.64 7.29
CA ASN F 210 -18.45 7.74 6.58
C ASN F 210 -19.26 8.51 5.55
N LYS F 211 -20.53 8.81 5.85
CA LYS F 211 -21.32 9.71 5.04
C LYS F 211 -21.04 11.13 5.49
N PRO F 212 -20.36 11.98 4.70
CA PRO F 212 -19.99 13.34 5.10
C PRO F 212 -20.94 14.07 6.05
N SER F 215 -26.26 9.67 2.35
CA SER F 215 -26.28 11.11 2.71
C SER F 215 -25.03 11.76 2.15
N LYS F 216 -25.17 12.96 1.58
CA LYS F 216 -24.06 13.74 1.04
C LYS F 216 -23.14 12.84 0.22
N VAL F 217 -23.74 12.09 -0.71
CA VAL F 217 -23.06 11.13 -1.56
C VAL F 217 -23.92 10.93 -2.81
N ASP F 218 -23.28 10.78 -3.97
CA ASP F 218 -24.00 10.42 -5.18
C ASP F 218 -23.30 9.25 -5.83
N PRO F 219 -23.85 8.01 -5.78
CA PRO F 219 -23.15 6.85 -6.33
C PRO F 219 -22.92 6.91 -7.83
N ASN F 220 -23.69 7.76 -8.53
CA ASN F 220 -23.60 7.84 -9.98
C ASN F 220 -23.00 9.17 -10.41
N ALA F 221 -22.37 9.86 -9.47
CA ALA F 221 -21.59 11.06 -9.78
C ALA F 221 -20.36 10.62 -10.55
N LYS F 222 -19.94 11.47 -11.49
CA LYS F 222 -18.74 11.22 -12.27
C LYS F 222 -17.52 11.24 -11.35
N SER F 223 -16.52 10.42 -11.70
CA SER F 223 -15.30 10.38 -10.92
C SER F 223 -14.43 11.58 -11.30
N LEU F 224 -14.02 11.65 -12.57
CA LEU F 224 -13.12 12.70 -13.03
C LEU F 224 -13.71 13.37 -14.26
N VAL F 225 -13.63 14.70 -14.28
CA VAL F 225 -14.06 15.52 -15.40
C VAL F 225 -12.87 16.42 -15.76
N ILE F 226 -12.38 16.27 -16.98
CA ILE F 226 -11.23 17.06 -17.45
C ILE F 226 -11.71 17.95 -18.59
N LYS F 227 -11.72 19.27 -18.38
CA LYS F 227 -12.30 20.19 -19.38
C LYS F 227 -11.19 21.07 -19.97
N LYS F 228 -11.42 21.60 -21.17
CA LYS F 228 -10.50 22.59 -21.72
C LYS F 228 -11.28 23.89 -21.91
N VAL F 229 -10.83 24.97 -21.28
CA VAL F 229 -11.45 26.27 -21.46
C VAL F 229 -10.51 27.11 -22.31
N VAL F 230 -11.08 27.95 -23.18
CA VAL F 230 -10.27 28.88 -23.98
C VAL F 230 -10.60 30.28 -23.52
N SER F 231 -9.57 31.04 -23.17
CA SER F 231 -9.72 32.40 -22.67
C SER F 231 -9.14 33.39 -23.67
N GLY F 232 -9.80 34.53 -23.81
CA GLY F 232 -9.38 35.61 -24.69
C GLY F 232 -10.29 35.74 -25.90
N ALA F 233 -10.43 36.98 -26.39
CA ALA F 233 -11.36 37.30 -27.46
C ALA F 233 -10.80 36.84 -28.80
N THR F 234 -9.49 37.05 -28.99
CA THR F 234 -8.85 36.74 -30.26
C THR F 234 -8.26 35.33 -30.23
N ALA F 235 -8.93 34.45 -29.48
CA ALA F 235 -8.49 33.08 -29.28
C ALA F 235 -9.46 32.11 -29.95
N ASP F 236 -8.89 31.01 -30.45
CA ASP F 236 -9.63 30.01 -31.22
C ASP F 236 -10.42 29.11 -30.26
N LYS F 237 -11.71 28.98 -30.52
CA LYS F 237 -12.58 28.16 -29.69
C LYS F 237 -12.68 26.77 -30.28
N SER F 238 -12.14 26.60 -31.49
CA SER F 238 -12.29 25.37 -32.26
C SER F 238 -10.95 24.68 -32.49
N LYS F 239 -9.87 25.26 -31.94
CA LYS F 239 -8.56 24.64 -32.04
C LYS F 239 -8.57 23.40 -31.15
N ASP F 240 -8.08 22.28 -31.69
CA ASP F 240 -7.95 21.04 -30.95
C ASP F 240 -6.59 20.98 -30.27
N PHE F 241 -6.61 21.16 -28.95
CA PHE F 241 -5.40 21.15 -28.14
C PHE F 241 -5.08 19.71 -27.74
N THR F 242 -3.79 19.38 -27.78
CA THR F 242 -3.32 18.02 -27.61
C THR F 242 -2.84 17.79 -26.17
N PHE F 243 -3.41 16.74 -25.56
CA PHE F 243 -3.11 16.35 -24.19
C PHE F 243 -2.57 14.93 -24.19
N LYS F 244 -1.40 14.75 -23.56
CA LYS F 244 -0.81 13.45 -23.32
C LYS F 244 -1.10 13.06 -21.88
N LEU F 245 -1.99 12.09 -21.70
CA LEU F 245 -2.40 11.67 -20.36
C LEU F 245 -1.90 10.26 -20.12
N THR F 246 -1.30 10.04 -18.95
CA THR F 246 -0.76 8.74 -18.60
C THR F 246 -1.31 8.34 -17.23
N PHE F 247 -2.47 7.69 -17.21
CA PHE F 247 -3.12 7.28 -15.97
C PHE F 247 -2.47 6.00 -15.45
N THR F 248 -2.17 5.95 -14.15
CA THR F 248 -1.65 4.77 -13.48
C THR F 248 -2.80 4.08 -12.75
N LYS F 249 -2.50 2.89 -12.21
CA LYS F 249 -3.52 2.08 -11.56
C LYS F 249 -3.35 2.15 -10.04
N ALA F 250 -4.39 1.72 -9.31
CA ALA F 250 -4.22 1.62 -7.87
C ALA F 250 -3.85 0.20 -7.49
N SER F 251 -3.38 0.04 -6.26
CA SER F 251 -2.96 -1.26 -5.75
C SER F 251 -4.17 -2.17 -5.60
N THR F 252 -5.23 -1.62 -5.03
CA THR F 252 -6.48 -2.30 -4.75
C THR F 252 -7.22 -2.70 -6.03
N GLU F 253 -6.72 -2.26 -7.20
CA GLU F 253 -7.41 -2.48 -8.46
C GLU F 253 -6.70 -3.56 -9.28
N THR F 254 -7.43 -4.65 -9.54
CA THR F 254 -7.00 -5.64 -10.50
C THR F 254 -7.39 -5.16 -11.90
N SER F 255 -8.47 -4.38 -11.93
CA SER F 255 -9.02 -3.84 -13.17
C SER F 255 -8.10 -2.73 -13.67
N GLN F 256 -7.33 -3.04 -14.72
CA GLN F 256 -6.39 -2.11 -15.29
C GLN F 256 -7.01 -1.58 -16.57
N SER F 257 -6.47 -0.47 -17.06
CA SER F 257 -6.84 0.08 -18.37
C SER F 257 -8.36 0.20 -18.49
N ILE F 258 -8.94 1.04 -17.62
CA ILE F 258 -10.36 1.30 -17.68
C ILE F 258 -10.61 2.16 -18.93
N THR F 259 -11.63 1.79 -19.71
CA THR F 259 -12.09 2.56 -20.85
C THR F 259 -13.04 3.64 -20.35
N GLY F 260 -13.29 3.70 -19.05
CA GLY F 260 -14.19 4.64 -18.42
C GLY F 260 -13.99 6.09 -18.87
N LYS F 261 -12.78 6.40 -19.36
CA LYS F 261 -12.55 7.68 -20.01
C LYS F 261 -13.04 7.61 -21.47
N ILE F 262 -14.23 7.04 -21.66
CA ILE F 262 -14.85 6.90 -22.97
C ILE F 262 -15.07 8.31 -23.51
N GLY F 263 -15.48 9.21 -22.61
CA GLY F 263 -15.84 10.55 -22.98
C GLY F 263 -17.36 10.74 -22.88
N GLU F 264 -17.79 11.97 -22.57
CA GLU F 264 -19.19 12.31 -22.65
C GLU F 264 -19.51 12.75 -24.07
N THR F 265 -18.50 12.89 -24.92
CA THR F 265 -18.69 13.25 -26.31
C THR F 265 -18.68 11.99 -27.15
N SER F 266 -19.56 11.05 -26.79
CA SER F 266 -19.51 9.69 -27.33
C SER F 266 -18.07 9.20 -27.30
N LYS F 267 -17.36 9.16 -28.43
CA LYS F 267 -15.93 8.91 -28.51
C LYS F 267 -15.59 7.46 -28.15
N THR F 268 -15.98 7.01 -26.95
CA THR F 268 -15.75 5.65 -26.50
C THR F 268 -14.30 5.24 -26.68
N PHE F 269 -13.39 5.86 -25.91
CA PHE F 269 -11.98 5.59 -26.04
C PHE F 269 -11.46 4.79 -24.85
N VAL F 270 -10.91 3.59 -25.12
CA VAL F 270 -10.24 2.84 -24.08
C VAL F 270 -8.90 3.53 -23.82
N TYR F 271 -8.66 3.95 -22.58
CA TYR F 271 -7.44 4.66 -22.30
C TYR F 271 -6.21 3.78 -22.39
N GLY F 272 -5.97 3.02 -21.32
CA GLY F 272 -4.78 2.20 -21.21
C GLY F 272 -3.92 2.68 -20.05
N GLN F 273 -2.62 2.84 -20.30
CA GLN F 273 -1.72 3.37 -19.28
C GLN F 273 -0.96 4.61 -19.77
N GLU F 274 -0.76 4.71 -21.09
CA GLU F 274 -0.12 5.88 -21.67
C GLU F 274 -0.78 6.19 -23.02
N THR F 275 -1.31 7.41 -23.19
CA THR F 275 -2.15 7.71 -24.34
C THR F 275 -2.15 9.21 -24.65
N THR F 276 -3.00 9.65 -25.60
CA THR F 276 -3.07 11.03 -26.07
C THR F 276 -4.48 11.33 -26.54
N ILE F 277 -4.98 12.55 -26.24
CA ILE F 277 -6.32 12.98 -26.59
C ILE F 277 -6.27 14.42 -27.09
N THR F 278 -7.42 14.93 -27.58
CA THR F 278 -7.53 16.29 -28.09
C THR F 278 -8.86 16.90 -27.64
N LEU F 279 -8.85 18.21 -27.36
CA LEU F 279 -10.03 18.91 -26.87
C LEU F 279 -10.12 20.33 -27.46
N ARG F 280 -11.34 20.84 -27.55
CA ARG F 280 -11.65 22.22 -27.89
C ARG F 280 -12.25 22.92 -26.67
N HIS F 281 -12.57 24.21 -26.81
CA HIS F 281 -13.17 25.00 -25.74
C HIS F 281 -14.49 24.35 -25.30
N ASP F 282 -14.73 24.36 -23.99
CA ASP F 282 -15.93 23.84 -23.37
C ASP F 282 -16.18 22.39 -23.80
N GLN F 283 -15.09 21.66 -24.10
CA GLN F 283 -15.16 20.24 -24.43
C GLN F 283 -14.48 19.44 -23.31
N SER F 284 -15.14 18.37 -22.86
CA SER F 284 -14.76 17.65 -21.66
C SER F 284 -14.83 16.14 -21.86
N LEU F 285 -13.94 15.41 -21.18
CA LEU F 285 -13.97 13.96 -21.19
C LEU F 285 -14.13 13.44 -19.77
N VAL F 286 -15.24 12.76 -19.53
CA VAL F 286 -15.63 12.36 -18.19
C VAL F 286 -15.42 10.85 -18.05
N PHE F 287 -14.84 10.46 -16.92
CA PHE F 287 -14.81 9.08 -16.50
C PHE F 287 -15.81 8.94 -15.36
N ASP F 288 -16.82 8.11 -15.57
CA ASP F 288 -17.85 7.90 -14.57
C ASP F 288 -17.47 6.72 -13.67
N THR F 289 -17.73 6.88 -12.38
CA THR F 289 -17.58 5.86 -11.35
C THR F 289 -16.30 5.03 -11.54
N ILE F 290 -15.15 5.66 -11.31
CA ILE F 290 -13.84 5.03 -11.54
C ILE F 290 -13.11 4.93 -10.20
N PRO F 291 -12.33 3.85 -9.93
CA PRO F 291 -11.64 3.66 -8.65
C PRO F 291 -10.72 4.79 -8.20
N ALA F 292 -10.53 4.87 -6.87
CA ALA F 292 -9.70 5.91 -6.30
C ALA F 292 -8.25 5.42 -6.31
N GLY F 293 -7.35 6.28 -5.82
CA GLY F 293 -5.93 5.97 -5.71
C GLY F 293 -5.25 5.89 -7.08
N THR F 294 -5.98 6.26 -8.14
CA THR F 294 -5.44 6.25 -9.48
C THR F 294 -4.75 7.59 -9.73
N ARG F 295 -3.45 7.55 -10.05
CA ARG F 295 -2.69 8.75 -10.34
C ARG F 295 -2.64 8.97 -11.86
N TYR F 296 -2.35 10.21 -12.30
CA TYR F 296 -2.32 10.54 -13.72
C TYR F 296 -1.33 11.67 -13.98
N LYS F 297 -0.70 11.61 -15.16
CA LYS F 297 0.24 12.61 -15.64
C LYS F 297 -0.42 13.37 -16.79
N LEU F 298 -0.58 14.68 -16.63
CA LEU F 298 -1.11 15.52 -17.68
C LEU F 298 0.04 16.28 -18.34
N VAL F 299 0.07 16.24 -19.67
CA VAL F 299 1.05 16.96 -20.45
C VAL F 299 0.34 17.56 -21.67
N GLU F 300 0.19 18.88 -21.69
CA GLU F 300 -0.37 19.54 -22.86
C GLU F 300 0.78 20.07 -23.71
N THR F 301 0.76 19.70 -25.00
CA THR F 301 1.69 20.29 -25.95
C THR F 301 1.40 21.79 -26.05
N GLY F 302 2.37 22.62 -25.62
CA GLY F 302 2.17 24.05 -25.53
C GLY F 302 2.11 24.72 -26.90
N SER F 303 0.96 25.33 -27.23
CA SER F 303 0.77 25.95 -28.54
C SER F 303 1.39 27.34 -28.56
N GLN F 304 1.79 27.79 -29.76
CA GLN F 304 2.45 29.07 -29.94
C GLN F 304 1.54 30.20 -29.46
N GLY F 305 1.98 30.90 -28.39
CA GLY F 305 1.35 32.13 -27.93
C GLY F 305 0.25 31.92 -26.89
N TYR F 306 0.01 30.66 -26.52
CA TYR F 306 -1.03 30.33 -25.56
C TYR F 306 -0.39 29.97 -24.24
N THR F 307 -0.90 30.59 -23.17
CA THR F 307 -0.50 30.25 -21.81
C THR F 307 -1.52 29.27 -21.23
N ALA F 308 -1.00 28.16 -20.68
CA ALA F 308 -1.86 27.15 -20.10
C ALA F 308 -1.83 27.21 -18.57
N SER F 309 -3.02 27.15 -17.95
CA SER F 309 -3.18 27.04 -16.52
C SER F 309 -4.25 26.00 -16.19
N ALA F 310 -4.36 25.66 -14.90
CA ALA F 310 -5.27 24.61 -14.47
C ALA F 310 -5.80 24.89 -13.07
N ALA F 311 -7.06 24.50 -12.86
CA ALA F 311 -7.71 24.55 -11.56
C ALA F 311 -8.38 23.20 -11.29
N TYR F 312 -7.69 22.36 -10.53
CA TYR F 312 -8.07 20.97 -10.38
C TYR F 312 -8.59 20.71 -8.98
N LYS F 313 -8.87 19.42 -8.71
CA LYS F 313 -9.35 18.95 -7.41
C LYS F 313 -8.75 17.58 -7.11
N GLU F 314 -7.55 17.59 -6.50
CA GLU F 314 -6.92 16.39 -5.98
C GLU F 314 -7.58 16.05 -4.64
N ASN F 315 -8.42 15.01 -4.64
CA ASN F 315 -9.37 14.77 -3.56
C ASN F 315 -10.33 15.97 -3.54
N GLY F 316 -11.00 16.19 -2.42
CA GLY F 316 -11.88 17.33 -2.29
C GLY F 316 -11.17 18.68 -2.16
N ALA F 317 -9.83 18.69 -2.28
CA ALA F 317 -9.08 19.92 -2.11
C ALA F 317 -8.80 20.56 -3.47
N SER F 318 -9.46 21.68 -3.73
CA SER F 318 -9.26 22.40 -4.99
C SER F 318 -7.92 23.12 -4.96
N LYS F 319 -7.05 22.76 -5.91
CA LYS F 319 -5.76 23.40 -6.11
C LYS F 319 -5.71 24.02 -7.50
N ASN F 320 -4.70 24.86 -7.73
CA ASN F 320 -4.47 25.50 -9.02
C ASN F 320 -2.98 25.48 -9.32
N GLN F 321 -2.62 25.28 -10.60
CA GLN F 321 -1.25 25.34 -11.07
C GLN F 321 -1.26 26.00 -12.44
N ALA F 322 -0.21 26.78 -12.74
CA ALA F 322 -0.09 27.42 -14.04
C ALA F 322 1.33 27.20 -14.59
N GLY F 323 1.49 27.47 -15.88
CA GLY F 323 2.76 27.27 -16.55
C GLY F 323 3.29 28.56 -17.16
N THR F 324 3.71 28.48 -18.42
CA THR F 324 4.25 29.63 -19.12
C THR F 324 3.64 29.71 -20.51
N VAL F 325 3.78 30.88 -21.14
CA VAL F 325 3.24 31.11 -22.47
C VAL F 325 4.04 30.31 -23.49
N SER F 326 3.32 29.55 -24.33
CA SER F 326 3.87 28.77 -25.42
C SER F 326 4.80 27.66 -24.90
N THR F 327 4.48 27.12 -23.73
CA THR F 327 5.30 26.07 -23.14
C THR F 327 4.44 24.87 -22.77
N ASN F 328 4.97 23.66 -23.04
CA ASN F 328 4.30 22.42 -22.67
C ASN F 328 4.01 22.42 -21.16
N PHE F 329 2.81 21.96 -20.77
CA PHE F 329 2.35 22.04 -19.40
C PHE F 329 2.25 20.64 -18.79
N THR F 330 3.26 20.28 -18.00
CA THR F 330 3.34 18.97 -17.37
C THR F 330 3.01 19.10 -15.89
N GLN F 331 2.21 18.14 -15.37
CA GLN F 331 1.71 18.25 -14.01
C GLN F 331 2.34 17.21 -13.07
N ASP F 332 3.25 16.39 -13.60
CA ASP F 332 3.81 15.24 -12.90
C ASP F 332 2.67 14.28 -12.57
N SER F 333 2.56 13.85 -11.30
CA SER F 333 1.56 12.84 -10.96
C SER F 333 0.60 13.34 -9.89
N ILE F 334 -0.53 13.90 -10.33
CA ILE F 334 -1.61 14.31 -9.45
C ILE F 334 -2.49 13.08 -9.22
N LEU F 335 -3.36 13.15 -8.22
CA LEU F 335 -4.06 11.93 -7.80
C LEU F 335 -5.56 12.10 -7.90
N ILE F 336 -6.22 11.12 -8.54
CA ILE F 336 -7.67 10.97 -8.45
C ILE F 336 -7.93 10.16 -7.20
N GLY F 337 -8.56 10.74 -6.19
CA GLY F 337 -8.83 9.91 -5.04
C GLY F 337 -10.31 9.97 -4.66
N GLU F 338 -10.59 9.66 -3.39
CA GLU F 338 -11.92 9.77 -2.83
C GLU F 338 -12.30 11.24 -2.92
N LYS F 339 -13.59 11.56 -2.83
CA LYS F 339 -13.97 12.97 -2.83
C LYS F 339 -13.73 13.54 -4.24
N PRO F 340 -14.17 14.79 -4.52
CA PRO F 340 -14.15 15.26 -5.92
C PRO F 340 -12.82 15.12 -6.64
N ASN F 341 -12.87 14.87 -7.95
CA ASN F 341 -11.69 14.97 -8.78
C ASN F 341 -12.12 15.63 -10.08
N ASP F 342 -11.47 16.73 -10.43
CA ASP F 342 -11.77 17.45 -11.66
C ASP F 342 -10.52 18.20 -12.12
N ASN F 343 -10.56 18.80 -13.31
CA ASN F 343 -9.47 19.63 -13.80
C ASN F 343 -9.96 20.50 -14.96
N THR F 344 -9.81 21.83 -14.80
CA THR F 344 -10.17 22.74 -15.86
C THR F 344 -8.90 23.35 -16.44
N ILE F 345 -8.47 22.87 -17.62
CA ILE F 345 -7.27 23.41 -18.26
C ILE F 345 -7.67 24.67 -19.05
N THR F 346 -7.13 25.84 -18.69
CA THR F 346 -7.49 27.10 -19.37
C THR F 346 -6.36 27.53 -20.28
N ASN F 347 -6.68 27.98 -21.51
CA ASN F 347 -5.64 28.47 -22.42
C ASN F 347 -5.97 29.90 -22.83
N SER F 348 -5.08 30.84 -22.48
CA SER F 348 -5.37 32.25 -22.76
C SER F 348 -4.47 32.77 -23.88
N LEU F 349 -4.98 33.67 -24.71
CA LEU F 349 -4.18 34.30 -25.76
C LEU F 349 -4.42 35.80 -25.70
N PRO F 350 -3.36 36.63 -25.81
CA PRO F 350 -3.54 38.07 -25.65
C PRO F 350 -4.24 38.67 -26.87
N ASP F 351 -5.09 39.69 -26.64
CA ASP F 351 -5.72 40.43 -27.72
C ASP F 351 -4.71 41.32 -28.45
N VAL F 352 -4.75 41.31 -29.77
CA VAL F 352 -3.83 42.05 -30.61
C VAL F 352 -4.09 43.54 -30.41
N THR F 353 -3.01 44.33 -30.30
CA THR F 353 -3.08 45.78 -30.19
C THR F 353 -3.98 46.38 -31.28
N PRO F 354 -5.19 46.84 -30.91
CA PRO F 354 -6.18 47.24 -31.91
C PRO F 354 -5.74 48.52 -32.65
N ALA G 15 -12.92 -144.55 146.73
CA ALA G 15 -13.33 -143.50 145.75
C ALA G 15 -12.85 -143.91 144.37
N THR G 16 -11.51 -144.02 144.23
CA THR G 16 -10.87 -144.30 142.96
C THR G 16 -10.22 -145.69 142.96
N ALA G 17 -10.20 -146.37 144.12
CA ALA G 17 -9.49 -147.64 144.21
C ALA G 17 -10.19 -148.65 143.29
N LYS G 18 -9.44 -149.59 142.74
CA LYS G 18 -9.98 -150.53 141.78
C LYS G 18 -10.56 -151.72 142.54
N ALA G 19 -11.42 -151.42 143.52
CA ALA G 19 -12.13 -152.48 144.23
C ALA G 19 -13.24 -153.01 143.33
N THR G 20 -12.85 -153.89 142.40
CA THR G 20 -13.79 -154.54 141.50
C THR G 20 -14.70 -155.44 142.33
N GLY G 21 -14.25 -155.81 143.52
CA GLY G 21 -15.08 -156.59 144.43
C GLY G 21 -14.81 -158.09 144.28
N GLU G 22 -15.82 -158.90 144.58
CA GLU G 22 -15.63 -160.35 144.66
C GLU G 22 -15.26 -160.88 143.27
N THR G 23 -14.48 -161.97 143.26
CA THR G 23 -13.87 -162.57 142.09
C THR G 23 -12.59 -161.80 141.78
N SER G 24 -11.67 -162.39 141.01
CA SER G 24 -10.43 -161.68 140.73
C SER G 24 -10.74 -160.38 140.00
N ALA G 25 -10.15 -159.27 140.47
CA ALA G 25 -10.35 -157.98 139.82
C ALA G 25 -9.49 -157.90 138.57
N LYS G 26 -9.95 -157.10 137.59
CA LYS G 26 -9.26 -157.00 136.32
C LYS G 26 -8.82 -155.55 136.11
N VAL G 27 -7.54 -155.36 135.78
CA VAL G 27 -6.95 -154.04 135.63
C VAL G 27 -6.12 -153.97 134.36
N SER G 28 -6.28 -152.84 133.64
CA SER G 28 -5.58 -152.57 132.40
C SER G 28 -4.89 -151.22 132.48
N ILE G 29 -3.61 -151.18 132.10
CA ILE G 29 -2.89 -149.94 131.98
C ILE G 29 -3.14 -149.35 130.60
N ASN G 30 -3.58 -148.08 130.60
CA ASN G 30 -3.90 -147.37 129.39
C ASN G 30 -2.72 -146.45 129.06
N LYS G 31 -2.25 -146.52 127.81
CA LYS G 31 -1.16 -145.65 127.36
C LYS G 31 -1.77 -144.57 126.47
N VAL G 32 -1.54 -143.30 126.84
CA VAL G 32 -2.01 -142.19 126.04
C VAL G 32 -0.85 -141.67 125.20
N LEU G 33 -1.06 -141.56 123.89
CA LEU G 33 0.00 -141.09 123.01
C LEU G 33 -0.45 -139.82 122.30
N ASN G 34 0.28 -138.73 122.57
CA ASN G 34 -0.02 -137.42 122.01
C ASN G 34 0.64 -137.32 120.65
N ILE G 35 -0.07 -136.70 119.71
CA ILE G 35 0.30 -136.77 118.30
C ILE G 35 -0.30 -135.57 117.58
N ALA G 36 0.38 -135.13 116.52
CA ALA G 36 -0.16 -134.05 115.69
C ALA G 36 -0.93 -134.62 114.50
N GLU G 37 -1.68 -133.75 113.82
CA GLU G 37 -2.69 -134.12 112.84
C GLU G 37 -2.07 -134.86 111.64
N GLY G 38 -1.02 -134.26 111.05
CA GLY G 38 -0.50 -134.74 109.78
C GLY G 38 0.17 -136.10 109.92
N ILE G 39 0.81 -136.31 111.07
CA ILE G 39 1.77 -137.38 111.28
C ILE G 39 1.08 -138.75 111.25
N THR G 40 1.75 -139.72 110.62
CA THR G 40 1.35 -141.11 110.66
C THR G 40 1.98 -141.79 111.88
N THR G 41 1.14 -142.54 112.59
CA THR G 41 1.46 -143.21 113.83
C THR G 41 2.74 -144.03 113.65
N PRO G 42 3.75 -143.87 114.53
CA PRO G 42 4.98 -144.65 114.43
C PRO G 42 4.72 -146.08 114.87
N GLU G 43 5.76 -146.91 114.75
CA GLU G 43 5.66 -148.29 115.16
C GLU G 43 6.49 -148.43 116.44
N ALA G 44 5.79 -148.37 117.58
CA ALA G 44 6.44 -148.24 118.86
C ALA G 44 5.86 -149.25 119.87
N THR G 45 6.72 -149.97 120.60
CA THR G 45 6.16 -150.79 121.66
C THR G 45 6.65 -150.25 122.99
N PHE G 46 5.74 -150.07 123.94
CA PHE G 46 6.14 -149.50 125.21
C PHE G 46 6.12 -150.58 126.26
N THR G 47 7.04 -150.48 127.23
CA THR G 47 7.26 -151.54 128.20
C THR G 47 7.06 -150.96 129.60
N PHE G 48 6.35 -151.72 130.44
CA PHE G 48 6.09 -151.36 131.82
C PHE G 48 6.67 -152.41 132.76
N THR G 49 7.47 -151.93 133.73
CA THR G 49 8.20 -152.74 134.69
C THR G 49 7.39 -152.85 135.97
N PHE G 50 7.29 -154.07 136.50
CA PHE G 50 6.62 -154.34 137.76
C PHE G 50 7.64 -154.89 138.73
N THR G 51 8.33 -153.98 139.43
CA THR G 51 9.39 -154.36 140.34
C THR G 51 8.82 -154.38 141.75
N PRO G 52 8.90 -155.52 142.48
CA PRO G 52 8.36 -155.60 143.84
C PRO G 52 9.06 -154.67 144.82
N LYS G 53 8.33 -154.31 145.88
CA LYS G 53 8.84 -153.40 146.90
C LYS G 53 8.45 -153.94 148.27
N THR G 54 9.30 -153.66 149.26
CA THR G 54 9.09 -154.13 150.61
C THR G 54 8.62 -152.96 151.46
N GLY G 55 8.25 -153.26 152.71
CA GLY G 55 7.79 -152.26 153.66
C GLY G 55 6.80 -152.90 154.64
N THR G 56 5.95 -152.06 155.25
CA THR G 56 5.00 -152.57 156.23
C THR G 56 3.60 -152.09 155.86
N SER G 57 2.62 -152.93 156.19
CA SER G 57 1.21 -152.65 155.91
C SER G 57 0.55 -152.18 157.22
N SER G 58 -0.79 -152.18 157.25
CA SER G 58 -1.55 -151.73 158.40
C SER G 58 -1.40 -152.72 159.56
N ASN G 59 -1.32 -154.00 159.23
CA ASN G 59 -1.33 -155.06 160.22
C ASN G 59 0.07 -155.29 160.76
N GLY G 60 1.09 -154.98 159.96
CA GLY G 60 2.47 -155.21 160.35
C GLY G 60 3.06 -156.36 159.54
N ALA G 61 2.28 -156.86 158.57
CA ALA G 61 2.79 -157.84 157.62
C ALA G 61 3.85 -157.20 156.74
N PRO G 62 4.95 -157.89 156.42
CA PRO G 62 6.08 -157.26 155.76
C PRO G 62 5.81 -157.05 154.26
N TYR G 63 4.68 -156.41 153.92
CA TYR G 63 4.29 -156.29 152.52
C TYR G 63 4.59 -157.61 151.84
N GLU G 64 3.91 -158.69 152.22
CA GLU G 64 4.19 -160.04 151.73
C GLU G 64 4.90 -160.01 150.37
N THR G 65 6.21 -160.23 150.40
CA THR G 65 7.03 -160.09 149.20
C THR G 65 7.39 -161.45 148.62
N ILE G 66 6.70 -161.82 147.54
CA ILE G 66 6.94 -163.09 146.86
C ILE G 66 7.23 -162.79 145.40
N ASP G 67 8.51 -162.63 145.06
CA ASP G 67 8.92 -162.35 143.69
C ASP G 67 9.51 -163.64 143.14
N SER G 68 8.77 -164.73 143.32
CA SER G 68 9.21 -166.06 142.92
C SER G 68 8.50 -166.47 141.62
N SER G 69 8.24 -167.77 141.49
CA SER G 69 7.38 -168.30 140.45
C SER G 69 5.97 -167.74 140.62
N ASN G 70 5.57 -167.55 141.88
CA ASN G 70 4.23 -167.08 142.20
C ASN G 70 4.31 -165.63 142.63
N GLY G 71 3.37 -164.83 142.15
CA GLY G 71 3.36 -163.41 142.44
C GLY G 71 4.10 -162.58 141.41
N GLN G 72 4.98 -163.17 140.57
CA GLN G 72 5.81 -162.38 139.68
C GLN G 72 4.96 -161.79 138.56
N ILE G 73 4.81 -160.46 138.55
CA ILE G 73 4.09 -159.82 137.45
C ILE G 73 5.11 -159.50 136.36
N THR G 74 5.06 -160.26 135.27
CA THR G 74 5.99 -160.07 134.16
C THR G 74 5.65 -158.76 133.47
N ASP G 75 6.60 -158.23 132.70
CA ASP G 75 6.44 -156.96 132.03
C ASP G 75 5.38 -157.08 130.95
N LYS G 76 4.63 -155.98 130.77
CA LYS G 76 3.49 -155.93 129.88
C LYS G 76 3.70 -154.86 128.81
N ASN G 77 3.06 -155.07 127.65
CA ASN G 77 3.32 -154.30 126.44
C ASN G 77 2.05 -153.70 125.88
N VAL G 78 2.22 -152.50 125.31
CA VAL G 78 1.26 -151.85 124.42
C VAL G 78 2.00 -151.50 123.14
N SER G 79 1.48 -152.00 122.00
CA SER G 79 2.06 -151.71 120.70
C SER G 79 1.24 -150.66 119.95
N TYR G 80 1.95 -149.83 119.20
CA TYR G 80 1.35 -148.86 118.33
C TYR G 80 1.92 -149.09 116.94
N SER G 81 1.04 -148.96 115.95
CA SER G 81 1.41 -149.22 114.57
C SER G 81 0.79 -148.16 113.67
N GLY G 82 1.20 -148.17 112.40
CA GLY G 82 0.71 -147.24 111.40
C GLY G 82 -0.82 -147.27 111.27
N THR G 83 -1.39 -148.44 111.63
CA THR G 83 -2.81 -148.70 111.44
C THR G 83 -3.67 -147.82 112.37
N ASP G 84 -3.05 -147.33 113.44
CA ASP G 84 -3.80 -146.56 114.43
C ASP G 84 -3.98 -145.13 113.93
N VAL G 85 -5.11 -144.50 114.29
CA VAL G 85 -5.46 -143.23 113.68
C VAL G 85 -6.17 -142.34 114.69
N LEU G 86 -5.73 -141.08 114.77
CA LEU G 86 -6.24 -140.11 115.73
C LEU G 86 -7.43 -139.36 115.16
N ALA G 87 -8.38 -140.07 114.57
CA ALA G 87 -9.50 -139.48 113.85
C ALA G 87 -10.26 -138.46 114.71
N THR G 88 -10.17 -137.16 114.36
CA THR G 88 -10.90 -136.10 115.02
C THR G 88 -10.78 -136.21 116.54
N GLY G 89 -9.59 -136.63 116.99
CA GLY G 89 -9.30 -136.88 118.39
C GLY G 89 -8.64 -135.67 119.04
N GLN G 90 -8.56 -135.72 120.35
CA GLN G 90 -8.02 -134.63 121.14
C GLN G 90 -6.51 -134.79 121.29
N THR G 91 -5.82 -135.20 120.22
CA THR G 91 -4.39 -135.44 120.23
C THR G 91 -4.00 -136.48 121.27
N ASN G 92 -4.73 -137.58 121.25
CA ASN G 92 -4.54 -138.64 122.23
C ASN G 92 -5.07 -139.91 121.60
N ILE G 93 -4.18 -140.67 120.95
CA ILE G 93 -4.54 -142.01 120.56
C ILE G 93 -4.31 -142.92 121.76
N LYS G 94 -5.39 -143.42 122.38
CA LYS G 94 -5.32 -144.23 123.58
C LYS G 94 -5.48 -145.72 123.25
N LYS G 95 -4.55 -146.53 123.73
CA LYS G 95 -4.59 -147.99 123.65
C LYS G 95 -4.26 -148.54 125.03
N ASP G 96 -4.82 -149.70 125.42
CA ASP G 96 -4.65 -150.23 126.76
C ASP G 96 -4.02 -151.61 126.67
N THR G 97 -3.51 -152.11 127.81
CA THR G 97 -3.01 -153.49 127.92
C THR G 97 -4.22 -154.40 128.01
N GLY G 98 -4.00 -155.70 128.25
CA GLY G 98 -5.09 -156.56 128.68
C GLY G 98 -5.16 -156.56 130.20
N ASP G 99 -5.98 -157.43 130.78
CA ASP G 99 -5.84 -157.68 132.21
C ASP G 99 -4.40 -158.10 132.46
N ILE G 100 -3.68 -157.31 133.28
CA ILE G 100 -2.29 -157.58 133.59
C ILE G 100 -2.21 -158.75 134.57
N PHE G 101 -3.38 -159.16 135.08
CA PHE G 101 -3.46 -160.20 136.09
C PHE G 101 -3.98 -161.50 135.47
N ARG G 102 -3.89 -161.61 134.14
CA ARG G 102 -4.07 -162.88 133.45
C ARG G 102 -2.74 -163.62 133.54
N GLU G 103 -2.81 -164.95 133.65
CA GLU G 103 -1.64 -165.81 133.61
C GLU G 103 -0.78 -165.65 134.87
N VAL G 104 -1.15 -164.73 135.77
CA VAL G 104 -0.44 -164.61 137.04
C VAL G 104 -1.25 -165.30 138.14
N ASN G 105 -0.55 -166.04 139.01
CA ASN G 105 -1.16 -166.76 140.11
C ASN G 105 -0.49 -166.30 141.40
N TYR G 106 -1.26 -166.28 142.49
CA TYR G 106 -0.69 -165.90 143.78
C TYR G 106 -0.67 -167.10 144.73
N THR G 107 0.42 -167.23 145.48
CA THR G 107 0.57 -168.38 146.34
C THR G 107 -0.37 -168.23 147.54
N HIS G 108 -0.14 -167.17 148.31
CA HIS G 108 -0.84 -166.99 149.57
C HIS G 108 -1.50 -165.62 149.54
N ALA G 109 -2.03 -165.18 150.68
CA ALA G 109 -2.71 -163.90 150.73
C ALA G 109 -1.76 -162.82 151.25
N GLY G 110 -2.33 -161.63 151.48
CA GLY G 110 -1.60 -160.52 152.06
C GLY G 110 -1.46 -159.36 151.07
N GLU G 111 -0.66 -158.36 151.46
CA GLU G 111 -0.50 -157.16 150.65
C GLU G 111 0.77 -157.30 149.81
N TYR G 112 0.59 -157.19 148.49
CA TYR G 112 1.67 -157.32 147.52
C TYR G 112 1.90 -155.95 146.88
N VAL G 113 3.13 -155.45 146.95
CA VAL G 113 3.39 -154.10 146.45
C VAL G 113 4.40 -154.17 145.31
N TYR G 114 4.16 -153.37 144.26
CA TYR G 114 5.01 -153.30 143.07
C TYR G 114 5.31 -151.84 142.74
N THR G 115 6.43 -151.63 142.05
CA THR G 115 6.86 -150.31 141.61
C THR G 115 6.79 -150.26 140.10
N VAL G 116 5.73 -149.64 139.60
CA VAL G 116 5.42 -149.62 138.17
C VAL G 116 6.09 -148.40 137.53
N ALA G 117 6.84 -148.65 136.46
CA ALA G 117 7.48 -147.57 135.69
C ALA G 117 7.48 -147.94 134.21
N GLU G 118 8.04 -147.05 133.37
CA GLU G 118 8.16 -147.29 131.94
C GLU G 118 9.62 -147.06 131.53
N LYS G 119 10.14 -147.94 130.67
CA LYS G 119 11.49 -147.79 130.16
C LYS G 119 11.48 -146.73 129.05
N GLN G 120 12.67 -146.19 128.73
CA GLN G 120 12.78 -145.02 127.86
C GLN G 120 13.67 -145.24 126.65
N ASN G 121 13.45 -146.32 125.87
CA ASN G 121 14.35 -146.77 124.82
C ASN G 121 13.65 -147.82 123.95
N VAL G 122 12.30 -147.86 123.97
CA VAL G 122 11.57 -148.95 123.37
C VAL G 122 10.59 -148.29 122.41
N GLY G 123 10.97 -148.11 121.16
CA GLY G 123 10.13 -147.25 120.33
C GLY G 123 10.89 -146.61 119.19
N TRP G 124 10.13 -146.18 118.17
CA TRP G 124 10.69 -145.79 116.89
C TRP G 124 10.71 -144.26 116.79
N LYS G 125 11.58 -143.67 117.60
CA LYS G 125 12.06 -142.32 117.35
C LYS G 125 13.23 -142.40 116.36
N VAL G 126 13.32 -143.52 115.64
CA VAL G 126 14.49 -143.96 114.90
C VAL G 126 14.43 -143.46 113.46
N ILE G 127 13.47 -142.57 113.17
CA ILE G 127 13.25 -142.09 111.82
C ILE G 127 14.21 -140.93 111.58
N GLN G 128 15.49 -141.26 111.38
CA GLN G 128 16.56 -140.28 111.26
C GLN G 128 17.35 -140.58 109.99
N LYS G 129 18.09 -139.57 109.52
CA LYS G 129 18.90 -139.68 108.33
C LYS G 129 20.25 -139.03 108.60
N ASN G 130 21.32 -139.82 108.46
CA ASN G 130 22.69 -139.39 108.65
C ASN G 130 22.85 -138.79 110.05
N GLY G 131 22.13 -139.38 111.02
CA GLY G 131 22.20 -138.94 112.40
C GLY G 131 21.30 -137.75 112.71
N SER G 132 20.86 -137.03 111.66
CA SER G 132 19.92 -135.93 111.80
C SER G 132 18.50 -136.48 111.97
N PRO G 133 17.84 -136.22 113.12
CA PRO G 133 16.50 -136.79 113.37
C PRO G 133 15.39 -135.98 112.70
N ILE G 134 14.24 -136.65 112.50
CA ILE G 134 13.08 -135.98 111.93
C ILE G 134 12.03 -135.84 113.03
N ASP G 135 12.03 -136.83 113.94
CA ASP G 135 11.02 -136.91 114.96
C ASP G 135 11.65 -136.71 116.33
N PHE G 136 10.86 -136.94 117.38
CA PHE G 136 11.25 -136.71 118.76
C PHE G 136 10.27 -137.43 119.70
N MET G 137 10.56 -138.69 120.00
CA MET G 137 9.76 -139.49 120.92
C MET G 137 10.07 -139.07 122.35
N THR G 138 9.04 -138.57 123.06
CA THR G 138 9.21 -138.18 124.45
C THR G 138 8.51 -139.21 125.34
N TYR G 139 9.30 -139.87 126.19
CA TYR G 139 8.81 -140.90 127.08
C TYR G 139 8.38 -140.33 128.42
N ASP G 140 7.69 -141.16 129.18
CA ASP G 140 7.32 -140.82 130.52
C ASP G 140 8.17 -141.66 131.46
N ASN G 141 8.99 -141.00 132.28
CA ASN G 141 9.86 -141.69 133.22
C ASN G 141 9.34 -141.46 134.64
N ARG G 142 8.01 -141.42 134.80
CA ARG G 142 7.38 -141.32 136.11
C ARG G 142 7.52 -142.65 136.84
N ASN G 143 7.53 -142.58 138.17
CA ASN G 143 7.57 -143.76 139.02
C ASN G 143 6.25 -143.85 139.78
N TYR G 144 5.64 -145.06 139.77
CA TYR G 144 4.36 -145.33 140.42
C TYR G 144 4.50 -146.51 141.40
N GLU G 145 3.55 -146.61 142.32
CA GLU G 145 3.56 -147.69 143.30
C GLU G 145 2.16 -148.29 143.38
N MET G 146 2.09 -149.60 143.14
CA MET G 146 0.83 -150.30 143.00
C MET G 146 0.69 -151.29 144.16
N HIS G 147 -0.39 -151.15 144.91
CA HIS G 147 -0.68 -152.03 146.03
C HIS G 147 -1.76 -153.01 145.64
N VAL G 148 -1.46 -154.31 145.76
CA VAL G 148 -2.42 -155.37 145.50
C VAL G 148 -2.81 -155.98 146.83
N ILE G 149 -4.13 -156.06 147.05
CA ILE G 149 -4.68 -156.63 148.27
C ILE G 149 -5.38 -157.94 147.92
N VAL G 150 -4.69 -159.04 148.24
CA VAL G 150 -5.18 -160.37 147.91
C VAL G 150 -5.73 -161.01 149.18
N LYS G 151 -6.97 -161.50 149.07
CA LYS G 151 -7.62 -162.20 150.17
C LYS G 151 -7.87 -163.65 149.74
N ASN G 152 -8.29 -164.50 150.67
CA ASN G 152 -8.57 -165.89 150.31
C ASN G 152 -10.06 -166.04 150.08
N LYS G 153 -10.42 -166.90 149.11
CA LYS G 153 -11.80 -167.29 148.89
C LYS G 153 -12.21 -168.22 150.02
N THR G 154 -13.52 -168.21 150.35
CA THR G 154 -14.07 -169.17 151.30
C THR G 154 -13.94 -170.59 150.78
N THR G 155 -13.90 -170.74 149.44
CA THR G 155 -13.44 -171.97 148.80
C THR G 155 -11.95 -171.82 148.50
N GLY G 156 -11.35 -172.81 147.84
CA GLY G 156 -9.91 -172.82 147.65
C GLY G 156 -9.40 -171.67 146.77
N GLY G 157 -8.39 -170.97 147.29
CA GLY G 157 -7.52 -170.14 146.49
C GLY G 157 -7.61 -168.66 146.86
N THR G 158 -6.91 -167.86 146.05
CA THR G 158 -6.77 -166.43 146.28
C THR G 158 -7.63 -165.67 145.26
N TYR G 159 -8.02 -164.45 145.63
CA TYR G 159 -8.69 -163.54 144.72
C TYR G 159 -8.26 -162.11 145.02
N ILE G 160 -8.07 -161.35 143.95
CA ILE G 160 -7.61 -159.97 144.03
C ILE G 160 -8.79 -159.10 144.44
N SER G 161 -8.75 -158.67 145.70
CA SER G 161 -9.85 -157.93 146.30
C SER G 161 -9.83 -156.48 145.82
N SER G 162 -8.64 -155.87 145.91
CA SER G 162 -8.50 -154.44 145.74
C SER G 162 -7.08 -154.10 145.26
N VAL G 163 -7.00 -152.99 144.52
CA VAL G 163 -5.75 -152.45 144.01
C VAL G 163 -5.86 -150.93 143.96
N TYR G 164 -4.84 -150.23 144.44
CA TYR G 164 -4.76 -148.79 144.22
C TYR G 164 -3.34 -148.44 143.82
N PHE G 165 -3.18 -147.26 143.20
CA PHE G 165 -1.88 -146.76 142.80
C PHE G 165 -1.60 -145.43 143.48
N LYS G 166 -0.31 -145.06 143.50
CA LYS G 166 0.14 -143.77 143.97
C LYS G 166 1.36 -143.40 143.15
N GLN G 167 1.68 -142.10 143.06
CA GLN G 167 2.91 -141.75 142.36
C GLN G 167 3.99 -141.40 143.40
N VAL G 168 5.20 -141.91 143.18
CA VAL G 168 6.28 -141.74 144.16
C VAL G 168 7.10 -140.49 143.82
N SER G 169 7.14 -140.18 142.52
CA SER G 169 7.81 -138.99 142.01
C SER G 169 7.31 -137.73 142.70
N PRO G 170 6.01 -137.38 142.69
CA PRO G 170 5.52 -136.23 143.46
C PRO G 170 5.49 -136.45 144.99
N SER G 171 5.76 -135.38 145.72
CA SER G 171 5.59 -135.34 147.17
C SER G 171 4.10 -135.29 147.49
N VAL G 172 3.37 -134.52 146.70
CA VAL G 172 1.92 -134.37 146.87
C VAL G 172 1.25 -135.73 146.78
N ASN G 173 1.45 -136.42 145.64
CA ASN G 173 0.84 -137.71 145.36
C ASN G 173 -0.67 -137.60 145.54
N GLY G 174 -1.28 -138.64 146.13
CA GLY G 174 -2.72 -138.82 146.10
C GLY G 174 -3.12 -140.05 145.29
N LYS G 175 -4.25 -140.66 145.63
CA LYS G 175 -4.63 -141.91 145.00
C LYS G 175 -4.94 -141.67 143.53
N VAL G 176 -4.41 -142.56 142.68
CA VAL G 176 -4.55 -142.36 141.24
C VAL G 176 -5.97 -142.76 140.84
N LYS G 177 -6.65 -141.82 140.18
CA LYS G 177 -8.03 -141.97 139.73
C LYS G 177 -8.06 -142.88 138.51
N PRO G 178 -9.19 -143.58 138.24
CA PRO G 178 -9.27 -144.47 137.08
C PRO G 178 -9.61 -143.72 135.81
N SER G 179 -9.78 -144.46 134.71
CA SER G 179 -10.17 -143.86 133.44
C SER G 179 -11.59 -144.30 133.10
N GLU G 180 -11.71 -145.49 132.50
CA GLU G 180 -13.01 -146.08 132.27
C GLU G 180 -13.37 -146.86 133.53
N SER G 181 -14.31 -146.29 134.28
CA SER G 181 -14.68 -146.87 135.57
C SER G 181 -15.66 -148.02 135.32
N GLY G 182 -15.70 -148.97 136.26
CA GLY G 182 -16.61 -150.11 136.19
C GLY G 182 -15.92 -151.32 135.55
N THR G 183 -16.38 -152.52 135.93
CA THR G 183 -15.93 -153.79 135.36
C THR G 183 -14.40 -153.87 135.31
N THR G 184 -13.82 -153.86 134.11
CA THR G 184 -12.39 -153.92 133.88
C THR G 184 -11.78 -152.51 133.97
N TYR G 185 -11.22 -152.24 135.15
CA TYR G 185 -10.74 -150.91 135.46
C TYR G 185 -9.54 -150.58 134.59
N LYS G 186 -9.69 -149.47 133.84
CA LYS G 186 -8.61 -148.95 133.04
C LYS G 186 -8.00 -147.76 133.79
N TYR G 187 -6.69 -147.61 133.70
CA TYR G 187 -5.99 -146.52 134.37
C TYR G 187 -5.03 -145.85 133.38
N ASP G 188 -5.24 -144.56 133.08
CA ASP G 188 -4.41 -143.83 132.14
C ASP G 188 -3.10 -143.38 132.83
N LEU G 189 -2.17 -144.32 133.00
CA LEU G 189 -0.94 -144.08 133.75
C LEU G 189 0.06 -143.24 132.95
N PHE G 190 0.52 -143.75 131.81
CA PHE G 190 1.66 -143.15 131.14
C PHE G 190 1.21 -142.39 129.91
N THR G 191 1.67 -141.14 129.78
CA THR G 191 1.34 -140.34 128.61
C THR G 191 2.63 -139.94 127.90
N ASN G 192 2.68 -140.26 126.61
CA ASN G 192 3.87 -140.09 125.79
C ASN G 192 3.57 -139.08 124.69
N ILE G 193 4.60 -138.46 124.12
CA ILE G 193 4.39 -137.45 123.09
C ILE G 193 5.30 -137.76 121.90
N TYR G 194 4.72 -137.79 120.70
CA TYR G 194 5.49 -138.00 119.48
C TYR G 194 5.49 -136.71 118.67
N ARG G 195 6.60 -135.98 118.76
CA ARG G 195 6.79 -134.78 117.95
C ARG G 195 7.48 -135.20 116.66
N LYS G 196 7.07 -134.63 115.52
CA LYS G 196 7.80 -134.85 114.28
C LYS G 196 7.84 -133.55 113.48
N ASN G 197 9.04 -132.98 113.33
CA ASN G 197 9.29 -131.88 112.40
C ASN G 197 9.19 -132.47 111.01
N ALA G 198 8.00 -132.46 110.43
CA ALA G 198 7.81 -133.21 109.19
C ALA G 198 7.23 -132.42 108.02
N GLY G 199 7.44 -131.12 107.94
CA GLY G 199 6.68 -130.32 106.98
C GLY G 199 6.79 -130.76 105.52
N LYS G 200 7.92 -131.28 105.11
CA LYS G 200 8.17 -131.92 103.82
C LYS G 200 9.41 -132.80 103.97
N ILE G 201 9.91 -132.89 105.21
CA ILE G 201 11.09 -133.69 105.50
C ILE G 201 10.76 -135.13 105.16
N THR G 202 9.48 -135.48 105.31
CA THR G 202 9.04 -136.77 104.87
C THR G 202 8.67 -136.65 103.39
N ASP G 203 9.44 -137.32 102.55
CA ASP G 203 9.18 -137.27 101.11
C ASP G 203 7.87 -137.99 100.82
N PRO G 204 7.13 -137.62 99.74
CA PRO G 204 5.77 -138.13 99.53
C PRO G 204 5.68 -139.47 98.81
N ASN G 205 4.44 -139.88 98.49
CA ASN G 205 4.15 -140.96 97.57
C ASN G 205 4.99 -142.19 97.91
N GLU G 206 4.90 -142.63 99.17
CA GLU G 206 5.69 -143.75 99.65
C GLU G 206 4.98 -144.35 100.84
N PRO G 207 5.25 -145.64 101.14
CA PRO G 207 4.89 -146.24 102.43
C PRO G 207 5.76 -145.56 103.48
N ASN G 208 5.10 -144.89 104.43
CA ASN G 208 5.76 -143.89 105.27
C ASN G 208 7.13 -144.37 105.76
N PRO G 209 7.26 -145.55 106.41
CA PRO G 209 8.61 -146.04 106.75
C PRO G 209 9.49 -146.42 105.55
N SER G 215 17.00 -142.49 100.96
CA SER G 215 16.37 -141.29 100.35
C SER G 215 14.87 -141.26 100.63
N LYS G 216 14.42 -142.12 101.56
CA LYS G 216 13.06 -142.09 102.09
C LYS G 216 12.65 -140.68 102.51
N VAL G 217 13.63 -139.88 102.99
CA VAL G 217 13.41 -138.57 103.55
C VAL G 217 14.60 -137.68 103.21
N ASP G 218 14.40 -136.38 103.39
CA ASP G 218 15.48 -135.39 103.35
C ASP G 218 15.46 -134.61 104.66
N PRO G 219 16.43 -134.84 105.58
CA PRO G 219 16.38 -134.22 106.90
C PRO G 219 16.48 -132.70 106.87
N ASN G 220 16.98 -132.13 105.76
CA ASN G 220 17.20 -130.69 105.68
C ASN G 220 16.25 -130.08 104.68
N ALA G 221 15.17 -130.80 104.36
CA ALA G 221 14.15 -130.29 103.46
C ALA G 221 13.39 -129.17 104.17
N LYS G 222 13.17 -128.05 103.46
CA LYS G 222 12.36 -126.97 103.99
C LYS G 222 10.92 -127.45 104.10
N SER G 223 10.19 -126.94 105.10
CA SER G 223 8.85 -127.41 105.38
C SER G 223 7.86 -126.80 104.40
N LEU G 224 7.74 -125.46 104.37
CA LEU G 224 6.68 -124.81 103.57
C LEU G 224 7.27 -123.77 102.62
N VAL G 225 6.72 -123.67 101.41
CA VAL G 225 7.13 -122.66 100.43
C VAL G 225 5.89 -121.88 99.98
N ILE G 226 5.94 -120.56 100.09
CA ILE G 226 4.83 -119.72 99.63
C ILE G 226 5.33 -118.85 98.49
N LYS G 227 5.08 -119.26 97.24
CA LYS G 227 5.64 -118.59 96.07
C LYS G 227 4.59 -117.65 95.49
N LYS G 228 4.94 -116.37 95.29
CA LYS G 228 4.02 -115.46 94.64
C LYS G 228 4.34 -115.42 93.14
N VAL G 229 3.38 -115.86 92.34
CA VAL G 229 3.53 -115.88 90.89
C VAL G 229 2.62 -114.78 90.35
N VAL G 230 3.09 -114.09 89.30
CA VAL G 230 2.29 -113.12 88.60
C VAL G 230 2.13 -113.58 87.15
N SER G 231 0.87 -113.57 86.67
CA SER G 231 0.56 -114.02 85.32
C SER G 231 0.00 -112.88 84.50
N GLY G 232 0.36 -112.86 83.21
CA GLY G 232 -0.11 -111.86 82.26
C GLY G 232 1.02 -110.93 81.85
N ALA G 233 0.99 -110.47 80.59
CA ALA G 233 2.02 -109.64 80.01
C ALA G 233 1.92 -108.22 80.53
N THR G 234 0.69 -107.72 80.68
CA THR G 234 0.46 -106.35 81.11
C THR G 234 0.29 -106.30 82.63
N ALA G 235 0.97 -107.21 83.33
CA ALA G 235 0.87 -107.35 84.77
C ALA G 235 2.22 -107.01 85.41
N ASP G 236 2.14 -106.42 86.61
CA ASP G 236 3.31 -105.90 87.30
C ASP G 236 4.04 -107.06 87.98
N LYS G 237 5.35 -107.15 87.73
CA LYS G 237 6.16 -108.21 88.30
C LYS G 237 6.81 -107.72 89.58
N SER G 238 6.67 -106.42 89.85
CA SER G 238 7.36 -105.77 90.95
C SER G 238 6.37 -105.22 91.99
N LYS G 239 5.07 -105.45 91.75
CA LYS G 239 4.06 -105.06 92.71
C LYS G 239 4.18 -105.97 93.93
N ASP G 240 4.18 -105.36 95.12
CA ASP G 240 4.23 -106.09 96.37
C ASP G 240 2.82 -106.41 96.84
N PHE G 241 2.44 -107.69 96.71
CA PHE G 241 1.12 -108.16 97.10
C PHE G 241 1.14 -108.52 98.57
N THR G 242 0.05 -108.16 99.26
CA THR G 242 -0.04 -108.27 100.70
C THR G 242 -0.77 -109.54 101.13
N PHE G 243 -0.11 -110.31 101.99
CA PHE G 243 -0.60 -111.58 102.50
C PHE G 243 -0.71 -111.51 104.02
N LYS G 244 -1.89 -111.84 104.53
CA LYS G 244 -2.14 -111.98 105.96
C LYS G 244 -2.14 -113.45 106.31
N LEU G 245 -1.08 -113.92 106.97
CA LEU G 245 -0.94 -115.32 107.32
C LEU G 245 -1.06 -115.46 108.83
N THR G 246 -1.91 -116.39 109.26
CA THR G 246 -2.11 -116.63 110.68
C THR G 246 -1.86 -118.11 110.97
N PHE G 247 -0.61 -118.46 111.27
CA PHE G 247 -0.23 -119.85 111.49
C PHE G 247 -0.55 -120.23 112.95
N THR G 248 -1.33 -121.32 113.12
CA THR G 248 -1.63 -121.86 114.45
C THR G 248 -0.72 -123.07 114.65
N LYS G 249 -0.37 -123.37 115.91
CA LYS G 249 0.55 -124.46 116.20
C LYS G 249 -0.25 -125.73 116.43
N ALA G 250 0.36 -126.75 117.06
CA ALA G 250 -0.34 -127.99 117.32
C ALA G 250 -0.18 -128.37 118.80
N SER G 251 -0.40 -129.65 119.13
CA SER G 251 -0.40 -130.13 120.50
C SER G 251 1.02 -130.52 120.89
N THR G 252 1.66 -131.32 120.03
CA THR G 252 2.99 -131.84 120.25
C THR G 252 4.05 -130.72 120.23
N GLU G 253 3.64 -129.50 119.88
CA GLU G 253 4.53 -128.37 119.70
C GLU G 253 4.36 -127.43 120.90
N THR G 254 5.47 -127.22 121.60
CA THR G 254 5.57 -126.21 122.63
C THR G 254 5.98 -124.89 121.98
N SER G 255 6.53 -124.95 120.77
CA SER G 255 6.98 -123.80 120.01
C SER G 255 5.99 -122.65 120.10
N GLN G 256 6.46 -121.54 120.68
CA GLN G 256 5.64 -120.35 120.83
C GLN G 256 5.70 -119.50 119.57
N SER G 257 6.86 -118.93 119.26
CA SER G 257 6.97 -117.98 118.16
C SER G 257 7.62 -118.68 116.96
N ILE G 258 7.15 -118.31 115.77
CA ILE G 258 7.53 -118.98 114.54
C ILE G 258 8.38 -118.03 113.73
N THR G 259 9.65 -117.85 114.12
CA THR G 259 10.58 -117.05 113.35
C THR G 259 11.13 -117.89 112.20
N GLY G 260 10.86 -119.20 112.23
CA GLY G 260 11.22 -120.12 111.15
C GLY G 260 10.80 -119.63 109.77
N LYS G 261 9.78 -118.76 109.72
CA LYS G 261 9.43 -118.05 108.51
C LYS G 261 10.37 -116.87 108.29
N ILE G 262 11.66 -117.07 108.53
CA ILE G 262 12.69 -116.09 108.20
C ILE G 262 12.70 -115.92 106.70
N GLY G 263 12.39 -117.02 106.00
CA GLY G 263 12.50 -117.05 104.55
C GLY G 263 13.92 -116.72 104.12
N GLU G 264 14.83 -116.66 105.10
CA GLU G 264 16.21 -116.28 104.87
C GLU G 264 16.29 -115.02 104.00
N THR G 265 15.52 -114.01 104.44
CA THR G 265 15.50 -112.73 103.77
C THR G 265 16.37 -111.76 104.57
N SER G 266 16.10 -110.47 104.38
CA SER G 266 16.69 -109.40 105.15
C SER G 266 15.73 -109.03 106.27
N LYS G 267 14.43 -109.25 106.00
CA LYS G 267 13.38 -109.03 106.97
C LYS G 267 13.41 -110.11 108.05
N THR G 268 13.66 -111.37 107.65
CA THR G 268 13.73 -112.51 108.54
C THR G 268 12.79 -112.42 109.74
N PHE G 269 11.47 -112.56 109.47
CA PHE G 269 10.47 -112.20 110.48
C PHE G 269 9.81 -113.41 111.12
N VAL G 270 9.25 -113.20 112.30
CA VAL G 270 8.57 -114.19 113.11
C VAL G 270 7.06 -113.94 112.95
N TYR G 271 6.28 -115.01 112.91
CA TYR G 271 4.87 -114.87 112.63
C TYR G 271 4.06 -115.05 113.90
N GLY G 272 4.59 -115.80 114.89
CA GLY G 272 3.82 -116.05 116.10
C GLY G 272 2.49 -116.66 115.72
N GLN G 273 1.37 -115.93 115.93
CA GLN G 273 0.06 -116.48 115.63
C GLN G 273 -0.83 -115.51 114.85
N GLU G 274 -0.25 -114.39 114.39
CA GLU G 274 -0.95 -113.38 113.60
C GLU G 274 0.10 -112.52 112.90
N THR G 275 0.03 -112.41 111.57
CA THR G 275 1.11 -111.71 110.86
C THR G 275 0.63 -111.17 109.52
N THR G 276 1.53 -110.43 108.84
CA THR G 276 1.31 -109.90 107.51
C THR G 276 2.66 -109.76 106.80
N ILE G 277 2.70 -110.15 105.52
CA ILE G 277 3.92 -110.13 104.72
C ILE G 277 3.59 -109.62 103.32
N THR G 278 4.64 -109.40 102.50
CA THR G 278 4.48 -108.90 101.14
C THR G 278 5.42 -109.65 100.20
N LEU G 279 4.96 -109.88 98.96
CA LEU G 279 5.73 -110.64 97.97
C LEU G 279 5.55 -110.04 96.57
N ARG G 280 6.57 -110.26 95.73
CA ARG G 280 6.55 -109.94 94.30
C ARG G 280 6.58 -111.26 93.51
N HIS G 281 6.55 -111.15 92.18
CA HIS G 281 6.60 -112.31 91.29
C HIS G 281 7.89 -113.08 91.54
N ASP G 282 7.79 -114.42 91.50
CA ASP G 282 8.90 -115.33 91.69
C ASP G 282 9.65 -115.03 93.00
N GLN G 283 8.92 -114.51 93.99
CA GLN G 283 9.47 -114.27 95.32
C GLN G 283 8.79 -115.21 96.32
N SER G 284 9.61 -115.85 97.17
CA SER G 284 9.13 -116.91 98.04
C SER G 284 9.73 -116.77 99.44
N LEU G 285 8.94 -117.13 100.46
CA LEU G 285 9.43 -117.12 101.83
C LEU G 285 9.28 -118.51 102.42
N VAL G 286 10.40 -119.18 102.62
CA VAL G 286 10.40 -120.59 103.02
C VAL G 286 10.55 -120.76 104.53
N PHE G 287 9.88 -121.79 105.08
CA PHE G 287 10.00 -122.14 106.48
C PHE G 287 10.86 -123.40 106.55
N ASP G 288 11.96 -123.34 107.30
CA ASP G 288 12.88 -124.47 107.32
C ASP G 288 12.55 -125.36 108.50
N THR G 289 12.38 -126.67 108.25
CA THR G 289 12.27 -127.69 109.31
C THR G 289 11.32 -127.22 110.42
N ILE G 290 10.02 -127.18 110.12
CA ILE G 290 9.00 -126.70 111.04
C ILE G 290 8.05 -127.86 111.37
N PRO G 291 7.53 -127.98 112.61
CA PRO G 291 6.70 -129.13 113.00
C PRO G 291 5.44 -129.35 112.17
N ALA G 292 4.94 -130.59 112.20
CA ALA G 292 3.75 -130.96 111.47
C ALA G 292 2.53 -130.64 112.33
N GLY G 293 1.35 -130.90 111.78
CA GLY G 293 0.10 -130.64 112.48
C GLY G 293 -0.23 -129.16 112.60
N THR G 294 0.62 -128.30 112.04
CA THR G 294 0.44 -126.87 112.20
C THR G 294 -0.49 -126.36 111.09
N ARG G 295 -1.59 -125.72 111.48
CA ARG G 295 -2.54 -125.19 110.53
C ARG G 295 -2.25 -123.71 110.27
N TYR G 296 -2.74 -123.17 109.15
CA TYR G 296 -2.47 -121.79 108.76
C TYR G 296 -3.62 -121.22 107.93
N LYS G 297 -3.88 -119.91 108.10
CA LYS G 297 -4.89 -119.18 107.37
C LYS G 297 -4.20 -118.19 106.43
N LEU G 298 -4.45 -118.36 105.12
CA LEU G 298 -3.88 -117.45 104.13
C LEU G 298 -4.97 -116.48 103.67
N VAL G 299 -4.65 -115.19 103.66
CA VAL G 299 -5.57 -114.14 103.21
C VAL G 299 -4.77 -113.12 102.42
N GLU G 300 -5.00 -113.07 101.11
CA GLU G 300 -4.38 -112.05 100.27
C GLU G 300 -5.39 -110.91 100.06
N THR G 301 -4.95 -109.69 100.36
CA THR G 301 -5.74 -108.52 100.03
C THR G 301 -5.87 -108.45 98.51
N GLY G 302 -7.11 -108.57 98.02
CA GLY G 302 -7.36 -108.64 96.58
C GLY G 302 -7.16 -107.30 95.88
N SER G 303 -6.21 -107.27 94.93
CA SER G 303 -5.85 -106.06 94.22
C SER G 303 -6.84 -105.79 93.08
N GLN G 304 -7.03 -104.51 92.73
CA GLN G 304 -7.98 -104.12 91.70
C GLN G 304 -7.60 -104.76 90.37
N GLY G 305 -8.47 -105.65 89.87
CA GLY G 305 -8.37 -106.19 88.52
C GLY G 305 -7.55 -107.47 88.42
N TYR G 306 -7.07 -107.96 89.57
CA TYR G 306 -6.23 -109.14 89.61
C TYR G 306 -7.02 -110.31 90.17
N THR G 307 -7.00 -111.43 89.45
CA THR G 307 -7.62 -112.66 89.93
C THR G 307 -6.57 -113.55 90.59
N ALA G 308 -6.86 -113.99 91.82
CA ALA G 308 -5.89 -114.77 92.58
C ALA G 308 -6.31 -116.24 92.63
N SER G 309 -5.32 -117.14 92.45
CA SER G 309 -5.53 -118.58 92.52
C SER G 309 -4.33 -119.23 93.20
N ALA G 310 -4.43 -120.53 93.51
CA ALA G 310 -3.41 -121.20 94.31
C ALA G 310 -3.34 -122.69 93.97
N ALA G 311 -2.12 -123.23 94.05
CA ALA G 311 -1.86 -124.65 93.89
C ALA G 311 -0.96 -125.11 95.03
N TYR G 312 -1.59 -125.71 96.05
CA TYR G 312 -0.91 -126.00 97.30
C TYR G 312 -0.66 -127.49 97.46
N LYS G 313 -0.14 -127.86 98.62
CA LYS G 313 0.11 -129.24 99.01
C LYS G 313 -0.17 -129.41 100.50
N GLU G 314 -1.42 -129.74 100.82
CA GLU G 314 -1.81 -130.17 102.16
C GLU G 314 -1.37 -131.62 102.33
N ASN G 315 -0.29 -131.83 103.10
CA ASN G 315 0.21 -133.15 103.42
C ASN G 315 0.43 -133.99 102.17
N GLY G 316 1.23 -133.51 101.23
CA GLY G 316 1.69 -134.41 100.18
C GLY G 316 0.71 -134.56 99.02
N ALA G 317 -0.57 -134.28 99.28
CA ALA G 317 -1.61 -134.27 98.27
C ALA G 317 -1.76 -132.86 97.70
N SER G 318 -1.36 -132.72 96.44
CA SER G 318 -1.44 -131.45 95.74
C SER G 318 -2.88 -131.13 95.39
N LYS G 319 -3.38 -130.02 95.93
CA LYS G 319 -4.71 -129.51 95.61
C LYS G 319 -4.59 -128.11 95.02
N ASN G 320 -5.69 -127.59 94.47
CA ASN G 320 -5.75 -126.26 93.89
C ASN G 320 -7.06 -125.59 94.28
N GLN G 321 -7.02 -124.27 94.53
CA GLN G 321 -8.20 -123.47 94.83
C GLN G 321 -8.03 -122.11 94.16
N ALA G 322 -9.13 -121.52 93.71
CA ALA G 322 -9.11 -120.21 93.09
C ALA G 322 -10.20 -119.32 93.67
N GLY G 323 -10.10 -118.02 93.41
CA GLY G 323 -11.06 -117.06 93.93
C GLY G 323 -11.77 -116.30 92.81
N THR G 324 -11.82 -114.98 92.97
CA THR G 324 -12.50 -114.13 92.02
C THR G 324 -11.61 -112.91 91.73
N VAL G 325 -11.92 -112.21 90.63
CA VAL G 325 -11.16 -111.05 90.21
C VAL G 325 -11.42 -109.91 91.20
N SER G 326 -10.32 -109.31 91.68
CA SER G 326 -10.34 -108.15 92.56
C SER G 326 -11.02 -108.47 93.89
N THR G 327 -10.84 -109.71 94.38
CA THR G 327 -11.45 -110.12 95.62
C THR G 327 -10.38 -110.73 96.54
N ASN G 328 -10.45 -110.39 97.84
CA ASN G 328 -9.57 -110.95 98.84
C ASN G 328 -9.67 -112.48 98.80
N PHE G 329 -8.52 -113.17 98.91
CA PHE G 329 -8.46 -114.62 98.74
C PHE G 329 -8.10 -115.28 100.06
N THR G 330 -9.14 -115.82 100.71
CA THR G 330 -9.02 -116.46 102.01
C THR G 330 -9.11 -117.97 101.85
N GLN G 331 -8.25 -118.70 102.56
CA GLN G 331 -8.12 -120.15 102.35
C GLN G 331 -8.65 -120.93 103.55
N ASP G 332 -9.17 -120.24 104.57
CA ASP G 332 -9.60 -120.83 105.82
C ASP G 332 -8.39 -121.48 106.49
N SER G 333 -8.50 -122.73 106.93
CA SER G 333 -7.43 -123.37 107.69
C SER G 333 -6.94 -124.65 107.01
N ILE G 334 -5.93 -124.51 106.14
CA ILE G 334 -5.26 -125.64 105.53
C ILE G 334 -4.20 -126.11 106.51
N LEU G 335 -3.68 -127.32 106.27
CA LEU G 335 -2.80 -127.94 107.23
C LEU G 335 -1.42 -128.22 106.63
N ILE G 336 -0.37 -127.85 107.37
CA ILE G 336 0.99 -128.28 107.10
C ILE G 336 1.14 -129.65 107.73
N GLY G 337 1.36 -130.67 106.87
CA GLY G 337 1.32 -132.06 107.28
C GLY G 337 2.71 -132.71 107.24
N GLU G 338 2.74 -134.01 107.49
CA GLU G 338 3.97 -134.76 107.55
C GLU G 338 4.54 -134.96 106.16
N LYS G 339 3.71 -134.93 105.14
CA LYS G 339 4.25 -134.99 103.79
C LYS G 339 4.27 -133.57 103.22
N PRO G 340 4.95 -133.32 102.08
CA PRO G 340 5.13 -131.99 101.52
C PRO G 340 4.11 -130.89 101.79
N ASN G 341 4.59 -129.68 102.01
CA ASN G 341 3.69 -128.54 102.15
C ASN G 341 4.18 -127.37 101.31
N ASP G 342 3.29 -126.79 100.51
CA ASP G 342 3.61 -125.71 99.58
C ASP G 342 2.34 -124.89 99.32
N ASN G 343 2.47 -123.74 98.64
CA ASN G 343 1.32 -122.94 98.19
C ASN G 343 1.78 -121.91 97.16
N THR G 344 1.46 -122.12 95.88
CA THR G 344 1.96 -121.26 94.82
C THR G 344 0.88 -120.28 94.35
N ILE G 345 0.63 -119.25 95.16
CA ILE G 345 -0.38 -118.24 94.82
C ILE G 345 -0.01 -117.58 93.49
N THR G 346 -0.93 -117.56 92.52
CA THR G 346 -0.68 -116.95 91.22
C THR G 346 -1.74 -115.89 90.95
N ASN G 347 -1.32 -114.63 90.75
CA ASN G 347 -2.30 -113.59 90.41
C ASN G 347 -2.38 -113.48 88.91
N SER G 348 -3.39 -112.78 88.37
CA SER G 348 -3.56 -112.70 86.91
C SER G 348 -4.26 -111.39 86.53
N LEU G 349 -3.63 -110.60 85.64
CA LEU G 349 -4.31 -109.40 85.12
C LEU G 349 -4.45 -109.55 83.61
N PRO G 350 -5.67 -109.42 83.07
CA PRO G 350 -5.92 -109.58 81.64
C PRO G 350 -5.12 -108.60 80.79
N ASP G 351 -4.70 -109.01 79.59
CA ASP G 351 -3.86 -108.16 78.76
C ASP G 351 -4.74 -107.24 77.93
N VAL G 352 -4.44 -105.93 77.98
CA VAL G 352 -5.04 -104.95 77.07
C VAL G 352 -4.74 -105.38 75.63
N THR G 353 -5.80 -105.38 74.80
CA THR G 353 -5.74 -105.98 73.48
C THR G 353 -4.78 -105.17 72.61
#